data_1CO6
# 
_entry.id   1CO6 
# 
_audit_conform.dict_name       mmcif_pdbx.dic 
_audit_conform.dict_version    5.398 
_audit_conform.dict_location   http://mmcif.pdb.org/dictionaries/ascii/mmcif_pdbx.dic 
# 
loop_
_database_2.database_id 
_database_2.database_code 
_database_2.pdbx_database_accession 
_database_2.pdbx_DOI 
PDB   1CO6         pdb_00001co6 10.2210/pdb1co6/pdb 
RCSB  RCSB001153   ?            ?                   
WWPDB D_1000001153 ?            ?                   
# 
loop_
_pdbx_audit_revision_history.ordinal 
_pdbx_audit_revision_history.data_content_type 
_pdbx_audit_revision_history.major_revision 
_pdbx_audit_revision_history.minor_revision 
_pdbx_audit_revision_history.revision_date 
1 'Structure model' 1 0 1999-06-18 
2 'Structure model' 1 1 2008-04-26 
3 'Structure model' 1 2 2011-07-13 
4 'Structure model' 1 3 2017-10-04 
5 'Structure model' 2 0 2021-03-03 
6 'Structure model' 2 1 2023-08-09 
7 'Structure model' 2 2 2024-11-06 
# 
_pdbx_audit_revision_details.ordinal             1 
_pdbx_audit_revision_details.revision_ordinal    1 
_pdbx_audit_revision_details.data_content_type   'Structure model' 
_pdbx_audit_revision_details.provider            repository 
_pdbx_audit_revision_details.type                'Initial release' 
_pdbx_audit_revision_details.description         ? 
_pdbx_audit_revision_details.details             ? 
# 
loop_
_pdbx_audit_revision_group.ordinal 
_pdbx_audit_revision_group.revision_ordinal 
_pdbx_audit_revision_group.data_content_type 
_pdbx_audit_revision_group.group 
1  2 'Structure model' 'Version format compliance' 
2  3 'Structure model' 'Version format compliance' 
3  4 'Structure model' 'Refinement description'    
4  5 'Structure model' Advisory                    
5  5 'Structure model' 'Atomic model'              
6  5 'Structure model' 'Data collection'           
7  5 'Structure model' 'Derived calculations'      
8  5 'Structure model' 'Non-polymer description'   
9  5 'Structure model' 'Structure summary'         
10 6 'Structure model' 'Data collection'           
11 6 'Structure model' 'Database references'       
12 6 'Structure model' 'Refinement description'    
13 7 'Structure model' 'Structure summary'         
# 
loop_
_pdbx_audit_revision_category.ordinal 
_pdbx_audit_revision_category.revision_ordinal 
_pdbx_audit_revision_category.data_content_type 
_pdbx_audit_revision_category.category 
1  4 'Structure model' software                      
2  5 'Structure model' atom_site                     
3  5 'Structure model' chem_comp                     
4  5 'Structure model' entity                        
5  5 'Structure model' pdbx_distant_solvent_atoms    
6  5 'Structure model' pdbx_entity_nonpoly           
7  5 'Structure model' pdbx_nonpoly_scheme           
8  5 'Structure model' pdbx_struct_conn_angle        
9  5 'Structure model' struct_conn                   
10 5 'Structure model' struct_conn_type              
11 5 'Structure model' struct_site                   
12 6 'Structure model' chem_comp_atom                
13 6 'Structure model' chem_comp_bond                
14 6 'Structure model' database_2                    
15 6 'Structure model' pdbx_initial_refinement_model 
16 7 'Structure model' pdbx_entry_details            
17 7 'Structure model' pdbx_modification_feature     
# 
loop_
_pdbx_audit_revision_item.ordinal 
_pdbx_audit_revision_item.revision_ordinal 
_pdbx_audit_revision_item.data_content_type 
_pdbx_audit_revision_item.item 
1  5 'Structure model' '_atom_site.B_iso_or_equiv'                   
2  5 'Structure model' '_atom_site.Cartn_x'                          
3  5 'Structure model' '_atom_site.Cartn_y'                          
4  5 'Structure model' '_atom_site.Cartn_z'                          
5  5 'Structure model' '_atom_site.auth_atom_id'                     
6  5 'Structure model' '_atom_site.auth_comp_id'                     
7  5 'Structure model' '_atom_site.label_atom_id'                    
8  5 'Structure model' '_atom_site.label_comp_id'                    
9  5 'Structure model' '_atom_site.type_symbol'                      
10 5 'Structure model' '_chem_comp.formula'                          
11 5 'Structure model' '_chem_comp.formula_weight'                   
12 5 'Structure model' '_chem_comp.id'                               
13 5 'Structure model' '_chem_comp.name'                             
14 5 'Structure model' '_chem_comp.pdbx_synonyms'                    
15 5 'Structure model' '_entity.formula_weight'                      
16 5 'Structure model' '_entity.pdbx_description'                    
17 5 'Structure model' '_pdbx_entity_nonpoly.comp_id'                
18 5 'Structure model' '_pdbx_entity_nonpoly.name'                   
19 5 'Structure model' '_pdbx_nonpoly_scheme.mon_id'                 
20 5 'Structure model' '_pdbx_nonpoly_scheme.pdb_mon_id'             
21 5 'Structure model' '_pdbx_struct_conn_angle.ptnr1_auth_comp_id'  
22 5 'Structure model' '_pdbx_struct_conn_angle.ptnr1_label_comp_id' 
23 5 'Structure model' '_pdbx_struct_conn_angle.ptnr2_auth_comp_id'  
24 5 'Structure model' '_pdbx_struct_conn_angle.ptnr2_label_comp_id' 
25 5 'Structure model' '_pdbx_struct_conn_angle.ptnr3_auth_comp_id'  
26 5 'Structure model' '_pdbx_struct_conn_angle.ptnr3_label_comp_id' 
27 5 'Structure model' '_struct_conn.conn_type_id'                   
28 5 'Structure model' '_struct_conn.id'                             
29 5 'Structure model' '_struct_conn.pdbx_dist_value'                
30 5 'Structure model' '_struct_conn.pdbx_leaving_atom_flag'         
31 5 'Structure model' '_struct_conn.ptnr1_auth_comp_id'             
32 5 'Structure model' '_struct_conn.ptnr1_auth_seq_id'              
33 5 'Structure model' '_struct_conn.ptnr1_label_asym_id'            
34 5 'Structure model' '_struct_conn.ptnr1_label_atom_id'            
35 5 'Structure model' '_struct_conn.ptnr1_label_comp_id'            
36 5 'Structure model' '_struct_conn.ptnr1_label_seq_id'             
37 5 'Structure model' '_struct_conn.ptnr2_auth_comp_id'             
38 5 'Structure model' '_struct_conn.ptnr2_auth_seq_id'              
39 5 'Structure model' '_struct_conn.ptnr2_label_asym_id'            
40 5 'Structure model' '_struct_conn.ptnr2_label_atom_id'            
41 5 'Structure model' '_struct_conn.ptnr2_label_comp_id'            
42 5 'Structure model' '_struct_conn.ptnr2_label_seq_id'             
43 5 'Structure model' '_struct_conn_type.id'                        
44 5 'Structure model' '_struct_site.details'                        
45 5 'Structure model' '_struct_site.pdbx_auth_asym_id'              
46 5 'Structure model' '_struct_site.pdbx_auth_comp_id'              
47 5 'Structure model' '_struct_site.pdbx_auth_seq_id'               
48 6 'Structure model' '_database_2.pdbx_DOI'                        
49 6 'Structure model' '_database_2.pdbx_database_accession'         
# 
_pdbx_database_status.status_code                     REL 
_pdbx_database_status.entry_id                        1CO6 
_pdbx_database_status.recvd_initial_deposition_date   1999-06-05 
_pdbx_database_status.deposit_site                    BNL 
_pdbx_database_status.process_site                    RCSB 
_pdbx_database_status.status_code_sf                  REL 
_pdbx_database_status.SG_entry                        . 
_pdbx_database_status.pdb_format_compatible           Y 
_pdbx_database_status.status_code_mr                  ? 
_pdbx_database_status.status_code_cs                  ? 
_pdbx_database_status.methods_development_category    ? 
_pdbx_database_status.status_code_nmr_data            ? 
# 
loop_
_audit_author.name 
_audit_author.pdbx_ordinal 
'Miki, K.'   1 
'Sogabe, S.' 2 
# 
loop_
_citation.id 
_citation.title 
_citation.journal_abbrev 
_citation.journal_volume 
_citation.page_first 
_citation.page_last 
_citation.year 
_citation.journal_id_ASTM 
_citation.country 
_citation.journal_id_ISSN 
_citation.journal_id_CSD 
_citation.book_publisher 
_citation.pdbx_database_id_PubMed 
_citation.pdbx_database_id_DOI 
primary 'Refined crystal structure of ferrocytochrome c2 from Rhodopseudomonas viridis at 1.6 A resolution.' J.Mol.Biol. 252 235 
246 1995 JMOBAK UK 0022-2836 0070 ? 7674304 10.1006/jmbi.1995.0491         
1       
;Application of Automatic Molecular-Replacement Procedure to Crystal Structure Analysis of Cytochrrome c2 from Rhodopseudomonas Viridis
;
'Acta Crystallogr.,Sect.D' 50  271 ?   1994 ABCRE6 DK 0907-4449 0766 ? ?       10.1107/S0907444993013952      
2       
;Structure Similarity of Cytochrrome c2 from Rhodopseudomonas Viridis to Mitochondrial Cytochrome C Revealed by its Crystal Structure at 2.7 A Resokution
;
'FEBS Lett.'               345 5   ?   1994 FEBLAL NE 0014-5793 0165 ? ?       '10.1016/0014-5793(94)00389-0' 
# 
loop_
_citation_author.citation_id 
_citation_author.name 
_citation_author.ordinal 
_citation_author.identifier_ORCID 
primary 'Sogabe, S.'   1  ? 
primary 'Miki, K.'     2  ? 
1       'Miki, K.'     3  ? 
1       'Sogabe, S.'   4  ? 
1       'Uno, A.'      5  ? 
1       'Ezoe, T.'     6  ? 
1       'Kasai, N.'    7  ? 
1       'Saeda, M.'    8  ? 
1       'Matsuura, Y.' 9  ? 
1       'Miki, M.'     10 ? 
2       'Sogabe, S.'   11 ? 
2       'Ezoe, T.'     12 ? 
2       'Kasai, N.'    13 ? 
2       'Saeda, M.'    14 ? 
2       'Uno, A.'      15 ? 
2       'Miki, M.'     16 ? 
2       'Miki, K.'     17 ? 
# 
loop_
_entity.id 
_entity.type 
_entity.src_method 
_entity.pdbx_description 
_entity.formula_weight 
_entity.pdbx_number_of_molecules 
_entity.pdbx_ec 
_entity.pdbx_mutation 
_entity.pdbx_fragment 
_entity.details 
1 polymer     nat 'PROTEIN (CYTOCHROME C2)' 11667.220 1   ? ? ? ? 
2 non-polymer syn 'HEME C'                  618.503   1   ? ? ? ? 
3 water       nat water                     18.015    145 ? ? ? ? 
# 
_entity_poly.entity_id                      1 
_entity_poly.type                           'polypeptide(L)' 
_entity_poly.nstd_linkage                   no 
_entity_poly.nstd_monomer                   no 
_entity_poly.pdbx_seq_one_letter_code       
;QDAASGEQVFKQCLVCHSIGPGAKNKVGPVLNGLFGRHSGTIEGFAYSDANKNSGITWTEEVFREYIRDPKAKIPGTKMI
FAGVKDEQKVSDLIAYIKQFNADGSKK
;
_entity_poly.pdbx_seq_one_letter_code_can   
;QDAASGEQVFKQCLVCHSIGPGAKNKVGPVLNGLFGRHSGTIEGFAYSDANKNSGITWTEEVFREYIRDPKAKIPGTKMI
FAGVKDEQKVSDLIAYIKQFNADGSKK
;
_entity_poly.pdbx_strand_id                 A 
_entity_poly.pdbx_target_identifier         ? 
# 
loop_
_pdbx_entity_nonpoly.entity_id 
_pdbx_entity_nonpoly.name 
_pdbx_entity_nonpoly.comp_id 
2 'HEME C' HEC 
3 water    HOH 
# 
loop_
_entity_poly_seq.entity_id 
_entity_poly_seq.num 
_entity_poly_seq.mon_id 
_entity_poly_seq.hetero 
1 1   GLN n 
1 2   ASP n 
1 3   ALA n 
1 4   ALA n 
1 5   SER n 
1 6   GLY n 
1 7   GLU n 
1 8   GLN n 
1 9   VAL n 
1 10  PHE n 
1 11  LYS n 
1 12  GLN n 
1 13  CYS n 
1 14  LEU n 
1 15  VAL n 
1 16  CYS n 
1 17  HIS n 
1 18  SER n 
1 19  ILE n 
1 20  GLY n 
1 21  PRO n 
1 22  GLY n 
1 23  ALA n 
1 24  LYS n 
1 25  ASN n 
1 26  LYS n 
1 27  VAL n 
1 28  GLY n 
1 29  PRO n 
1 30  VAL n 
1 31  LEU n 
1 32  ASN n 
1 33  GLY n 
1 34  LEU n 
1 35  PHE n 
1 36  GLY n 
1 37  ARG n 
1 38  HIS n 
1 39  SER n 
1 40  GLY n 
1 41  THR n 
1 42  ILE n 
1 43  GLU n 
1 44  GLY n 
1 45  PHE n 
1 46  ALA n 
1 47  TYR n 
1 48  SER n 
1 49  ASP n 
1 50  ALA n 
1 51  ASN n 
1 52  LYS n 
1 53  ASN n 
1 54  SER n 
1 55  GLY n 
1 56  ILE n 
1 57  THR n 
1 58  TRP n 
1 59  THR n 
1 60  GLU n 
1 61  GLU n 
1 62  VAL n 
1 63  PHE n 
1 64  ARG n 
1 65  GLU n 
1 66  TYR n 
1 67  ILE n 
1 68  ARG n 
1 69  ASP n 
1 70  PRO n 
1 71  LYS n 
1 72  ALA n 
1 73  LYS n 
1 74  ILE n 
1 75  PRO n 
1 76  GLY n 
1 77  THR n 
1 78  LYS n 
1 79  MET n 
1 80  ILE n 
1 81  PHE n 
1 82  ALA n 
1 83  GLY n 
1 84  VAL n 
1 85  LYS n 
1 86  ASP n 
1 87  GLU n 
1 88  GLN n 
1 89  LYS n 
1 90  VAL n 
1 91  SER n 
1 92  ASP n 
1 93  LEU n 
1 94  ILE n 
1 95  ALA n 
1 96  TYR n 
1 97  ILE n 
1 98  LYS n 
1 99  GLN n 
1 100 PHE n 
1 101 ASN n 
1 102 ALA n 
1 103 ASP n 
1 104 GLY n 
1 105 SER n 
1 106 LYS n 
1 107 LYS n 
# 
_entity_src_nat.entity_id                  1 
_entity_src_nat.pdbx_src_id                1 
_entity_src_nat.pdbx_alt_source_flag       sample 
_entity_src_nat.pdbx_beg_seq_num           ? 
_entity_src_nat.pdbx_end_seq_num           ? 
_entity_src_nat.common_name                ? 
_entity_src_nat.pdbx_organism_scientific   'Blastochloris viridis' 
_entity_src_nat.pdbx_ncbi_taxonomy_id      1079 
_entity_src_nat.genus                      Blastochloris 
_entity_src_nat.species                    ? 
_entity_src_nat.strain                     ? 
_entity_src_nat.tissue                     ? 
_entity_src_nat.tissue_fraction            ? 
_entity_src_nat.pdbx_secretion             ? 
_entity_src_nat.pdbx_fragment              ? 
_entity_src_nat.pdbx_variant               ? 
_entity_src_nat.pdbx_cell_line             ? 
_entity_src_nat.pdbx_atcc                  ? 
_entity_src_nat.pdbx_cellular_location     ? 
_entity_src_nat.pdbx_organ                 ? 
_entity_src_nat.pdbx_organelle             ? 
_entity_src_nat.pdbx_cell                  ? 
_entity_src_nat.pdbx_plasmid_name          ? 
_entity_src_nat.pdbx_plasmid_details       ? 
_entity_src_nat.details                    ? 
# 
loop_
_chem_comp.id 
_chem_comp.type 
_chem_comp.mon_nstd_flag 
_chem_comp.name 
_chem_comp.pdbx_synonyms 
_chem_comp.formula 
_chem_comp.formula_weight 
ALA 'L-peptide linking' y ALANINE         ? 'C3 H7 N O2'       89.093  
ARG 'L-peptide linking' y ARGININE        ? 'C6 H15 N4 O2 1'   175.209 
ASN 'L-peptide linking' y ASPARAGINE      ? 'C4 H8 N2 O3'      132.118 
ASP 'L-peptide linking' y 'ASPARTIC ACID' ? 'C4 H7 N O4'       133.103 
CYS 'L-peptide linking' y CYSTEINE        ? 'C3 H7 N O2 S'     121.158 
GLN 'L-peptide linking' y GLUTAMINE       ? 'C5 H10 N2 O3'     146.144 
GLU 'L-peptide linking' y 'GLUTAMIC ACID' ? 'C5 H9 N O4'       147.129 
GLY 'peptide linking'   y GLYCINE         ? 'C2 H5 N O2'       75.067  
HEC non-polymer         . 'HEME C'        ? 'C34 H34 Fe N4 O4' 618.503 
HIS 'L-peptide linking' y HISTIDINE       ? 'C6 H10 N3 O2 1'   156.162 
HOH non-polymer         . WATER           ? 'H2 O'             18.015  
ILE 'L-peptide linking' y ISOLEUCINE      ? 'C6 H13 N O2'      131.173 
LEU 'L-peptide linking' y LEUCINE         ? 'C6 H13 N O2'      131.173 
LYS 'L-peptide linking' y LYSINE          ? 'C6 H15 N2 O2 1'   147.195 
MET 'L-peptide linking' y METHIONINE      ? 'C5 H11 N O2 S'    149.211 
PHE 'L-peptide linking' y PHENYLALANINE   ? 'C9 H11 N O2'      165.189 
PRO 'L-peptide linking' y PROLINE         ? 'C5 H9 N O2'       115.130 
SER 'L-peptide linking' y SERINE          ? 'C3 H7 N O3'       105.093 
THR 'L-peptide linking' y THREONINE       ? 'C4 H9 N O3'       119.119 
TRP 'L-peptide linking' y TRYPTOPHAN      ? 'C11 H12 N2 O2'    204.225 
TYR 'L-peptide linking' y TYROSINE        ? 'C9 H11 N O3'      181.189 
VAL 'L-peptide linking' y VALINE          ? 'C5 H11 N O2'      117.146 
# 
loop_
_pdbx_poly_seq_scheme.asym_id 
_pdbx_poly_seq_scheme.entity_id 
_pdbx_poly_seq_scheme.seq_id 
_pdbx_poly_seq_scheme.mon_id 
_pdbx_poly_seq_scheme.ndb_seq_num 
_pdbx_poly_seq_scheme.pdb_seq_num 
_pdbx_poly_seq_scheme.auth_seq_num 
_pdbx_poly_seq_scheme.pdb_mon_id 
_pdbx_poly_seq_scheme.auth_mon_id 
_pdbx_poly_seq_scheme.pdb_strand_id 
_pdbx_poly_seq_scheme.pdb_ins_code 
_pdbx_poly_seq_scheme.hetero 
A 1 1   GLN 1   1   1   GLN GLN A . n 
A 1 2   ASP 2   2   2   ASP ASP A . n 
A 1 3   ALA 3   3   3   ALA ALA A . n 
A 1 4   ALA 4   4   4   ALA ALA A . n 
A 1 5   SER 5   5   5   SER SER A . n 
A 1 6   GLY 6   6   6   GLY GLY A . n 
A 1 7   GLU 7   7   7   GLU GLU A . n 
A 1 8   GLN 8   8   8   GLN GLN A . n 
A 1 9   VAL 9   9   9   VAL VAL A . n 
A 1 10  PHE 10  10  10  PHE PHE A . n 
A 1 11  LYS 11  11  11  LYS LYS A . n 
A 1 12  GLN 12  12  12  GLN GLN A . n 
A 1 13  CYS 13  13  13  CYS CYS A . n 
A 1 14  LEU 14  14  14  LEU LEU A . n 
A 1 15  VAL 15  15  15  VAL VAL A . n 
A 1 16  CYS 16  16  16  CYS CYS A . n 
A 1 17  HIS 17  17  17  HIS HIS A . n 
A 1 18  SER 18  18  18  SER SER A . n 
A 1 19  ILE 19  19  19  ILE ILE A . n 
A 1 20  GLY 20  20  20  GLY GLY A . n 
A 1 21  PRO 21  21  21  PRO PRO A . n 
A 1 22  GLY 22  22  22  GLY GLY A . n 
A 1 23  ALA 23  23  23  ALA ALA A . n 
A 1 24  LYS 24  24  24  LYS LYS A . n 
A 1 25  ASN 25  25  25  ASN ASN A . n 
A 1 26  LYS 26  26  26  LYS LYS A . n 
A 1 27  VAL 27  27  27  VAL VAL A . n 
A 1 28  GLY 28  28  28  GLY GLY A . n 
A 1 29  PRO 29  29  29  PRO PRO A . n 
A 1 30  VAL 30  30  30  VAL VAL A . n 
A 1 31  LEU 31  31  31  LEU LEU A . n 
A 1 32  ASN 32  32  32  ASN ASN A . n 
A 1 33  GLY 33  33  33  GLY GLY A . n 
A 1 34  LEU 34  34  34  LEU LEU A . n 
A 1 35  PHE 35  35  35  PHE PHE A . n 
A 1 36  GLY 36  36  36  GLY GLY A . n 
A 1 37  ARG 37  37  37  ARG ARG A . n 
A 1 38  HIS 38  38  38  HIS HIS A . n 
A 1 39  SER 39  39  39  SER SER A . n 
A 1 40  GLY 40  40  40  GLY GLY A . n 
A 1 41  THR 41  41  41  THR THR A . n 
A 1 42  ILE 42  42  42  ILE ILE A . n 
A 1 43  GLU 43  43  43  GLU GLU A . n 
A 1 44  GLY 44  44  44  GLY GLY A . n 
A 1 45  PHE 45  45  45  PHE PHE A . n 
A 1 46  ALA 46  46  46  ALA ALA A . n 
A 1 47  TYR 47  47  47  TYR TYR A . n 
A 1 48  SER 48  48  48  SER SER A . n 
A 1 49  ASP 49  49  49  ASP ASP A . n 
A 1 50  ALA 50  50  50  ALA ALA A . n 
A 1 51  ASN 51  51  51  ASN ASN A . n 
A 1 52  LYS 52  52  52  LYS LYS A . n 
A 1 53  ASN 53  53  53  ASN ASN A . n 
A 1 54  SER 54  54  54  SER SER A . n 
A 1 55  GLY 55  55  55  GLY GLY A . n 
A 1 56  ILE 56  56  56  ILE ILE A . n 
A 1 57  THR 57  57  57  THR THR A . n 
A 1 58  TRP 58  58  58  TRP TRP A . n 
A 1 59  THR 59  59  59  THR THR A . n 
A 1 60  GLU 60  60  60  GLU GLU A . n 
A 1 61  GLU 61  61  61  GLU GLU A . n 
A 1 62  VAL 62  62  62  VAL VAL A . n 
A 1 63  PHE 63  63  63  PHE PHE A . n 
A 1 64  ARG 64  64  64  ARG ARG A . n 
A 1 65  GLU 65  65  65  GLU GLU A . n 
A 1 66  TYR 66  66  66  TYR TYR A . n 
A 1 67  ILE 67  67  67  ILE ILE A . n 
A 1 68  ARG 68  68  68  ARG ARG A . n 
A 1 69  ASP 69  69  69  ASP ASP A . n 
A 1 70  PRO 70  70  70  PRO PRO A . n 
A 1 71  LYS 71  71  71  LYS LYS A . n 
A 1 72  ALA 72  72  72  ALA ALA A . n 
A 1 73  LYS 73  73  73  LYS LYS A . n 
A 1 74  ILE 74  74  74  ILE ILE A . n 
A 1 75  PRO 75  75  75  PRO PRO A . n 
A 1 76  GLY 76  76  76  GLY GLY A . n 
A 1 77  THR 77  77  77  THR THR A . n 
A 1 78  LYS 78  78  78  LYS LYS A . n 
A 1 79  MET 79  79  79  MET MET A . n 
A 1 80  ILE 80  80  80  ILE ILE A . n 
A 1 81  PHE 81  81  81  PHE PHE A . n 
A 1 82  ALA 82  82  82  ALA ALA A . n 
A 1 83  GLY 83  83  83  GLY GLY A . n 
A 1 84  VAL 84  84  84  VAL VAL A . n 
A 1 85  LYS 85  85  85  LYS LYS A . n 
A 1 86  ASP 86  86  86  ASP ASP A . n 
A 1 87  GLU 87  87  87  GLU GLU A . n 
A 1 88  GLN 88  88  88  GLN GLN A . n 
A 1 89  LYS 89  89  89  LYS LYS A . n 
A 1 90  VAL 90  90  90  VAL VAL A . n 
A 1 91  SER 91  91  91  SER SER A . n 
A 1 92  ASP 92  92  92  ASP ASP A . n 
A 1 93  LEU 93  93  93  LEU LEU A . n 
A 1 94  ILE 94  94  94  ILE ILE A . n 
A 1 95  ALA 95  95  95  ALA ALA A . n 
A 1 96  TYR 96  96  96  TYR TYR A . n 
A 1 97  ILE 97  97  97  ILE ILE A . n 
A 1 98  LYS 98  98  98  LYS LYS A . n 
A 1 99  GLN 99  99  99  GLN GLN A . n 
A 1 100 PHE 100 100 100 PHE PHE A . n 
A 1 101 ASN 101 101 101 ASN ASN A . n 
A 1 102 ALA 102 102 102 ALA ALA A . n 
A 1 103 ASP 103 103 103 ASP ASP A . n 
A 1 104 GLY 104 104 104 GLY GLY A . n 
A 1 105 SER 105 105 105 SER SER A . n 
A 1 106 LYS 106 106 106 LYS LYS A . n 
A 1 107 LYS 107 107 107 LYS LYS A . n 
# 
loop_
_pdbx_nonpoly_scheme.asym_id 
_pdbx_nonpoly_scheme.entity_id 
_pdbx_nonpoly_scheme.mon_id 
_pdbx_nonpoly_scheme.ndb_seq_num 
_pdbx_nonpoly_scheme.pdb_seq_num 
_pdbx_nonpoly_scheme.auth_seq_num 
_pdbx_nonpoly_scheme.pdb_mon_id 
_pdbx_nonpoly_scheme.auth_mon_id 
_pdbx_nonpoly_scheme.pdb_strand_id 
_pdbx_nonpoly_scheme.pdb_ins_code 
B 2 HEC 1   108 108 HEC HEM A . 
C 3 HOH 1   109 109 HOH HOH A . 
C 3 HOH 2   110 110 HOH HOH A . 
C 3 HOH 3   111 111 HOH HOH A . 
C 3 HOH 4   112 112 HOH HOH A . 
C 3 HOH 5   113 113 HOH HOH A . 
C 3 HOH 6   114 114 HOH HOH A . 
C 3 HOH 7   115 115 HOH HOH A . 
C 3 HOH 8   116 116 HOH HOH A . 
C 3 HOH 9   117 117 HOH HOH A . 
C 3 HOH 10  118 118 HOH HOH A . 
C 3 HOH 11  119 119 HOH HOH A . 
C 3 HOH 12  120 120 HOH HOH A . 
C 3 HOH 13  121 121 HOH HOH A . 
C 3 HOH 14  122 122 HOH HOH A . 
C 3 HOH 15  123 123 HOH HOH A . 
C 3 HOH 16  124 124 HOH HOH A . 
C 3 HOH 17  125 125 HOH HOH A . 
C 3 HOH 18  126 126 HOH HOH A . 
C 3 HOH 19  127 127 HOH HOH A . 
C 3 HOH 20  128 128 HOH HOH A . 
C 3 HOH 21  129 129 HOH HOH A . 
C 3 HOH 22  130 130 HOH HOH A . 
C 3 HOH 23  131 131 HOH HOH A . 
C 3 HOH 24  132 132 HOH HOH A . 
C 3 HOH 25  133 133 HOH HOH A . 
C 3 HOH 26  134 134 HOH HOH A . 
C 3 HOH 27  135 135 HOH HOH A . 
C 3 HOH 28  136 136 HOH HOH A . 
C 3 HOH 29  137 137 HOH HOH A . 
C 3 HOH 30  138 138 HOH HOH A . 
C 3 HOH 31  139 139 HOH HOH A . 
C 3 HOH 32  140 140 HOH HOH A . 
C 3 HOH 33  141 141 HOH HOH A . 
C 3 HOH 34  142 142 HOH HOH A . 
C 3 HOH 35  143 143 HOH HOH A . 
C 3 HOH 36  144 144 HOH HOH A . 
C 3 HOH 37  145 145 HOH HOH A . 
C 3 HOH 38  146 146 HOH HOH A . 
C 3 HOH 39  147 147 HOH HOH A . 
C 3 HOH 40  148 148 HOH HOH A . 
C 3 HOH 41  149 149 HOH HOH A . 
C 3 HOH 42  150 150 HOH HOH A . 
C 3 HOH 43  151 151 HOH HOH A . 
C 3 HOH 44  152 152 HOH HOH A . 
C 3 HOH 45  153 153 HOH HOH A . 
C 3 HOH 46  154 154 HOH HOH A . 
C 3 HOH 47  155 155 HOH HOH A . 
C 3 HOH 48  156 156 HOH HOH A . 
C 3 HOH 49  157 157 HOH HOH A . 
C 3 HOH 50  158 158 HOH HOH A . 
C 3 HOH 51  159 159 HOH HOH A . 
C 3 HOH 52  160 160 HOH HOH A . 
C 3 HOH 53  161 161 HOH HOH A . 
C 3 HOH 54  162 162 HOH HOH A . 
C 3 HOH 55  163 163 HOH HOH A . 
C 3 HOH 56  164 164 HOH HOH A . 
C 3 HOH 57  165 165 HOH HOH A . 
C 3 HOH 58  166 166 HOH HOH A . 
C 3 HOH 59  167 167 HOH HOH A . 
C 3 HOH 60  168 168 HOH HOH A . 
C 3 HOH 61  169 169 HOH HOH A . 
C 3 HOH 62  170 170 HOH HOH A . 
C 3 HOH 63  171 171 HOH HOH A . 
C 3 HOH 64  172 172 HOH HOH A . 
C 3 HOH 65  173 173 HOH HOH A . 
C 3 HOH 66  174 174 HOH HOH A . 
C 3 HOH 67  175 175 HOH HOH A . 
C 3 HOH 68  176 176 HOH HOH A . 
C 3 HOH 69  177 177 HOH HOH A . 
C 3 HOH 70  178 178 HOH HOH A . 
C 3 HOH 71  179 179 HOH HOH A . 
C 3 HOH 72  180 180 HOH HOH A . 
C 3 HOH 73  182 182 HOH HOH A . 
C 3 HOH 74  183 183 HOH HOH A . 
C 3 HOH 75  184 184 HOH HOH A . 
C 3 HOH 76  185 185 HOH HOH A . 
C 3 HOH 77  186 186 HOH HOH A . 
C 3 HOH 78  187 187 HOH HOH A . 
C 3 HOH 79  188 188 HOH HOH A . 
C 3 HOH 80  189 189 HOH HOH A . 
C 3 HOH 81  190 190 HOH HOH A . 
C 3 HOH 82  191 191 HOH HOH A . 
C 3 HOH 83  192 192 HOH HOH A . 
C 3 HOH 84  193 193 HOH HOH A . 
C 3 HOH 85  194 194 HOH HOH A . 
C 3 HOH 86  195 195 HOH HOH A . 
C 3 HOH 87  196 196 HOH HOH A . 
C 3 HOH 88  197 197 HOH HOH A . 
C 3 HOH 89  198 198 HOH HOH A . 
C 3 HOH 90  199 199 HOH HOH A . 
C 3 HOH 91  200 200 HOH HOH A . 
C 3 HOH 92  201 201 HOH HOH A . 
C 3 HOH 93  202 202 HOH HOH A . 
C 3 HOH 94  203 203 HOH HOH A . 
C 3 HOH 95  204 204 HOH HOH A . 
C 3 HOH 96  205 205 HOH HOH A . 
C 3 HOH 97  206 206 HOH HOH A . 
C 3 HOH 98  207 207 HOH HOH A . 
C 3 HOH 99  208 208 HOH HOH A . 
C 3 HOH 100 209 209 HOH HOH A . 
C 3 HOH 101 210 210 HOH HOH A . 
C 3 HOH 102 211 211 HOH HOH A . 
C 3 HOH 103 212 212 HOH HOH A . 
C 3 HOH 104 213 213 HOH HOH A . 
C 3 HOH 105 214 214 HOH HOH A . 
C 3 HOH 106 215 215 HOH HOH A . 
C 3 HOH 107 216 216 HOH HOH A . 
C 3 HOH 108 217 217 HOH HOH A . 
C 3 HOH 109 218 218 HOH HOH A . 
C 3 HOH 110 219 219 HOH HOH A . 
C 3 HOH 111 220 220 HOH HOH A . 
C 3 HOH 112 221 221 HOH HOH A . 
C 3 HOH 113 222 222 HOH HOH A . 
C 3 HOH 114 223 223 HOH HOH A . 
C 3 HOH 115 224 224 HOH HOH A . 
C 3 HOH 116 225 225 HOH HOH A . 
C 3 HOH 117 226 226 HOH HOH A . 
C 3 HOH 118 227 227 HOH HOH A . 
C 3 HOH 119 228 228 HOH HOH A . 
C 3 HOH 120 229 229 HOH HOH A . 
C 3 HOH 121 230 230 HOH HOH A . 
C 3 HOH 122 231 231 HOH HOH A . 
C 3 HOH 123 232 232 HOH HOH A . 
C 3 HOH 124 233 233 HOH HOH A . 
C 3 HOH 125 234 234 HOH HOH A . 
C 3 HOH 126 235 235 HOH HOH A . 
C 3 HOH 127 236 236 HOH HOH A . 
C 3 HOH 128 237 237 HOH HOH A . 
C 3 HOH 129 238 238 HOH HOH A . 
C 3 HOH 130 239 239 HOH HOH A . 
C 3 HOH 131 240 240 HOH HOH A . 
C 3 HOH 132 241 241 HOH HOH A . 
C 3 HOH 133 242 242 HOH HOH A . 
C 3 HOH 134 243 243 HOH HOH A . 
C 3 HOH 135 244 244 HOH HOH A . 
C 3 HOH 136 245 245 HOH HOH A . 
C 3 HOH 137 246 246 HOH HOH A . 
C 3 HOH 138 247 247 HOH HOH A . 
C 3 HOH 139 248 248 HOH HOH A . 
C 3 HOH 140 249 249 HOH HOH A . 
C 3 HOH 141 250 250 HOH HOH A . 
C 3 HOH 142 251 251 HOH HOH A . 
C 3 HOH 143 252 252 HOH HOH A . 
C 3 HOH 144 253 253 HOH HOH A . 
C 3 HOH 145 254 254 HOH HOH A . 
# 
loop_
_software.name 
_software.classification 
_software.version 
_software.citation_id 
_software.pdbx_ordinal 
PHASER  phasing          . ? 1 
PROLSQ  refinement       . ? 2 
WEIS    'data reduction' . ? 3 
PROTEIN 'data scaling'   . ? 4 
# 
_cell.entry_id           1CO6 
_cell.length_a           76.130 
_cell.length_b           76.130 
_cell.length_c           40.400 
_cell.angle_alpha        90.00 
_cell.angle_beta         90.00 
_cell.angle_gamma        120.00 
_cell.Z_PDB              6 
_cell.pdbx_unique_axis   ? 
# 
_symmetry.entry_id                         1CO6 
_symmetry.space_group_name_H-M             'P 32 2 1' 
_symmetry.pdbx_full_space_group_name_H-M   ? 
_symmetry.cell_setting                     trigonal 
_symmetry.Int_Tables_number                154 
# 
_exptl.entry_id          1CO6 
_exptl.method            'X-RAY DIFFRACTION' 
_exptl.crystals_number   1 
# 
_exptl_crystal.id                    1 
_exptl_crystal.density_meas          ? 
_exptl_crystal.density_Matthews      2.37 
_exptl_crystal.density_percent_sol   57.52 
_exptl_crystal.description           ? 
# 
_exptl_crystal_grow.crystal_id      1 
_exptl_crystal_grow.method          'VAPOR DIFFUSION, HANGING DROP' 
_exptl_crystal_grow.temp            ? 
_exptl_crystal_grow.temp_details    ? 
_exptl_crystal_grow.pH              8.5 
_exptl_crystal_grow.pdbx_details    
'CRYSTALS WERE GROWN FROM AN AMMONIUM SULFATE SOLUTION AT PH 8.5, VAPOR DIFFUSION, HANGING DROP' 
_exptl_crystal_grow.pdbx_pH_range   . 
# 
_diffrn.id                     1 
_diffrn.ambient_temp           291 
_diffrn.ambient_temp_details   ? 
_diffrn.crystal_id             1 
# 
_diffrn_detector.diffrn_id              1 
_diffrn_detector.detector               DIFFRACTOMETER 
_diffrn_detector.type                   WEISSENBERG 
_diffrn_detector.pdbx_collection_date   1994-07-15 
_diffrn_detector.details                ? 
# 
_diffrn_radiation.diffrn_id                        1 
_diffrn_radiation.wavelength_id                    1 
_diffrn_radiation.pdbx_monochromatic_or_laue_m_l   M 
_diffrn_radiation.monochromator                    'SI(111)' 
_diffrn_radiation.pdbx_diffrn_protocol             'SINGLE WAVELENGTH' 
_diffrn_radiation.pdbx_scattering_type             x-ray 
# 
_diffrn_radiation_wavelength.id           1 
_diffrn_radiation_wavelength.wavelength   1.00 
_diffrn_radiation_wavelength.wt           1.0 
# 
_diffrn_source.diffrn_id                   1 
_diffrn_source.source                      SYNCHROTRON 
_diffrn_source.type                        'PHOTON FACTORY BEAMLINE BL-6A' 
_diffrn_source.pdbx_synchrotron_site       'Photon Factory' 
_diffrn_source.pdbx_synchrotron_beamline   BL-6A 
_diffrn_source.pdbx_wavelength             1.00 
_diffrn_source.pdbx_wavelength_list        ? 
# 
_reflns.entry_id                     1CO6 
_reflns.observed_criterion_sigma_I   1 
_reflns.observed_criterion_sigma_F   ? 
_reflns.d_resolution_low             20.0 
_reflns.d_resolution_high            1.6 
_reflns.number_obs                   16166 
_reflns.number_all                   ? 
_reflns.percent_possible_obs         89.1 
_reflns.pdbx_Rmerge_I_obs            0.0720000 
_reflns.pdbx_Rsym_value              ? 
_reflns.pdbx_netI_over_sigmaI        ? 
_reflns.B_iso_Wilson_estimate        ? 
_reflns.pdbx_redundancy              1. 
_reflns.R_free_details               ? 
_reflns.limit_h_max                  ? 
_reflns.limit_h_min                  ? 
_reflns.limit_k_max                  ? 
_reflns.limit_k_min                  ? 
_reflns.limit_l_max                  ? 
_reflns.limit_l_min                  ? 
_reflns.observed_criterion_F_max     ? 
_reflns.observed_criterion_F_min     ? 
_reflns.pdbx_diffrn_id               1 
_reflns.pdbx_ordinal                 1 
# 
_refine.entry_id                                 1CO6 
_refine.ls_number_reflns_obs                     15014 
_refine.ls_number_reflns_all                     ? 
_refine.pdbx_ls_sigma_I                          ? 
_refine.pdbx_ls_sigma_F                          1.0 
_refine.pdbx_data_cutoff_high_absF               ? 
_refine.pdbx_data_cutoff_low_absF                ? 
_refine.pdbx_data_cutoff_high_rms_absF           ? 
_refine.ls_d_res_low                             6.0 
_refine.ls_d_res_high                            1.6 
_refine.ls_percent_reflns_obs                    85.2 
_refine.ls_R_factor_obs                          ? 
_refine.ls_R_factor_all                          ? 
_refine.ls_R_factor_R_work                       0.1820000 
_refine.ls_R_factor_R_free                       ? 
_refine.ls_R_factor_R_free_error                 ? 
_refine.ls_R_factor_R_free_error_details         ? 
_refine.ls_percent_reflns_R_free                 ? 
_refine.ls_number_reflns_R_free                  ? 
_refine.ls_number_parameters                     ? 
_refine.ls_number_restraints                     ? 
_refine.occupancy_min                            ? 
_refine.occupancy_max                            ? 
_refine.B_iso_mean                               ? 
_refine.aniso_B[1][1]                            ? 
_refine.aniso_B[2][2]                            ? 
_refine.aniso_B[3][3]                            ? 
_refine.aniso_B[1][2]                            ? 
_refine.aniso_B[1][3]                            ? 
_refine.aniso_B[2][3]                            ? 
_refine.solvent_model_details                    ? 
_refine.solvent_model_param_ksol                 ? 
_refine.solvent_model_param_bsol                 ? 
_refine.pdbx_ls_cross_valid_method               ? 
_refine.details                                  'INITIAL REFINEMENT WITH X-PLOR 3.1' 
_refine.pdbx_starting_model                      5CYT 
_refine.pdbx_method_to_determine_struct          'MOLECULAR REPLACEMENT' 
_refine.pdbx_isotropic_thermal_model             ? 
_refine.pdbx_stereochemistry_target_values       ? 
_refine.pdbx_stereochem_target_val_spec_case     ? 
_refine.pdbx_R_Free_selection_details            ? 
_refine.pdbx_overall_ESU_R                       ? 
_refine.pdbx_overall_ESU_R_Free                  ? 
_refine.overall_SU_ML                            ? 
_refine.overall_SU_B                             ? 
_refine.ls_redundancy_reflns_obs                 ? 
_refine.B_iso_min                                ? 
_refine.B_iso_max                                ? 
_refine.pdbx_refine_id                           'X-RAY DIFFRACTION' 
_refine.pdbx_diffrn_id                           1 
_refine.pdbx_TLS_residual_ADP_flag               ? 
_refine.correlation_coeff_Fo_to_Fc               ? 
_refine.correlation_coeff_Fo_to_Fc_free          ? 
_refine.pdbx_solvent_vdw_probe_radii             ? 
_refine.pdbx_solvent_ion_probe_radii             ? 
_refine.pdbx_solvent_shrinkage_radii             ? 
_refine.pdbx_overall_phase_error                 ? 
_refine.overall_SU_R_Cruickshank_DPI             ? 
_refine.pdbx_overall_SU_R_free_Cruickshank_DPI   ? 
_refine.pdbx_overall_SU_R_Blow_DPI               ? 
_refine.pdbx_overall_SU_R_free_Blow_DPI          ? 
# 
_refine_hist.pdbx_refine_id                   'X-RAY DIFFRACTION' 
_refine_hist.cycle_id                         LAST 
_refine_hist.pdbx_number_atoms_protein        821 
_refine_hist.pdbx_number_atoms_nucleic_acid   0 
_refine_hist.pdbx_number_atoms_ligand         43 
_refine_hist.number_atoms_solvent             145 
_refine_hist.number_atoms_total               1009 
_refine_hist.d_res_high                       1.6 
_refine_hist.d_res_low                        6.0 
# 
loop_
_refine_ls_restr.type 
_refine_ls_restr.dev_ideal 
_refine_ls_restr.dev_ideal_target 
_refine_ls_restr.weight 
_refine_ls_restr.number 
_refine_ls_restr.pdbx_refine_id 
_refine_ls_restr.pdbx_restraint_function 
p_bond_d            0.015 0.020 ? ? 'X-RAY DIFFRACTION' ? 
p_angle_d           0.037 0.037 ? ? 'X-RAY DIFFRACTION' ? 
p_angle_deg         ?     ?     ? ? 'X-RAY DIFFRACTION' ? 
p_planar_d          0.044 0.050 ? ? 'X-RAY DIFFRACTION' ? 
p_hb_or_metal_coord ?     ?     ? ? 'X-RAY DIFFRACTION' ? 
p_mcbond_it         1.131 1.500 ? ? 'X-RAY DIFFRACTION' ? 
p_mcangle_it        1.696 2.000 ? ? 'X-RAY DIFFRACTION' ? 
p_scbond_it         2.267 2.000 ? ? 'X-RAY DIFFRACTION' ? 
p_scangle_it        3.481 2.500 ? ? 'X-RAY DIFFRACTION' ? 
p_plane_restr       0.014 0.200 ? ? 'X-RAY DIFFRACTION' ? 
p_chiral_restr      0.141 0.150 ? ? 'X-RAY DIFFRACTION' ? 
p_singtor_nbd       0.176 0.300 ? ? 'X-RAY DIFFRACTION' ? 
p_multtor_nbd       0.226 0.300 ? ? 'X-RAY DIFFRACTION' ? 
p_xhyhbond_nbd      ?     ?     ? ? 'X-RAY DIFFRACTION' ? 
p_xyhbond_nbd       0.223 0.300 ? ? 'X-RAY DIFFRACTION' ? 
p_planar_tor        2.4   3.0   ? ? 'X-RAY DIFFRACTION' ? 
p_staggered_tor     18.9  15.0  ? ? 'X-RAY DIFFRACTION' ? 
p_orthonormal_tor   ?     ?     ? ? 'X-RAY DIFFRACTION' ? 
p_transverse_tor    15    20    ? ? 'X-RAY DIFFRACTION' ? 
p_special_tor       ?     ?     ? ? 'X-RAY DIFFRACTION' ? 
# 
_struct.entry_id                  1CO6 
_struct.title                     'CRYSTAL STRUCTURE OF FERROCYTOCHROME C2 FROM RHODOPSEUDOMONAS VIRIDIS' 
_struct.pdbx_model_details        ? 
_struct.pdbx_CASP_flag            ? 
_struct.pdbx_model_type_details   ? 
# 
_struct_keywords.entry_id        1CO6 
_struct_keywords.pdbx_keywords   'ELECTRON TRANSPORT' 
_struct_keywords.text            'ELECTRON TRANSPORT(HEME PROTEIN), ELECTRON TRANSPORT' 
# 
loop_
_struct_asym.id 
_struct_asym.pdbx_blank_PDB_chainid_flag 
_struct_asym.pdbx_modified 
_struct_asym.entity_id 
_struct_asym.details 
A N N 1 ? 
B N N 2 ? 
C N N 3 ? 
# 
_struct_ref.id                         1 
_struct_ref.db_name                    UNP 
_struct_ref.db_code                    CYC2_RHOVI 
_struct_ref.entity_id                  1 
_struct_ref.pdbx_db_accession          P00083 
_struct_ref.pdbx_align_begin           ? 
_struct_ref.pdbx_seq_one_letter_code   ? 
_struct_ref.pdbx_db_isoform            ? 
# 
_struct_ref_seq.align_id                      1 
_struct_ref_seq.ref_id                        1 
_struct_ref_seq.pdbx_PDB_id_code              1CO6 
_struct_ref_seq.pdbx_strand_id                A 
_struct_ref_seq.seq_align_beg                 1 
_struct_ref_seq.pdbx_seq_align_beg_ins_code   ? 
_struct_ref_seq.seq_align_end                 107 
_struct_ref_seq.pdbx_seq_align_end_ins_code   ? 
_struct_ref_seq.pdbx_db_accession             P00083 
_struct_ref_seq.db_align_beg                  21 
_struct_ref_seq.pdbx_db_align_beg_ins_code    ? 
_struct_ref_seq.db_align_end                  127 
_struct_ref_seq.pdbx_db_align_end_ins_code    ? 
_struct_ref_seq.pdbx_auth_seq_align_beg       1 
_struct_ref_seq.pdbx_auth_seq_align_end       107 
# 
_pdbx_struct_assembly.id                   1 
_pdbx_struct_assembly.details              author_defined_assembly 
_pdbx_struct_assembly.method_details       ? 
_pdbx_struct_assembly.oligomeric_details   monomeric 
_pdbx_struct_assembly.oligomeric_count     1 
# 
_pdbx_struct_assembly_gen.assembly_id       1 
_pdbx_struct_assembly_gen.oper_expression   1 
_pdbx_struct_assembly_gen.asym_id_list      A,B,C 
# 
_pdbx_struct_oper_list.id                   1 
_pdbx_struct_oper_list.type                 'identity operation' 
_pdbx_struct_oper_list.name                 1_555 
_pdbx_struct_oper_list.symmetry_operation   x,y,z 
_pdbx_struct_oper_list.matrix[1][1]         1.0000000000 
_pdbx_struct_oper_list.matrix[1][2]         0.0000000000 
_pdbx_struct_oper_list.matrix[1][3]         0.0000000000 
_pdbx_struct_oper_list.vector[1]            0.0000000000 
_pdbx_struct_oper_list.matrix[2][1]         0.0000000000 
_pdbx_struct_oper_list.matrix[2][2]         1.0000000000 
_pdbx_struct_oper_list.matrix[2][3]         0.0000000000 
_pdbx_struct_oper_list.vector[2]            0.0000000000 
_pdbx_struct_oper_list.matrix[3][1]         0.0000000000 
_pdbx_struct_oper_list.matrix[3][2]         0.0000000000 
_pdbx_struct_oper_list.matrix[3][3]         1.0000000000 
_pdbx_struct_oper_list.vector[3]            0.0000000000 
# 
_struct_biol.id   1 
# 
loop_
_struct_conf.conf_type_id 
_struct_conf.id 
_struct_conf.pdbx_PDB_helix_id 
_struct_conf.beg_label_comp_id 
_struct_conf.beg_label_asym_id 
_struct_conf.beg_label_seq_id 
_struct_conf.pdbx_beg_PDB_ins_code 
_struct_conf.end_label_comp_id 
_struct_conf.end_label_asym_id 
_struct_conf.end_label_seq_id 
_struct_conf.pdbx_end_PDB_ins_code 
_struct_conf.beg_auth_comp_id 
_struct_conf.beg_auth_asym_id 
_struct_conf.beg_auth_seq_id 
_struct_conf.end_auth_comp_id 
_struct_conf.end_auth_asym_id 
_struct_conf.end_auth_seq_id 
_struct_conf.pdbx_PDB_helix_class 
_struct_conf.details 
_struct_conf.pdbx_PDB_helix_length 
HELX_P HELX_P1 A ASP A 2  ? PHE A 10 ? ASP A 2  PHE A 10 1 ? 9  
HELX_P HELX_P2 B PHE A 10 ? LEU A 14 ? PHE A 10 LEU A 14 1 ? 5  
HELX_P HELX_P3 C SER A 48 ? ASN A 53 ? SER A 48 ASN A 53 1 ? 6  
HELX_P HELX_P4 D THR A 59 ? ASP A 69 ? THR A 59 ASP A 69 1 ? 11 
HELX_P HELX_P5 E ASP A 69 ? ILE A 74 ? ASP A 69 ILE A 74 1 ? 6  
# 
_struct_conf_type.id          HELX_P 
_struct_conf_type.criteria    ? 
_struct_conf_type.reference   ? 
# 
loop_
_struct_conn.id 
_struct_conn.conn_type_id 
_struct_conn.pdbx_leaving_atom_flag 
_struct_conn.pdbx_PDB_id 
_struct_conn.ptnr1_label_asym_id 
_struct_conn.ptnr1_label_comp_id 
_struct_conn.ptnr1_label_seq_id 
_struct_conn.ptnr1_label_atom_id 
_struct_conn.pdbx_ptnr1_label_alt_id 
_struct_conn.pdbx_ptnr1_PDB_ins_code 
_struct_conn.pdbx_ptnr1_standard_comp_id 
_struct_conn.ptnr1_symmetry 
_struct_conn.ptnr2_label_asym_id 
_struct_conn.ptnr2_label_comp_id 
_struct_conn.ptnr2_label_seq_id 
_struct_conn.ptnr2_label_atom_id 
_struct_conn.pdbx_ptnr2_label_alt_id 
_struct_conn.pdbx_ptnr2_PDB_ins_code 
_struct_conn.ptnr1_auth_asym_id 
_struct_conn.ptnr1_auth_comp_id 
_struct_conn.ptnr1_auth_seq_id 
_struct_conn.ptnr2_auth_asym_id 
_struct_conn.ptnr2_auth_comp_id 
_struct_conn.ptnr2_auth_seq_id 
_struct_conn.ptnr2_symmetry 
_struct_conn.pdbx_ptnr3_label_atom_id 
_struct_conn.pdbx_ptnr3_label_seq_id 
_struct_conn.pdbx_ptnr3_label_comp_id 
_struct_conn.pdbx_ptnr3_label_asym_id 
_struct_conn.pdbx_ptnr3_label_alt_id 
_struct_conn.pdbx_ptnr3_PDB_ins_code 
_struct_conn.details 
_struct_conn.pdbx_dist_value 
_struct_conn.pdbx_value_order 
_struct_conn.pdbx_role 
covale1 covale none ? A CYS 13 SG  ? ? ? 1_555 B HEC . CAB ? ? A CYS 13 A HEC 108 1_555 ? ? ? ? ? ? ? 1.875 ? ? 
covale2 covale none ? A CYS 16 SG  ? ? ? 1_555 B HEC . CAC ? ? A CYS 16 A HEC 108 1_555 ? ? ? ? ? ? ? 2.008 ? ? 
metalc1 metalc ?    ? A HIS 17 NE2 ? ? ? 1_555 B HEC . FE  ? ? A HIS 17 A HEC 108 1_555 ? ? ? ? ? ? ? 1.974 ? ? 
metalc2 metalc ?    ? A MET 79 SD  ? ? ? 1_555 B HEC . FE  ? ? A MET 79 A HEC 108 1_555 ? ? ? ? ? ? ? 2.286 ? ? 
# 
loop_
_struct_conn_type.id 
_struct_conn_type.criteria 
_struct_conn_type.reference 
covale ? ? 
metalc ? ? 
# 
loop_
_pdbx_struct_conn_angle.id 
_pdbx_struct_conn_angle.ptnr1_label_atom_id 
_pdbx_struct_conn_angle.ptnr1_label_alt_id 
_pdbx_struct_conn_angle.ptnr1_label_asym_id 
_pdbx_struct_conn_angle.ptnr1_label_comp_id 
_pdbx_struct_conn_angle.ptnr1_label_seq_id 
_pdbx_struct_conn_angle.ptnr1_auth_atom_id 
_pdbx_struct_conn_angle.ptnr1_auth_asym_id 
_pdbx_struct_conn_angle.ptnr1_auth_comp_id 
_pdbx_struct_conn_angle.ptnr1_auth_seq_id 
_pdbx_struct_conn_angle.ptnr1_PDB_ins_code 
_pdbx_struct_conn_angle.ptnr1_symmetry 
_pdbx_struct_conn_angle.ptnr2_label_atom_id 
_pdbx_struct_conn_angle.ptnr2_label_alt_id 
_pdbx_struct_conn_angle.ptnr2_label_asym_id 
_pdbx_struct_conn_angle.ptnr2_label_comp_id 
_pdbx_struct_conn_angle.ptnr2_label_seq_id 
_pdbx_struct_conn_angle.ptnr2_auth_atom_id 
_pdbx_struct_conn_angle.ptnr2_auth_asym_id 
_pdbx_struct_conn_angle.ptnr2_auth_comp_id 
_pdbx_struct_conn_angle.ptnr2_auth_seq_id 
_pdbx_struct_conn_angle.ptnr2_PDB_ins_code 
_pdbx_struct_conn_angle.ptnr2_symmetry 
_pdbx_struct_conn_angle.ptnr3_label_atom_id 
_pdbx_struct_conn_angle.ptnr3_label_alt_id 
_pdbx_struct_conn_angle.ptnr3_label_asym_id 
_pdbx_struct_conn_angle.ptnr3_label_comp_id 
_pdbx_struct_conn_angle.ptnr3_label_seq_id 
_pdbx_struct_conn_angle.ptnr3_auth_atom_id 
_pdbx_struct_conn_angle.ptnr3_auth_asym_id 
_pdbx_struct_conn_angle.ptnr3_auth_comp_id 
_pdbx_struct_conn_angle.ptnr3_auth_seq_id 
_pdbx_struct_conn_angle.ptnr3_PDB_ins_code 
_pdbx_struct_conn_angle.ptnr3_symmetry 
_pdbx_struct_conn_angle.value 
_pdbx_struct_conn_angle.value_esd 
1  NE2 ? A HIS 17 ? A HIS 17  ? 1_555 FE ? B HEC . ? A HEC 108 ? 1_555 NA ? B HEC .  ? A HEC 108 ? 1_555 87.0  ? 
2  NE2 ? A HIS 17 ? A HIS 17  ? 1_555 FE ? B HEC . ? A HEC 108 ? 1_555 NB ? B HEC .  ? A HEC 108 ? 1_555 89.3  ? 
3  NA  ? B HEC .  ? A HEC 108 ? 1_555 FE ? B HEC . ? A HEC 108 ? 1_555 NB ? B HEC .  ? A HEC 108 ? 1_555 89.9  ? 
4  NE2 ? A HIS 17 ? A HIS 17  ? 1_555 FE ? B HEC . ? A HEC 108 ? 1_555 NC ? B HEC .  ? A HEC 108 ? 1_555 90.2  ? 
5  NA  ? B HEC .  ? A HEC 108 ? 1_555 FE ? B HEC . ? A HEC 108 ? 1_555 NC ? B HEC .  ? A HEC 108 ? 1_555 177.1 ? 
6  NB  ? B HEC .  ? A HEC 108 ? 1_555 FE ? B HEC . ? A HEC 108 ? 1_555 NC ? B HEC .  ? A HEC 108 ? 1_555 89.3  ? 
7  NE2 ? A HIS 17 ? A HIS 17  ? 1_555 FE ? B HEC . ? A HEC 108 ? 1_555 ND ? B HEC .  ? A HEC 108 ? 1_555 86.5  ? 
8  NA  ? B HEC .  ? A HEC 108 ? 1_555 FE ? B HEC . ? A HEC 108 ? 1_555 ND ? B HEC .  ? A HEC 108 ? 1_555 91.3  ? 
9  NB  ? B HEC .  ? A HEC 108 ? 1_555 FE ? B HEC . ? A HEC 108 ? 1_555 ND ? B HEC .  ? A HEC 108 ? 1_555 175.5 ? 
10 NC  ? B HEC .  ? A HEC 108 ? 1_555 FE ? B HEC . ? A HEC 108 ? 1_555 ND ? B HEC .  ? A HEC 108 ? 1_555 89.3  ? 
11 NE2 ? A HIS 17 ? A HIS 17  ? 1_555 FE ? B HEC . ? A HEC 108 ? 1_555 SD ? A MET 79 ? A MET 79  ? 1_555 172.4 ? 
12 NA  ? B HEC .  ? A HEC 108 ? 1_555 FE ? B HEC . ? A HEC 108 ? 1_555 SD ? A MET 79 ? A MET 79  ? 1_555 87.3  ? 
13 NB  ? B HEC .  ? A HEC 108 ? 1_555 FE ? B HEC . ? A HEC 108 ? 1_555 SD ? A MET 79 ? A MET 79  ? 1_555 95.8  ? 
14 NC  ? B HEC .  ? A HEC 108 ? 1_555 FE ? B HEC . ? A HEC 108 ? 1_555 SD ? A MET 79 ? A MET 79  ? 1_555 95.5  ? 
15 ND  ? B HEC .  ? A HEC 108 ? 1_555 FE ? B HEC . ? A HEC 108 ? 1_555 SD ? A MET 79 ? A MET 79  ? 1_555 88.6  ? 
# 
loop_
_pdbx_modification_feature.ordinal 
_pdbx_modification_feature.label_comp_id 
_pdbx_modification_feature.label_asym_id 
_pdbx_modification_feature.label_seq_id 
_pdbx_modification_feature.label_alt_id 
_pdbx_modification_feature.modified_residue_label_comp_id 
_pdbx_modification_feature.modified_residue_label_asym_id 
_pdbx_modification_feature.modified_residue_label_seq_id 
_pdbx_modification_feature.modified_residue_label_alt_id 
_pdbx_modification_feature.auth_comp_id 
_pdbx_modification_feature.auth_asym_id 
_pdbx_modification_feature.auth_seq_id 
_pdbx_modification_feature.PDB_ins_code 
_pdbx_modification_feature.symmetry 
_pdbx_modification_feature.modified_residue_auth_comp_id 
_pdbx_modification_feature.modified_residue_auth_asym_id 
_pdbx_modification_feature.modified_residue_auth_seq_id 
_pdbx_modification_feature.modified_residue_PDB_ins_code 
_pdbx_modification_feature.modified_residue_symmetry 
_pdbx_modification_feature.comp_id_linking_atom 
_pdbx_modification_feature.modified_residue_id_linking_atom 
_pdbx_modification_feature.modified_residue_id 
_pdbx_modification_feature.ref_pcm_id 
_pdbx_modification_feature.ref_comp_id 
_pdbx_modification_feature.type 
_pdbx_modification_feature.category 
1 HEC B . ? CYS A 13 ? HEC A 108 ? 1_555 CYS A 13 ? 1_555 CAB SG CYS 2 HEC None Heme/heme-like 
2 HEC B . ? CYS A 16 ? HEC A 108 ? 1_555 CYS A 16 ? 1_555 CAC SG CYS 3 HEC None Heme/heme-like 
# 
_struct_site.id                   AC1 
_struct_site.pdbx_evidence_code   Software 
_struct_site.pdbx_auth_asym_id    A 
_struct_site.pdbx_auth_comp_id    HEC 
_struct_site.pdbx_auth_seq_id     108 
_struct_site.pdbx_auth_ins_code   ? 
_struct_site.pdbx_num_residues    19 
_struct_site.details              'BINDING SITE FOR RESIDUE HEC A 108' 
# 
loop_
_struct_site_gen.id 
_struct_site_gen.site_id 
_struct_site_gen.pdbx_num_res 
_struct_site_gen.label_comp_id 
_struct_site_gen.label_asym_id 
_struct_site_gen.label_seq_id 
_struct_site_gen.pdbx_auth_ins_code 
_struct_site_gen.auth_comp_id 
_struct_site_gen.auth_asym_id 
_struct_site_gen.auth_seq_id 
_struct_site_gen.label_atom_id 
_struct_site_gen.label_alt_id 
_struct_site_gen.symmetry 
_struct_site_gen.details 
1  AC1 19 GLN A 12 ? GLN A 12  . ? 1_555 ? 
2  AC1 19 CYS A 13 ? CYS A 13  . ? 1_555 ? 
3  AC1 19 CYS A 16 ? CYS A 16  . ? 1_555 ? 
4  AC1 19 HIS A 17 ? HIS A 17  . ? 1_555 ? 
5  AC1 19 VAL A 27 ? VAL A 27  . ? 1_555 ? 
6  AC1 19 ARG A 37 ? ARG A 37  . ? 1_555 ? 
7  AC1 19 SER A 39 ? SER A 39  . ? 1_555 ? 
8  AC1 19 GLY A 40 ? GLY A 40  . ? 1_555 ? 
9  AC1 19 TYR A 47 ? TYR A 47  . ? 1_555 ? 
10 AC1 19 SER A 48 ? SER A 48  . ? 1_555 ? 
11 AC1 19 ASN A 51 ? ASN A 51  . ? 1_555 ? 
12 AC1 19 TRP A 58 ? TRP A 58  . ? 1_555 ? 
13 AC1 19 PHE A 63 ? PHE A 63  . ? 1_555 ? 
14 AC1 19 ILE A 67 ? ILE A 67  . ? 1_555 ? 
15 AC1 19 THR A 77 ? THR A 77  . ? 1_555 ? 
16 AC1 19 LYS A 78 ? LYS A 78  . ? 1_555 ? 
17 AC1 19 MET A 79 ? MET A 79  . ? 1_555 ? 
18 AC1 19 PHE A 81 ? PHE A 81  . ? 1_555 ? 
19 AC1 19 HOH C .  ? HOH A 115 . ? 1_555 ? 
# 
_pdbx_entry_details.entry_id                   1CO6 
_pdbx_entry_details.compound_details           ? 
_pdbx_entry_details.source_details             ? 
_pdbx_entry_details.nonpolymer_details         ? 
_pdbx_entry_details.sequence_details           ? 
_pdbx_entry_details.has_ligand_of_interest     ? 
_pdbx_entry_details.has_protein_modification   Y 
# 
loop_
_pdbx_validate_symm_contact.id 
_pdbx_validate_symm_contact.PDB_model_num 
_pdbx_validate_symm_contact.auth_atom_id_1 
_pdbx_validate_symm_contact.auth_asym_id_1 
_pdbx_validate_symm_contact.auth_comp_id_1 
_pdbx_validate_symm_contact.auth_seq_id_1 
_pdbx_validate_symm_contact.PDB_ins_code_1 
_pdbx_validate_symm_contact.label_alt_id_1 
_pdbx_validate_symm_contact.site_symmetry_1 
_pdbx_validate_symm_contact.auth_atom_id_2 
_pdbx_validate_symm_contact.auth_asym_id_2 
_pdbx_validate_symm_contact.auth_comp_id_2 
_pdbx_validate_symm_contact.auth_seq_id_2 
_pdbx_validate_symm_contact.PDB_ins_code_2 
_pdbx_validate_symm_contact.label_alt_id_2 
_pdbx_validate_symm_contact.site_symmetry_2 
_pdbx_validate_symm_contact.dist 
1 1 CB A SER 91  ? ? 1_555 O A HOH 221 ? ? 5_555 0.45 
2 1 CA A SER 91  ? ? 1_555 O A HOH 221 ? ? 5_555 1.47 
3 1 OG A SER 91  ? ? 1_555 O A HOH 221 ? ? 5_555 1.87 
4 1 O  A HOH 140 ? ? 1_555 O A HOH 166 ? ? 5_555 2.05 
# 
loop_
_pdbx_validate_rmsd_angle.id 
_pdbx_validate_rmsd_angle.PDB_model_num 
_pdbx_validate_rmsd_angle.auth_atom_id_1 
_pdbx_validate_rmsd_angle.auth_asym_id_1 
_pdbx_validate_rmsd_angle.auth_comp_id_1 
_pdbx_validate_rmsd_angle.auth_seq_id_1 
_pdbx_validate_rmsd_angle.PDB_ins_code_1 
_pdbx_validate_rmsd_angle.label_alt_id_1 
_pdbx_validate_rmsd_angle.auth_atom_id_2 
_pdbx_validate_rmsd_angle.auth_asym_id_2 
_pdbx_validate_rmsd_angle.auth_comp_id_2 
_pdbx_validate_rmsd_angle.auth_seq_id_2 
_pdbx_validate_rmsd_angle.PDB_ins_code_2 
_pdbx_validate_rmsd_angle.label_alt_id_2 
_pdbx_validate_rmsd_angle.auth_atom_id_3 
_pdbx_validate_rmsd_angle.auth_asym_id_3 
_pdbx_validate_rmsd_angle.auth_comp_id_3 
_pdbx_validate_rmsd_angle.auth_seq_id_3 
_pdbx_validate_rmsd_angle.PDB_ins_code_3 
_pdbx_validate_rmsd_angle.label_alt_id_3 
_pdbx_validate_rmsd_angle.angle_value 
_pdbx_validate_rmsd_angle.angle_target_value 
_pdbx_validate_rmsd_angle.angle_deviation 
_pdbx_validate_rmsd_angle.angle_standard_deviation 
_pdbx_validate_rmsd_angle.linker_flag 
1  1 CB A GLU 43  ? ? CG A GLU 43  ? ? CD  A GLU 43  ? ? 133.34 114.20 19.14 2.70 N 
2  1 CG A GLU 43  ? ? CD A GLU 43  ? ? OE1 A GLU 43  ? ? 131.96 118.30 13.66 2.00 N 
3  1 CB A ASP 49  ? ? CG A ASP 49  ? ? OD1 A ASP 49  ? ? 123.97 118.30 5.67  0.90 N 
4  1 CA A GLU 61  ? ? CB A GLU 61  ? ? CG  A GLU 61  ? ? 130.00 113.40 16.60 2.20 N 
5  1 NE A ARG 64  ? ? CZ A ARG 64  ? ? NH1 A ARG 64  ? ? 126.86 120.30 6.56  0.50 N 
6  1 NE A ARG 64  ? ? CZ A ARG 64  ? ? NH2 A ARG 64  ? ? 115.22 120.30 -5.08 0.50 N 
7  1 CB A ASP 69  ? ? CG A ASP 69  ? ? OD2 A ASP 69  ? ? 125.88 118.30 7.58  0.90 N 
8  1 CA A LYS 78  ? ? CB A LYS 78  ? ? CG  A LYS 78  ? ? 127.65 113.40 14.25 2.20 N 
9  1 CB A ASP 86  ? ? CG A ASP 86  ? ? OD1 A ASP 86  ? ? 123.98 118.30 5.68  0.90 N 
10 1 CB A ASP 86  ? ? CG A ASP 86  ? ? OD2 A ASP 86  ? ? 111.83 118.30 -6.47 0.90 N 
11 1 CB A ASP 103 ? ? CG A ASP 103 ? ? OD1 A ASP 103 ? ? 125.01 118.30 6.71  0.90 N 
# 
loop_
_pdbx_validate_torsion.id 
_pdbx_validate_torsion.PDB_model_num 
_pdbx_validate_torsion.auth_comp_id 
_pdbx_validate_torsion.auth_asym_id 
_pdbx_validate_torsion.auth_seq_id 
_pdbx_validate_torsion.PDB_ins_code 
_pdbx_validate_torsion.label_alt_id 
_pdbx_validate_torsion.phi 
_pdbx_validate_torsion.psi 
1 1 LYS A 26 ? ? -126.86 -132.65 
2 1 ASP A 69 ? ? -163.15 85.53   
# 
loop_
_pdbx_distant_solvent_atoms.id 
_pdbx_distant_solvent_atoms.PDB_model_num 
_pdbx_distant_solvent_atoms.auth_atom_id 
_pdbx_distant_solvent_atoms.label_alt_id 
_pdbx_distant_solvent_atoms.auth_asym_id 
_pdbx_distant_solvent_atoms.auth_comp_id 
_pdbx_distant_solvent_atoms.auth_seq_id 
_pdbx_distant_solvent_atoms.PDB_ins_code 
_pdbx_distant_solvent_atoms.neighbor_macromolecule_distance 
_pdbx_distant_solvent_atoms.neighbor_ligand_distance 
1 1 O ? A HOH 218 ? 5.90 . 
2 1 O ? A HOH 240 ? 7.42 . 
# 
loop_
_chem_comp_atom.comp_id 
_chem_comp_atom.atom_id 
_chem_comp_atom.type_symbol 
_chem_comp_atom.pdbx_aromatic_flag 
_chem_comp_atom.pdbx_stereo_config 
_chem_comp_atom.pdbx_ordinal 
ALA N    N  N N 1   
ALA CA   C  N S 2   
ALA C    C  N N 3   
ALA O    O  N N 4   
ALA CB   C  N N 5   
ALA OXT  O  N N 6   
ALA H    H  N N 7   
ALA H2   H  N N 8   
ALA HA   H  N N 9   
ALA HB1  H  N N 10  
ALA HB2  H  N N 11  
ALA HB3  H  N N 12  
ALA HXT  H  N N 13  
ARG N    N  N N 14  
ARG CA   C  N S 15  
ARG C    C  N N 16  
ARG O    O  N N 17  
ARG CB   C  N N 18  
ARG CG   C  N N 19  
ARG CD   C  N N 20  
ARG NE   N  N N 21  
ARG CZ   C  N N 22  
ARG NH1  N  N N 23  
ARG NH2  N  N N 24  
ARG OXT  O  N N 25  
ARG H    H  N N 26  
ARG H2   H  N N 27  
ARG HA   H  N N 28  
ARG HB2  H  N N 29  
ARG HB3  H  N N 30  
ARG HG2  H  N N 31  
ARG HG3  H  N N 32  
ARG HD2  H  N N 33  
ARG HD3  H  N N 34  
ARG HE   H  N N 35  
ARG HH11 H  N N 36  
ARG HH12 H  N N 37  
ARG HH21 H  N N 38  
ARG HH22 H  N N 39  
ARG HXT  H  N N 40  
ASN N    N  N N 41  
ASN CA   C  N S 42  
ASN C    C  N N 43  
ASN O    O  N N 44  
ASN CB   C  N N 45  
ASN CG   C  N N 46  
ASN OD1  O  N N 47  
ASN ND2  N  N N 48  
ASN OXT  O  N N 49  
ASN H    H  N N 50  
ASN H2   H  N N 51  
ASN HA   H  N N 52  
ASN HB2  H  N N 53  
ASN HB3  H  N N 54  
ASN HD21 H  N N 55  
ASN HD22 H  N N 56  
ASN HXT  H  N N 57  
ASP N    N  N N 58  
ASP CA   C  N S 59  
ASP C    C  N N 60  
ASP O    O  N N 61  
ASP CB   C  N N 62  
ASP CG   C  N N 63  
ASP OD1  O  N N 64  
ASP OD2  O  N N 65  
ASP OXT  O  N N 66  
ASP H    H  N N 67  
ASP H2   H  N N 68  
ASP HA   H  N N 69  
ASP HB2  H  N N 70  
ASP HB3  H  N N 71  
ASP HD2  H  N N 72  
ASP HXT  H  N N 73  
CYS N    N  N N 74  
CYS CA   C  N R 75  
CYS C    C  N N 76  
CYS O    O  N N 77  
CYS CB   C  N N 78  
CYS SG   S  N N 79  
CYS OXT  O  N N 80  
CYS H    H  N N 81  
CYS H2   H  N N 82  
CYS HA   H  N N 83  
CYS HB2  H  N N 84  
CYS HB3  H  N N 85  
CYS HG   H  N N 86  
CYS HXT  H  N N 87  
GLN N    N  N N 88  
GLN CA   C  N S 89  
GLN C    C  N N 90  
GLN O    O  N N 91  
GLN CB   C  N N 92  
GLN CG   C  N N 93  
GLN CD   C  N N 94  
GLN OE1  O  N N 95  
GLN NE2  N  N N 96  
GLN OXT  O  N N 97  
GLN H    H  N N 98  
GLN H2   H  N N 99  
GLN HA   H  N N 100 
GLN HB2  H  N N 101 
GLN HB3  H  N N 102 
GLN HG2  H  N N 103 
GLN HG3  H  N N 104 
GLN HE21 H  N N 105 
GLN HE22 H  N N 106 
GLN HXT  H  N N 107 
GLU N    N  N N 108 
GLU CA   C  N S 109 
GLU C    C  N N 110 
GLU O    O  N N 111 
GLU CB   C  N N 112 
GLU CG   C  N N 113 
GLU CD   C  N N 114 
GLU OE1  O  N N 115 
GLU OE2  O  N N 116 
GLU OXT  O  N N 117 
GLU H    H  N N 118 
GLU H2   H  N N 119 
GLU HA   H  N N 120 
GLU HB2  H  N N 121 
GLU HB3  H  N N 122 
GLU HG2  H  N N 123 
GLU HG3  H  N N 124 
GLU HE2  H  N N 125 
GLU HXT  H  N N 126 
GLY N    N  N N 127 
GLY CA   C  N N 128 
GLY C    C  N N 129 
GLY O    O  N N 130 
GLY OXT  O  N N 131 
GLY H    H  N N 132 
GLY H2   H  N N 133 
GLY HA2  H  N N 134 
GLY HA3  H  N N 135 
GLY HXT  H  N N 136 
HEC FE   FE N N 137 
HEC CHA  C  N N 138 
HEC CHB  C  N N 139 
HEC CHC  C  N N 140 
HEC CHD  C  N N 141 
HEC NA   N  Y N 142 
HEC C1A  C  Y N 143 
HEC C2A  C  Y N 144 
HEC C3A  C  Y N 145 
HEC C4A  C  Y N 146 
HEC CMA  C  N N 147 
HEC CAA  C  N N 148 
HEC CBA  C  N N 149 
HEC CGA  C  N N 150 
HEC O1A  O  N N 151 
HEC O2A  O  N N 152 
HEC NB   N  Y N 153 
HEC C1B  C  Y N 154 
HEC C2B  C  Y N 155 
HEC C3B  C  Y N 156 
HEC C4B  C  Y N 157 
HEC CMB  C  N N 158 
HEC CAB  C  N N 159 
HEC CBB  C  N N 160 
HEC NC   N  Y N 161 
HEC C1C  C  Y N 162 
HEC C2C  C  Y N 163 
HEC C3C  C  Y N 164 
HEC C4C  C  Y N 165 
HEC CMC  C  N N 166 
HEC CAC  C  N N 167 
HEC CBC  C  N N 168 
HEC ND   N  Y N 169 
HEC C1D  C  Y N 170 
HEC C2D  C  Y N 171 
HEC C3D  C  Y N 172 
HEC C4D  C  Y N 173 
HEC CMD  C  N N 174 
HEC CAD  C  N N 175 
HEC CBD  C  N N 176 
HEC CGD  C  N N 177 
HEC O1D  O  N N 178 
HEC O2D  O  N N 179 
HEC HHA  H  N N 180 
HEC HHB  H  N N 181 
HEC HHC  H  N N 182 
HEC HHD  H  N N 183 
HEC HMA1 H  N N 184 
HEC HMA2 H  N N 185 
HEC HMA3 H  N N 186 
HEC HAA1 H  N N 187 
HEC HAA2 H  N N 188 
HEC HBA1 H  N N 189 
HEC HBA2 H  N N 190 
HEC H2A  H  N N 191 
HEC HMB1 H  N N 192 
HEC HMB2 H  N N 193 
HEC HMB3 H  N N 194 
HEC HAB  H  N N 195 
HEC HBB1 H  N N 196 
HEC HBB2 H  N N 197 
HEC HBB3 H  N N 198 
HEC HMC1 H  N N 199 
HEC HMC2 H  N N 200 
HEC HMC3 H  N N 201 
HEC HAC  H  N N 202 
HEC HBC1 H  N N 203 
HEC HBC2 H  N N 204 
HEC HBC3 H  N N 205 
HEC HMD1 H  N N 206 
HEC HMD2 H  N N 207 
HEC HMD3 H  N N 208 
HEC HAD1 H  N N 209 
HEC HAD2 H  N N 210 
HEC HBD1 H  N N 211 
HEC HBD2 H  N N 212 
HEC H2D  H  N N 213 
HIS N    N  N N 214 
HIS CA   C  N S 215 
HIS C    C  N N 216 
HIS O    O  N N 217 
HIS CB   C  N N 218 
HIS CG   C  Y N 219 
HIS ND1  N  Y N 220 
HIS CD2  C  Y N 221 
HIS CE1  C  Y N 222 
HIS NE2  N  Y N 223 
HIS OXT  O  N N 224 
HIS H    H  N N 225 
HIS H2   H  N N 226 
HIS HA   H  N N 227 
HIS HB2  H  N N 228 
HIS HB3  H  N N 229 
HIS HD1  H  N N 230 
HIS HD2  H  N N 231 
HIS HE1  H  N N 232 
HIS HE2  H  N N 233 
HIS HXT  H  N N 234 
HOH O    O  N N 235 
HOH H1   H  N N 236 
HOH H2   H  N N 237 
ILE N    N  N N 238 
ILE CA   C  N S 239 
ILE C    C  N N 240 
ILE O    O  N N 241 
ILE CB   C  N S 242 
ILE CG1  C  N N 243 
ILE CG2  C  N N 244 
ILE CD1  C  N N 245 
ILE OXT  O  N N 246 
ILE H    H  N N 247 
ILE H2   H  N N 248 
ILE HA   H  N N 249 
ILE HB   H  N N 250 
ILE HG12 H  N N 251 
ILE HG13 H  N N 252 
ILE HG21 H  N N 253 
ILE HG22 H  N N 254 
ILE HG23 H  N N 255 
ILE HD11 H  N N 256 
ILE HD12 H  N N 257 
ILE HD13 H  N N 258 
ILE HXT  H  N N 259 
LEU N    N  N N 260 
LEU CA   C  N S 261 
LEU C    C  N N 262 
LEU O    O  N N 263 
LEU CB   C  N N 264 
LEU CG   C  N N 265 
LEU CD1  C  N N 266 
LEU CD2  C  N N 267 
LEU OXT  O  N N 268 
LEU H    H  N N 269 
LEU H2   H  N N 270 
LEU HA   H  N N 271 
LEU HB2  H  N N 272 
LEU HB3  H  N N 273 
LEU HG   H  N N 274 
LEU HD11 H  N N 275 
LEU HD12 H  N N 276 
LEU HD13 H  N N 277 
LEU HD21 H  N N 278 
LEU HD22 H  N N 279 
LEU HD23 H  N N 280 
LEU HXT  H  N N 281 
LYS N    N  N N 282 
LYS CA   C  N S 283 
LYS C    C  N N 284 
LYS O    O  N N 285 
LYS CB   C  N N 286 
LYS CG   C  N N 287 
LYS CD   C  N N 288 
LYS CE   C  N N 289 
LYS NZ   N  N N 290 
LYS OXT  O  N N 291 
LYS H    H  N N 292 
LYS H2   H  N N 293 
LYS HA   H  N N 294 
LYS HB2  H  N N 295 
LYS HB3  H  N N 296 
LYS HG2  H  N N 297 
LYS HG3  H  N N 298 
LYS HD2  H  N N 299 
LYS HD3  H  N N 300 
LYS HE2  H  N N 301 
LYS HE3  H  N N 302 
LYS HZ1  H  N N 303 
LYS HZ2  H  N N 304 
LYS HZ3  H  N N 305 
LYS HXT  H  N N 306 
MET N    N  N N 307 
MET CA   C  N S 308 
MET C    C  N N 309 
MET O    O  N N 310 
MET CB   C  N N 311 
MET CG   C  N N 312 
MET SD   S  N N 313 
MET CE   C  N N 314 
MET OXT  O  N N 315 
MET H    H  N N 316 
MET H2   H  N N 317 
MET HA   H  N N 318 
MET HB2  H  N N 319 
MET HB3  H  N N 320 
MET HG2  H  N N 321 
MET HG3  H  N N 322 
MET HE1  H  N N 323 
MET HE2  H  N N 324 
MET HE3  H  N N 325 
MET HXT  H  N N 326 
PHE N    N  N N 327 
PHE CA   C  N S 328 
PHE C    C  N N 329 
PHE O    O  N N 330 
PHE CB   C  N N 331 
PHE CG   C  Y N 332 
PHE CD1  C  Y N 333 
PHE CD2  C  Y N 334 
PHE CE1  C  Y N 335 
PHE CE2  C  Y N 336 
PHE CZ   C  Y N 337 
PHE OXT  O  N N 338 
PHE H    H  N N 339 
PHE H2   H  N N 340 
PHE HA   H  N N 341 
PHE HB2  H  N N 342 
PHE HB3  H  N N 343 
PHE HD1  H  N N 344 
PHE HD2  H  N N 345 
PHE HE1  H  N N 346 
PHE HE2  H  N N 347 
PHE HZ   H  N N 348 
PHE HXT  H  N N 349 
PRO N    N  N N 350 
PRO CA   C  N S 351 
PRO C    C  N N 352 
PRO O    O  N N 353 
PRO CB   C  N N 354 
PRO CG   C  N N 355 
PRO CD   C  N N 356 
PRO OXT  O  N N 357 
PRO H    H  N N 358 
PRO HA   H  N N 359 
PRO HB2  H  N N 360 
PRO HB3  H  N N 361 
PRO HG2  H  N N 362 
PRO HG3  H  N N 363 
PRO HD2  H  N N 364 
PRO HD3  H  N N 365 
PRO HXT  H  N N 366 
SER N    N  N N 367 
SER CA   C  N S 368 
SER C    C  N N 369 
SER O    O  N N 370 
SER CB   C  N N 371 
SER OG   O  N N 372 
SER OXT  O  N N 373 
SER H    H  N N 374 
SER H2   H  N N 375 
SER HA   H  N N 376 
SER HB2  H  N N 377 
SER HB3  H  N N 378 
SER HG   H  N N 379 
SER HXT  H  N N 380 
THR N    N  N N 381 
THR CA   C  N S 382 
THR C    C  N N 383 
THR O    O  N N 384 
THR CB   C  N R 385 
THR OG1  O  N N 386 
THR CG2  C  N N 387 
THR OXT  O  N N 388 
THR H    H  N N 389 
THR H2   H  N N 390 
THR HA   H  N N 391 
THR HB   H  N N 392 
THR HG1  H  N N 393 
THR HG21 H  N N 394 
THR HG22 H  N N 395 
THR HG23 H  N N 396 
THR HXT  H  N N 397 
TRP N    N  N N 398 
TRP CA   C  N S 399 
TRP C    C  N N 400 
TRP O    O  N N 401 
TRP CB   C  N N 402 
TRP CG   C  Y N 403 
TRP CD1  C  Y N 404 
TRP CD2  C  Y N 405 
TRP NE1  N  Y N 406 
TRP CE2  C  Y N 407 
TRP CE3  C  Y N 408 
TRP CZ2  C  Y N 409 
TRP CZ3  C  Y N 410 
TRP CH2  C  Y N 411 
TRP OXT  O  N N 412 
TRP H    H  N N 413 
TRP H2   H  N N 414 
TRP HA   H  N N 415 
TRP HB2  H  N N 416 
TRP HB3  H  N N 417 
TRP HD1  H  N N 418 
TRP HE1  H  N N 419 
TRP HE3  H  N N 420 
TRP HZ2  H  N N 421 
TRP HZ3  H  N N 422 
TRP HH2  H  N N 423 
TRP HXT  H  N N 424 
TYR N    N  N N 425 
TYR CA   C  N S 426 
TYR C    C  N N 427 
TYR O    O  N N 428 
TYR CB   C  N N 429 
TYR CG   C  Y N 430 
TYR CD1  C  Y N 431 
TYR CD2  C  Y N 432 
TYR CE1  C  Y N 433 
TYR CE2  C  Y N 434 
TYR CZ   C  Y N 435 
TYR OH   O  N N 436 
TYR OXT  O  N N 437 
TYR H    H  N N 438 
TYR H2   H  N N 439 
TYR HA   H  N N 440 
TYR HB2  H  N N 441 
TYR HB3  H  N N 442 
TYR HD1  H  N N 443 
TYR HD2  H  N N 444 
TYR HE1  H  N N 445 
TYR HE2  H  N N 446 
TYR HH   H  N N 447 
TYR HXT  H  N N 448 
VAL N    N  N N 449 
VAL CA   C  N S 450 
VAL C    C  N N 451 
VAL O    O  N N 452 
VAL CB   C  N N 453 
VAL CG1  C  N N 454 
VAL CG2  C  N N 455 
VAL OXT  O  N N 456 
VAL H    H  N N 457 
VAL H2   H  N N 458 
VAL HA   H  N N 459 
VAL HB   H  N N 460 
VAL HG11 H  N N 461 
VAL HG12 H  N N 462 
VAL HG13 H  N N 463 
VAL HG21 H  N N 464 
VAL HG22 H  N N 465 
VAL HG23 H  N N 466 
VAL HXT  H  N N 467 
# 
loop_
_chem_comp_bond.comp_id 
_chem_comp_bond.atom_id_1 
_chem_comp_bond.atom_id_2 
_chem_comp_bond.value_order 
_chem_comp_bond.pdbx_aromatic_flag 
_chem_comp_bond.pdbx_stereo_config 
_chem_comp_bond.pdbx_ordinal 
ALA N   CA   sing N N 1   
ALA N   H    sing N N 2   
ALA N   H2   sing N N 3   
ALA CA  C    sing N N 4   
ALA CA  CB   sing N N 5   
ALA CA  HA   sing N N 6   
ALA C   O    doub N N 7   
ALA C   OXT  sing N N 8   
ALA CB  HB1  sing N N 9   
ALA CB  HB2  sing N N 10  
ALA CB  HB3  sing N N 11  
ALA OXT HXT  sing N N 12  
ARG N   CA   sing N N 13  
ARG N   H    sing N N 14  
ARG N   H2   sing N N 15  
ARG CA  C    sing N N 16  
ARG CA  CB   sing N N 17  
ARG CA  HA   sing N N 18  
ARG C   O    doub N N 19  
ARG C   OXT  sing N N 20  
ARG CB  CG   sing N N 21  
ARG CB  HB2  sing N N 22  
ARG CB  HB3  sing N N 23  
ARG CG  CD   sing N N 24  
ARG CG  HG2  sing N N 25  
ARG CG  HG3  sing N N 26  
ARG CD  NE   sing N N 27  
ARG CD  HD2  sing N N 28  
ARG CD  HD3  sing N N 29  
ARG NE  CZ   sing N N 30  
ARG NE  HE   sing N N 31  
ARG CZ  NH1  sing N N 32  
ARG CZ  NH2  doub N N 33  
ARG NH1 HH11 sing N N 34  
ARG NH1 HH12 sing N N 35  
ARG NH2 HH21 sing N N 36  
ARG NH2 HH22 sing N N 37  
ARG OXT HXT  sing N N 38  
ASN N   CA   sing N N 39  
ASN N   H    sing N N 40  
ASN N   H2   sing N N 41  
ASN CA  C    sing N N 42  
ASN CA  CB   sing N N 43  
ASN CA  HA   sing N N 44  
ASN C   O    doub N N 45  
ASN C   OXT  sing N N 46  
ASN CB  CG   sing N N 47  
ASN CB  HB2  sing N N 48  
ASN CB  HB3  sing N N 49  
ASN CG  OD1  doub N N 50  
ASN CG  ND2  sing N N 51  
ASN ND2 HD21 sing N N 52  
ASN ND2 HD22 sing N N 53  
ASN OXT HXT  sing N N 54  
ASP N   CA   sing N N 55  
ASP N   H    sing N N 56  
ASP N   H2   sing N N 57  
ASP CA  C    sing N N 58  
ASP CA  CB   sing N N 59  
ASP CA  HA   sing N N 60  
ASP C   O    doub N N 61  
ASP C   OXT  sing N N 62  
ASP CB  CG   sing N N 63  
ASP CB  HB2  sing N N 64  
ASP CB  HB3  sing N N 65  
ASP CG  OD1  doub N N 66  
ASP CG  OD2  sing N N 67  
ASP OD2 HD2  sing N N 68  
ASP OXT HXT  sing N N 69  
CYS N   CA   sing N N 70  
CYS N   H    sing N N 71  
CYS N   H2   sing N N 72  
CYS CA  C    sing N N 73  
CYS CA  CB   sing N N 74  
CYS CA  HA   sing N N 75  
CYS C   O    doub N N 76  
CYS C   OXT  sing N N 77  
CYS CB  SG   sing N N 78  
CYS CB  HB2  sing N N 79  
CYS CB  HB3  sing N N 80  
CYS SG  HG   sing N N 81  
CYS OXT HXT  sing N N 82  
GLN N   CA   sing N N 83  
GLN N   H    sing N N 84  
GLN N   H2   sing N N 85  
GLN CA  C    sing N N 86  
GLN CA  CB   sing N N 87  
GLN CA  HA   sing N N 88  
GLN C   O    doub N N 89  
GLN C   OXT  sing N N 90  
GLN CB  CG   sing N N 91  
GLN CB  HB2  sing N N 92  
GLN CB  HB3  sing N N 93  
GLN CG  CD   sing N N 94  
GLN CG  HG2  sing N N 95  
GLN CG  HG3  sing N N 96  
GLN CD  OE1  doub N N 97  
GLN CD  NE2  sing N N 98  
GLN NE2 HE21 sing N N 99  
GLN NE2 HE22 sing N N 100 
GLN OXT HXT  sing N N 101 
GLU N   CA   sing N N 102 
GLU N   H    sing N N 103 
GLU N   H2   sing N N 104 
GLU CA  C    sing N N 105 
GLU CA  CB   sing N N 106 
GLU CA  HA   sing N N 107 
GLU C   O    doub N N 108 
GLU C   OXT  sing N N 109 
GLU CB  CG   sing N N 110 
GLU CB  HB2  sing N N 111 
GLU CB  HB3  sing N N 112 
GLU CG  CD   sing N N 113 
GLU CG  HG2  sing N N 114 
GLU CG  HG3  sing N N 115 
GLU CD  OE1  doub N N 116 
GLU CD  OE2  sing N N 117 
GLU OE2 HE2  sing N N 118 
GLU OXT HXT  sing N N 119 
GLY N   CA   sing N N 120 
GLY N   H    sing N N 121 
GLY N   H2   sing N N 122 
GLY CA  C    sing N N 123 
GLY CA  HA2  sing N N 124 
GLY CA  HA3  sing N N 125 
GLY C   O    doub N N 126 
GLY C   OXT  sing N N 127 
GLY OXT HXT  sing N N 128 
HEC FE  NA   sing N N 129 
HEC FE  NB   sing N N 130 
HEC FE  NC   sing N N 131 
HEC FE  ND   sing N N 132 
HEC CHA C1A  doub N N 133 
HEC CHA C4D  sing N N 134 
HEC CHA HHA  sing N N 135 
HEC CHB C4A  doub N N 136 
HEC CHB C1B  sing N N 137 
HEC CHB HHB  sing N N 138 
HEC CHC C4B  doub N N 139 
HEC CHC C1C  sing N N 140 
HEC CHC HHC  sing N N 141 
HEC CHD C4C  doub N N 142 
HEC CHD C1D  sing N N 143 
HEC CHD HHD  sing N N 144 
HEC NA  C1A  sing Y N 145 
HEC NA  C4A  sing Y N 146 
HEC C1A C2A  sing Y N 147 
HEC C2A C3A  doub Y N 148 
HEC C2A CAA  sing N N 149 
HEC C3A C4A  sing Y N 150 
HEC C3A CMA  sing N N 151 
HEC CMA HMA1 sing N N 152 
HEC CMA HMA2 sing N N 153 
HEC CMA HMA3 sing N N 154 
HEC CAA CBA  sing N N 155 
HEC CAA HAA1 sing N N 156 
HEC CAA HAA2 sing N N 157 
HEC CBA CGA  sing N N 158 
HEC CBA HBA1 sing N N 159 
HEC CBA HBA2 sing N N 160 
HEC CGA O1A  doub N N 161 
HEC CGA O2A  sing N N 162 
HEC O2A H2A  sing N N 163 
HEC NB  C1B  sing Y N 164 
HEC NB  C4B  sing Y N 165 
HEC C1B C2B  doub Y N 166 
HEC C2B C3B  sing Y N 167 
HEC C2B CMB  sing N N 168 
HEC C3B C4B  sing Y N 169 
HEC C3B CAB  doub N E 170 
HEC CMB HMB1 sing N N 171 
HEC CMB HMB2 sing N N 172 
HEC CMB HMB3 sing N N 173 
HEC CAB CBB  sing N N 174 
HEC CAB HAB  sing N N 175 
HEC CBB HBB1 sing N N 176 
HEC CBB HBB2 sing N N 177 
HEC CBB HBB3 sing N N 178 
HEC NC  C1C  sing Y N 179 
HEC NC  C4C  sing Y N 180 
HEC C1C C2C  doub Y N 181 
HEC C2C C3C  sing Y N 182 
HEC C2C CMC  sing N N 183 
HEC C3C C4C  sing Y N 184 
HEC C3C CAC  doub N E 185 
HEC CMC HMC1 sing N N 186 
HEC CMC HMC2 sing N N 187 
HEC CMC HMC3 sing N N 188 
HEC CAC CBC  sing N N 189 
HEC CAC HAC  sing N N 190 
HEC CBC HBC1 sing N N 191 
HEC CBC HBC2 sing N N 192 
HEC CBC HBC3 sing N N 193 
HEC ND  C1D  sing Y N 194 
HEC ND  C4D  sing Y N 195 
HEC C1D C2D  doub Y N 196 
HEC C2D C3D  sing Y N 197 
HEC C2D CMD  sing N N 198 
HEC C3D C4D  doub Y N 199 
HEC C3D CAD  sing N N 200 
HEC CMD HMD1 sing N N 201 
HEC CMD HMD2 sing N N 202 
HEC CMD HMD3 sing N N 203 
HEC CAD CBD  sing N N 204 
HEC CAD HAD1 sing N N 205 
HEC CAD HAD2 sing N N 206 
HEC CBD CGD  sing N N 207 
HEC CBD HBD1 sing N N 208 
HEC CBD HBD2 sing N N 209 
HEC CGD O1D  doub N N 210 
HEC CGD O2D  sing N N 211 
HEC O2D H2D  sing N N 212 
HIS N   CA   sing N N 213 
HIS N   H    sing N N 214 
HIS N   H2   sing N N 215 
HIS CA  C    sing N N 216 
HIS CA  CB   sing N N 217 
HIS CA  HA   sing N N 218 
HIS C   O    doub N N 219 
HIS C   OXT  sing N N 220 
HIS CB  CG   sing N N 221 
HIS CB  HB2  sing N N 222 
HIS CB  HB3  sing N N 223 
HIS CG  ND1  sing Y N 224 
HIS CG  CD2  doub Y N 225 
HIS ND1 CE1  doub Y N 226 
HIS ND1 HD1  sing N N 227 
HIS CD2 NE2  sing Y N 228 
HIS CD2 HD2  sing N N 229 
HIS CE1 NE2  sing Y N 230 
HIS CE1 HE1  sing N N 231 
HIS NE2 HE2  sing N N 232 
HIS OXT HXT  sing N N 233 
HOH O   H1   sing N N 234 
HOH O   H2   sing N N 235 
ILE N   CA   sing N N 236 
ILE N   H    sing N N 237 
ILE N   H2   sing N N 238 
ILE CA  C    sing N N 239 
ILE CA  CB   sing N N 240 
ILE CA  HA   sing N N 241 
ILE C   O    doub N N 242 
ILE C   OXT  sing N N 243 
ILE CB  CG1  sing N N 244 
ILE CB  CG2  sing N N 245 
ILE CB  HB   sing N N 246 
ILE CG1 CD1  sing N N 247 
ILE CG1 HG12 sing N N 248 
ILE CG1 HG13 sing N N 249 
ILE CG2 HG21 sing N N 250 
ILE CG2 HG22 sing N N 251 
ILE CG2 HG23 sing N N 252 
ILE CD1 HD11 sing N N 253 
ILE CD1 HD12 sing N N 254 
ILE CD1 HD13 sing N N 255 
ILE OXT HXT  sing N N 256 
LEU N   CA   sing N N 257 
LEU N   H    sing N N 258 
LEU N   H2   sing N N 259 
LEU CA  C    sing N N 260 
LEU CA  CB   sing N N 261 
LEU CA  HA   sing N N 262 
LEU C   O    doub N N 263 
LEU C   OXT  sing N N 264 
LEU CB  CG   sing N N 265 
LEU CB  HB2  sing N N 266 
LEU CB  HB3  sing N N 267 
LEU CG  CD1  sing N N 268 
LEU CG  CD2  sing N N 269 
LEU CG  HG   sing N N 270 
LEU CD1 HD11 sing N N 271 
LEU CD1 HD12 sing N N 272 
LEU CD1 HD13 sing N N 273 
LEU CD2 HD21 sing N N 274 
LEU CD2 HD22 sing N N 275 
LEU CD2 HD23 sing N N 276 
LEU OXT HXT  sing N N 277 
LYS N   CA   sing N N 278 
LYS N   H    sing N N 279 
LYS N   H2   sing N N 280 
LYS CA  C    sing N N 281 
LYS CA  CB   sing N N 282 
LYS CA  HA   sing N N 283 
LYS C   O    doub N N 284 
LYS C   OXT  sing N N 285 
LYS CB  CG   sing N N 286 
LYS CB  HB2  sing N N 287 
LYS CB  HB3  sing N N 288 
LYS CG  CD   sing N N 289 
LYS CG  HG2  sing N N 290 
LYS CG  HG3  sing N N 291 
LYS CD  CE   sing N N 292 
LYS CD  HD2  sing N N 293 
LYS CD  HD3  sing N N 294 
LYS CE  NZ   sing N N 295 
LYS CE  HE2  sing N N 296 
LYS CE  HE3  sing N N 297 
LYS NZ  HZ1  sing N N 298 
LYS NZ  HZ2  sing N N 299 
LYS NZ  HZ3  sing N N 300 
LYS OXT HXT  sing N N 301 
MET N   CA   sing N N 302 
MET N   H    sing N N 303 
MET N   H2   sing N N 304 
MET CA  C    sing N N 305 
MET CA  CB   sing N N 306 
MET CA  HA   sing N N 307 
MET C   O    doub N N 308 
MET C   OXT  sing N N 309 
MET CB  CG   sing N N 310 
MET CB  HB2  sing N N 311 
MET CB  HB3  sing N N 312 
MET CG  SD   sing N N 313 
MET CG  HG2  sing N N 314 
MET CG  HG3  sing N N 315 
MET SD  CE   sing N N 316 
MET CE  HE1  sing N N 317 
MET CE  HE2  sing N N 318 
MET CE  HE3  sing N N 319 
MET OXT HXT  sing N N 320 
PHE N   CA   sing N N 321 
PHE N   H    sing N N 322 
PHE N   H2   sing N N 323 
PHE CA  C    sing N N 324 
PHE CA  CB   sing N N 325 
PHE CA  HA   sing N N 326 
PHE C   O    doub N N 327 
PHE C   OXT  sing N N 328 
PHE CB  CG   sing N N 329 
PHE CB  HB2  sing N N 330 
PHE CB  HB3  sing N N 331 
PHE CG  CD1  doub Y N 332 
PHE CG  CD2  sing Y N 333 
PHE CD1 CE1  sing Y N 334 
PHE CD1 HD1  sing N N 335 
PHE CD2 CE2  doub Y N 336 
PHE CD2 HD2  sing N N 337 
PHE CE1 CZ   doub Y N 338 
PHE CE1 HE1  sing N N 339 
PHE CE2 CZ   sing Y N 340 
PHE CE2 HE2  sing N N 341 
PHE CZ  HZ   sing N N 342 
PHE OXT HXT  sing N N 343 
PRO N   CA   sing N N 344 
PRO N   CD   sing N N 345 
PRO N   H    sing N N 346 
PRO CA  C    sing N N 347 
PRO CA  CB   sing N N 348 
PRO CA  HA   sing N N 349 
PRO C   O    doub N N 350 
PRO C   OXT  sing N N 351 
PRO CB  CG   sing N N 352 
PRO CB  HB2  sing N N 353 
PRO CB  HB3  sing N N 354 
PRO CG  CD   sing N N 355 
PRO CG  HG2  sing N N 356 
PRO CG  HG3  sing N N 357 
PRO CD  HD2  sing N N 358 
PRO CD  HD3  sing N N 359 
PRO OXT HXT  sing N N 360 
SER N   CA   sing N N 361 
SER N   H    sing N N 362 
SER N   H2   sing N N 363 
SER CA  C    sing N N 364 
SER CA  CB   sing N N 365 
SER CA  HA   sing N N 366 
SER C   O    doub N N 367 
SER C   OXT  sing N N 368 
SER CB  OG   sing N N 369 
SER CB  HB2  sing N N 370 
SER CB  HB3  sing N N 371 
SER OG  HG   sing N N 372 
SER OXT HXT  sing N N 373 
THR N   CA   sing N N 374 
THR N   H    sing N N 375 
THR N   H2   sing N N 376 
THR CA  C    sing N N 377 
THR CA  CB   sing N N 378 
THR CA  HA   sing N N 379 
THR C   O    doub N N 380 
THR C   OXT  sing N N 381 
THR CB  OG1  sing N N 382 
THR CB  CG2  sing N N 383 
THR CB  HB   sing N N 384 
THR OG1 HG1  sing N N 385 
THR CG2 HG21 sing N N 386 
THR CG2 HG22 sing N N 387 
THR CG2 HG23 sing N N 388 
THR OXT HXT  sing N N 389 
TRP N   CA   sing N N 390 
TRP N   H    sing N N 391 
TRP N   H2   sing N N 392 
TRP CA  C    sing N N 393 
TRP CA  CB   sing N N 394 
TRP CA  HA   sing N N 395 
TRP C   O    doub N N 396 
TRP C   OXT  sing N N 397 
TRP CB  CG   sing N N 398 
TRP CB  HB2  sing N N 399 
TRP CB  HB3  sing N N 400 
TRP CG  CD1  doub Y N 401 
TRP CG  CD2  sing Y N 402 
TRP CD1 NE1  sing Y N 403 
TRP CD1 HD1  sing N N 404 
TRP CD2 CE2  doub Y N 405 
TRP CD2 CE3  sing Y N 406 
TRP NE1 CE2  sing Y N 407 
TRP NE1 HE1  sing N N 408 
TRP CE2 CZ2  sing Y N 409 
TRP CE3 CZ3  doub Y N 410 
TRP CE3 HE3  sing N N 411 
TRP CZ2 CH2  doub Y N 412 
TRP CZ2 HZ2  sing N N 413 
TRP CZ3 CH2  sing Y N 414 
TRP CZ3 HZ3  sing N N 415 
TRP CH2 HH2  sing N N 416 
TRP OXT HXT  sing N N 417 
TYR N   CA   sing N N 418 
TYR N   H    sing N N 419 
TYR N   H2   sing N N 420 
TYR CA  C    sing N N 421 
TYR CA  CB   sing N N 422 
TYR CA  HA   sing N N 423 
TYR C   O    doub N N 424 
TYR C   OXT  sing N N 425 
TYR CB  CG   sing N N 426 
TYR CB  HB2  sing N N 427 
TYR CB  HB3  sing N N 428 
TYR CG  CD1  doub Y N 429 
TYR CG  CD2  sing Y N 430 
TYR CD1 CE1  sing Y N 431 
TYR CD1 HD1  sing N N 432 
TYR CD2 CE2  doub Y N 433 
TYR CD2 HD2  sing N N 434 
TYR CE1 CZ   doub Y N 435 
TYR CE1 HE1  sing N N 436 
TYR CE2 CZ   sing Y N 437 
TYR CE2 HE2  sing N N 438 
TYR CZ  OH   sing N N 439 
TYR OH  HH   sing N N 440 
TYR OXT HXT  sing N N 441 
VAL N   CA   sing N N 442 
VAL N   H    sing N N 443 
VAL N   H2   sing N N 444 
VAL CA  C    sing N N 445 
VAL CA  CB   sing N N 446 
VAL CA  HA   sing N N 447 
VAL C   O    doub N N 448 
VAL C   OXT  sing N N 449 
VAL CB  CG1  sing N N 450 
VAL CB  CG2  sing N N 451 
VAL CB  HB   sing N N 452 
VAL CG1 HG11 sing N N 453 
VAL CG1 HG12 sing N N 454 
VAL CG1 HG13 sing N N 455 
VAL CG2 HG21 sing N N 456 
VAL CG2 HG22 sing N N 457 
VAL CG2 HG23 sing N N 458 
VAL OXT HXT  sing N N 459 
# 
_pdbx_initial_refinement_model.id               1 
_pdbx_initial_refinement_model.entity_id_list   ? 
_pdbx_initial_refinement_model.type             'experimental model' 
_pdbx_initial_refinement_model.source_name      PDB 
_pdbx_initial_refinement_model.accession_code   5CYT 
_pdbx_initial_refinement_model.details          ? 
# 
_atom_sites.entry_id                    1CO6 
_atom_sites.fract_transf_matrix[1][1]   0.01455581 
_atom_sites.fract_transf_matrix[1][2]   -0.00394051 
_atom_sites.fract_transf_matrix[1][3]   -0.00162666 
_atom_sites.fract_transf_matrix[2][1]   0.00635854 
_atom_sites.fract_transf_matrix[2][2]   -0.00972656 
_atom_sites.fract_transf_matrix[2][3]   0.00974684 
_atom_sites.fract_transf_matrix[3][1]   -0.00673775 
_atom_sites.fract_transf_matrix[3][2]   -0.01891219 
_atom_sites.fract_transf_matrix[3][3]   -0.01447734 
_atom_sites.fract_transf_vector[1]      0.197319 
_atom_sites.fract_transf_vector[2]      -0.236446 
_atom_sites.fract_transf_vector[3]      0.402456 
# 
loop_
_atom_type.symbol 
C  
FE 
N  
O  
S  
# 
loop_
_atom_site.group_PDB 
_atom_site.id 
_atom_site.type_symbol 
_atom_site.label_atom_id 
_atom_site.label_alt_id 
_atom_site.label_comp_id 
_atom_site.label_asym_id 
_atom_site.label_entity_id 
_atom_site.label_seq_id 
_atom_site.pdbx_PDB_ins_code 
_atom_site.Cartn_x 
_atom_site.Cartn_y 
_atom_site.Cartn_z 
_atom_site.occupancy 
_atom_site.B_iso_or_equiv 
_atom_site.pdbx_formal_charge 
_atom_site.auth_seq_id 
_atom_site.auth_comp_id 
_atom_site.auth_asym_id 
_atom_site.auth_atom_id 
_atom_site.pdbx_PDB_model_num 
ATOM   1    N  N   . GLN A 1 1   ? 7.508   -10.288 8.707   1.00 38.62 ? 1   GLN A N   1 
ATOM   2    C  CA  . GLN A 1 1   ? 6.928   -10.603 10.016  1.00 36.35 ? 1   GLN A CA  1 
ATOM   3    C  C   . GLN A 1 1   ? 5.850   -11.663 9.944   1.00 34.86 ? 1   GLN A C   1 
ATOM   4    O  O   . GLN A 1 1   ? 6.036   -12.633 9.178   1.00 35.85 ? 1   GLN A O   1 
ATOM   5    C  CB  . GLN A 1 1   ? 6.485   -9.318  10.683  1.00 37.95 ? 1   GLN A CB  1 
ATOM   6    C  CG  . GLN A 1 1   ? 6.780   -9.352  12.155  1.00 40.46 ? 1   GLN A CG  1 
ATOM   7    C  CD  . GLN A 1 1   ? 8.223   -9.193  12.495  1.00 41.98 ? 1   GLN A CD  1 
ATOM   8    O  OE1 . GLN A 1 1   ? 8.540   -8.424  13.399  1.00 44.44 ? 1   GLN A OE1 1 
ATOM   9    N  NE2 . GLN A 1 1   ? 9.069   -9.911  11.753  1.00 43.94 ? 1   GLN A NE2 1 
ATOM   10   N  N   . ASP A 1 2   ? 4.777   -11.528 10.688  1.00 32.40 ? 2   ASP A N   1 
ATOM   11   C  CA  . ASP A 1 2   ? 3.665   -12.498 10.715  1.00 30.40 ? 2   ASP A CA  1 
ATOM   12   C  C   . ASP A 1 2   ? 2.490   -12.078 9.831   1.00 28.08 ? 2   ASP A C   1 
ATOM   13   O  O   . ASP A 1 2   ? 1.754   -11.128 10.143  1.00 26.50 ? 2   ASP A O   1 
ATOM   14   C  CB  . ASP A 1 2   ? 3.294   -12.659 12.192  1.00 33.04 ? 2   ASP A CB  1 
ATOM   15   C  CG  . ASP A 1 2   ? 2.223   -13.708 12.399  1.00 35.03 ? 2   ASP A CG  1 
ATOM   16   O  OD1 . ASP A 1 2   ? 1.720   -14.263 11.429  1.00 36.08 ? 2   ASP A OD1 1 
ATOM   17   O  OD2 . ASP A 1 2   ? 1.923   -13.993 13.580  1.00 37.98 ? 2   ASP A OD2 1 
ATOM   18   N  N   . ALA A 1 3   ? 2.280   -12.770 8.738   1.00 26.39 ? 3   ALA A N   1 
ATOM   19   C  CA  . ALA A 1 3   ? 1.224   -12.474 7.758   1.00 25.63 ? 3   ALA A CA  1 
ATOM   20   C  C   . ALA A 1 3   ? -0.159  -12.537 8.347   1.00 25.57 ? 3   ALA A C   1 
ATOM   21   O  O   . ALA A 1 3   ? -1.021  -11.700 8.020   1.00 24.75 ? 3   ALA A O   1 
ATOM   22   C  CB  . ALA A 1 3   ? 1.426   -13.292 6.485   1.00 24.78 ? 3   ALA A CB  1 
ATOM   23   N  N   . ALA A 1 4   ? -0.415  -13.470 9.259   1.00 25.26 ? 4   ALA A N   1 
ATOM   24   C  CA  . ALA A 1 4   ? -1.724  -13.603 9.934   1.00 25.15 ? 4   ALA A CA  1 
ATOM   25   C  C   . ALA A 1 4   ? -2.021  -12.309 10.692  1.00 24.39 ? 4   ALA A C   1 
ATOM   26   O  O   . ALA A 1 4   ? -3.149  -11.761 10.656  1.00 24.30 ? 4   ALA A O   1 
ATOM   27   C  CB  . ALA A 1 4   ? -1.742  -14.829 10.855  1.00 23.70 ? 4   ALA A CB  1 
ATOM   28   N  N   . SER A 1 5   ? -0.992  -11.837 11.365  1.00 24.49 ? 5   SER A N   1 
ATOM   29   C  CA  . SER A 1 5   ? -1.030  -10.589 12.126  1.00 24.91 ? 5   SER A CA  1 
ATOM   30   C  C   . SER A 1 5   ? -1.144  -9.382  11.170  1.00 24.63 ? 5   SER A C   1 
ATOM   31   O  O   . SER A 1 5   ? -1.908  -8.471  11.535  1.00 24.83 ? 5   SER A O   1 
ATOM   32   C  CB  . SER A 1 5   ? 0.130   -10.318 13.062  1.00 26.95 ? 5   SER A CB  1 
ATOM   33   O  OG  . SER A 1 5   ? 0.219   -11.379 14.007  1.00 30.92 ? 5   SER A OG  1 
ATOM   34   N  N   . GLY A 1 6   ? -0.474  -9.411  10.035  1.00 24.04 ? 6   GLY A N   1 
ATOM   35   C  CA  . GLY A 1 6   ? -0.568  -8.281  9.091   1.00 23.02 ? 6   GLY A CA  1 
ATOM   36   C  C   . GLY A 1 6   ? -1.974  -8.159  8.500   1.00 22.81 ? 6   GLY A C   1 
ATOM   37   O  O   . GLY A 1 6   ? -2.452  -7.062  8.153   1.00 20.69 ? 6   GLY A O   1 
ATOM   38   N  N   . GLU A 1 7   ? -2.631  -9.315  8.420   1.00 22.44 ? 7   GLU A N   1 
ATOM   39   C  CA  . GLU A 1 7   ? -3.982  -9.385  7.871   1.00 23.41 ? 7   GLU A CA  1 
ATOM   40   C  C   . GLU A 1 7   ? -4.915  -8.520  8.700   1.00 23.23 ? 7   GLU A C   1 
ATOM   41   O  O   . GLU A 1 7   ? -5.765  -7.824  8.107   1.00 23.48 ? 7   GLU A O   1 
ATOM   42   C  CB  . GLU A 1 7   ? -4.517  -10.806 7.727   1.00 25.73 ? 7   GLU A CB  1 
ATOM   43   C  CG  . GLU A 1 7   ? -5.887  -10.856 7.011   1.00 28.88 ? 7   GLU A CG  1 
ATOM   44   C  CD  . GLU A 1 7   ? -6.319  -12.212 6.592   1.00 31.39 ? 7   GLU A CD  1 
ATOM   45   O  OE1 . GLU A 1 7   ? -5.766  -13.246 6.902   1.00 33.45 ? 7   GLU A OE1 1 
ATOM   46   O  OE2 . GLU A 1 7   ? -7.328  -12.188 5.855   1.00 34.13 ? 7   GLU A OE2 1 
ATOM   47   N  N   . GLN A 1 8   ? -4.719  -8.558  10.028  1.00 22.41 ? 8   GLN A N   1 
ATOM   48   C  CA  . GLN A 1 8   ? -5.527  -7.727  10.929  1.00 21.28 ? 8   GLN A CA  1 
ATOM   49   C  C   . GLN A 1 8   ? -5.208  -6.247  10.799  1.00 21.04 ? 8   GLN A C   1 
ATOM   50   O  O   . GLN A 1 8   ? -6.139  -5.445  10.856  1.00 20.53 ? 8   GLN A O   1 
ATOM   51   C  CB  . GLN A 1 8   ? -5.361  -8.104  12.410  1.00 25.96 ? 8   GLN A CB  1 
ATOM   52   C  CG  . GLN A 1 8   ? -5.695  -9.583  12.607  1.00 32.01 ? 8   GLN A CG  1 
ATOM   53   C  CD  . GLN A 1 8   ? -7.197  -9.772  12.394  1.00 35.24 ? 8   GLN A CD  1 
ATOM   54   O  OE1 . GLN A 1 8   ? -7.672  -10.697 11.726  1.00 37.49 ? 8   GLN A OE1 1 
ATOM   55   N  NE2 . GLN A 1 8   ? -7.929  -8.813  12.988  1.00 36.67 ? 8   GLN A NE2 1 
ATOM   56   N  N   . VAL A 1 9   ? -3.922  -5.900  10.709  1.00 19.78 ? 9   VAL A N   1 
ATOM   57   C  CA  . VAL A 1 9   ? -3.557  -4.486  10.532  1.00 19.86 ? 9   VAL A CA  1 
ATOM   58   C  C   . VAL A 1 9   ? -4.164  -4.024  9.190   1.00 17.90 ? 9   VAL A C   1 
ATOM   59   O  O   . VAL A 1 9   ? -4.599  -2.862  9.094   1.00 20.16 ? 9   VAL A O   1 
ATOM   60   C  CB  . VAL A 1 9   ? -2.019  -4.314  10.635  1.00 20.34 ? 9   VAL A CB  1 
ATOM   61   C  CG1 . VAL A 1 9   ? -1.591  -2.891  10.322  1.00 18.94 ? 9   VAL A CG1 1 
ATOM   62   C  CG2 . VAL A 1 9   ? -1.417  -4.764  11.955  1.00 20.57 ? 9   VAL A CG2 1 
ATOM   63   N  N   . PHE A 1 10  ? -4.220  -4.886  8.173   1.00 16.75 ? 10  PHE A N   1 
ATOM   64   C  CA  . PHE A 1 10  ? -4.763  -4.567  6.850   1.00 16.86 ? 10  PHE A CA  1 
ATOM   65   C  C   . PHE A 1 10  ? -6.215  -4.079  6.836   1.00 19.22 ? 10  PHE A C   1 
ATOM   66   O  O   . PHE A 1 10  ? -6.681  -3.411  5.904   1.00 16.86 ? 10  PHE A O   1 
ATOM   67   C  CB  . PHE A 1 10  ? -4.602  -5.691  5.823   1.00 15.71 ? 10  PHE A CB  1 
ATOM   68   C  CG  . PHE A 1 10  ? -4.699  -5.183  4.388   1.00 14.83 ? 10  PHE A CG  1 
ATOM   69   C  CD1 . PHE A 1 10  ? -5.903  -5.321  3.684   1.00 15.09 ? 10  PHE A CD1 1 
ATOM   70   C  CD2 . PHE A 1 10  ? -3.619  -4.499  3.825   1.00 14.25 ? 10  PHE A CD2 1 
ATOM   71   C  CE1 . PHE A 1 10  ? -6.007  -4.860  2.370   1.00 14.43 ? 10  PHE A CE1 1 
ATOM   72   C  CE2 . PHE A 1 10  ? -3.724  -4.016  2.512   1.00 15.51 ? 10  PHE A CE2 1 
ATOM   73   C  CZ  . PHE A 1 10  ? -4.934  -4.185  1.806   1.00 15.01 ? 10  PHE A CZ  1 
ATOM   74   N  N   . LYS A 1 11  ? -6.952  -4.422  7.897   1.00 20.93 ? 11  LYS A N   1 
ATOM   75   C  CA  . LYS A 1 11  ? -8.368  -4.020  8.032   1.00 22.85 ? 11  LYS A CA  1 
ATOM   76   C  C   . LYS A 1 11  ? -8.489  -2.507  7.943   1.00 23.70 ? 11  LYS A C   1 
ATOM   77   O  O   . LYS A 1 11  ? -9.475  -2.058  7.324   1.00 25.78 ? 11  LYS A O   1 
ATOM   78   C  CB  . LYS A 1 11  ? -8.997  -4.621  9.283   1.00 24.76 ? 11  LYS A CB  1 
ATOM   79   C  CG  . LYS A 1 11  ? -9.559  -6.025  9.015   1.00 28.22 ? 11  LYS A CG  1 
ATOM   80   C  CD  . LYS A 1 11  ? -9.456  -6.932  10.219  1.00 31.73 ? 11  LYS A CD  1 
ATOM   81   C  CE  . LYS A 1 11  ? -10.390 -6.541  11.343  1.00 34.34 ? 11  LYS A CE  1 
ATOM   82   N  NZ  . LYS A 1 11  ? -9.880  -5.348  12.076  1.00 36.98 ? 11  LYS A NZ  1 
ATOM   83   N  N   . GLN A 1 12  ? -7.542  -1.752  8.445   1.00 23.52 ? 12  GLN A N   1 
ATOM   84   C  CA  . GLN A 1 12  ? -7.615  -0.273  8.328   1.00 23.17 ? 12  GLN A CA  1 
ATOM   85   C  C   . GLN A 1 12  ? -7.568  0.100   6.854   1.00 21.79 ? 12  GLN A C   1 
ATOM   86   O  O   . GLN A 1 12  ? -8.391  0.894   6.366   1.00 23.03 ? 12  GLN A O   1 
ATOM   87   C  CB  . GLN A 1 12  ? -6.658  0.490   9.198   1.00 27.16 ? 12  GLN A CB  1 
ATOM   88   C  CG  . GLN A 1 12  ? -5.393  -0.067  9.726   1.00 33.68 ? 12  GLN A CG  1 
ATOM   89   C  CD  . GLN A 1 12  ? -4.707  0.786   10.770  1.00 36.59 ? 12  GLN A CD  1 
ATOM   90   O  OE1 . GLN A 1 12  ? -4.032  0.308   11.710  1.00 41.34 ? 12  GLN A OE1 1 
ATOM   91   N  NE2 . GLN A 1 12  ? -4.796  2.108   10.657  1.00 38.10 ? 12  GLN A NE2 1 
ATOM   92   N  N   . CYS A 1 13  ? -6.726  -0.552  6.077   1.00 19.25 ? 13  CYS A N   1 
ATOM   93   C  CA  . CYS A 1 13  ? -6.565  -0.321  4.651   1.00 16.34 ? 13  CYS A CA  1 
ATOM   94   C  C   . CYS A 1 13  ? -7.738  -0.798  3.788   1.00 16.19 ? 13  CYS A C   1 
ATOM   95   O  O   . CYS A 1 13  ? -7.985  -0.160  2.763   1.00 14.05 ? 13  CYS A O   1 
ATOM   96   C  CB  . CYS A 1 13  ? -5.342  -1.119  4.126   1.00 15.00 ? 13  CYS A CB  1 
ATOM   97   S  SG  . CYS A 1 13  ? -3.896  -1.044  5.235   1.00 13.05 ? 13  CYS A SG  1 
ATOM   98   N  N   . LEU A 1 14  ? -8.332  -1.922  4.164   1.00 14.90 ? 14  LEU A N   1 
ATOM   99   C  CA  . LEU A 1 14  ? -9.423  -2.515  3.360   1.00 16.32 ? 14  LEU A CA  1 
ATOM   100  C  C   . LEU A 1 14  ? -10.593 -1.603  2.994   1.00 16.19 ? 14  LEU A C   1 
ATOM   101  O  O   . LEU A 1 14  ? -11.210 -1.851  1.938   1.00 17.24 ? 14  LEU A O   1 
ATOM   102  C  CB  . LEU A 1 14  ? -9.841  -3.793  4.092   1.00 18.00 ? 14  LEU A CB  1 
ATOM   103  C  CG  . LEU A 1 14  ? -10.636 -4.791  3.293   1.00 21.09 ? 14  LEU A CG  1 
ATOM   104  C  CD1 . LEU A 1 14  ? -9.948  -5.179  1.984   1.00 20.83 ? 14  LEU A CD1 1 
ATOM   105  C  CD2 . LEU A 1 14  ? -10.828 -6.026  4.194   1.00 23.16 ? 14  LEU A CD2 1 
ATOM   106  N  N   . VAL A 1 15  ? -10.887 -0.646  3.807   1.00 15.98 ? 15  VAL A N   1 
ATOM   107  C  CA  . VAL A 1 15  ? -11.936 0.359   3.641   1.00 17.51 ? 15  VAL A CA  1 
ATOM   108  C  C   . VAL A 1 15  ? -11.705 1.037   2.286   1.00 17.14 ? 15  VAL A C   1 
ATOM   109  O  O   . VAL A 1 15  ? -12.661 1.273   1.520   1.00 18.48 ? 15  VAL A O   1 
ATOM   110  C  CB  . VAL A 1 15  ? -11.891 1.352   4.809   1.00 18.13 ? 15  VAL A CB  1 
ATOM   111  C  CG1 . VAL A 1 15  ? -12.845 2.518   4.635   1.00 19.61 ? 15  VAL A CG1 1 
ATOM   112  C  CG2 . VAL A 1 15  ? -12.066 0.649   6.175   1.00 18.58 ? 15  VAL A CG2 1 
ATOM   113  N  N   . CYS A 1 16  ? -10.443 1.301   1.965   1.00 14.39 ? 16  CYS A N   1 
ATOM   114  C  CA  . CYS A 1 16  ? -10.147 1.969   0.671   1.00 13.23 ? 16  CYS A CA  1 
ATOM   115  C  C   . CYS A 1 16  ? -9.425  1.160   -0.344  1.00 13.91 ? 16  CYS A C   1 
ATOM   116  O  O   . CYS A 1 16  ? -9.456  1.557   -1.535  1.00 14.54 ? 16  CYS A O   1 
ATOM   117  C  CB  . CYS A 1 16  ? -9.388  3.287   0.954   1.00 11.58 ? 16  CYS A CB  1 
ATOM   118  S  SG  . CYS A 1 16  ? -10.142 4.426   2.163   1.00 12.13 ? 16  CYS A SG  1 
ATOM   119  N  N   . HIS A 1 17  ? -8.819  0.055   0.019   1.00 11.56 ? 17  HIS A N   1 
ATOM   120  C  CA  . HIS A 1 17  ? -8.024  -0.748  -0.921  1.00 12.68 ? 17  HIS A CA  1 
ATOM   121  C  C   . HIS A 1 17  ? -8.433  -2.209  -0.927  1.00 15.30 ? 17  HIS A C   1 
ATOM   122  O  O   . HIS A 1 17  ? -8.861  -2.766  0.111   1.00 16.91 ? 17  HIS A O   1 
ATOM   123  C  CB  . HIS A 1 17  ? -6.530  -0.677  -0.448  1.00 10.86 ? 17  HIS A CB  1 
ATOM   124  C  CG  . HIS A 1 17  ? -5.816  0.615   -0.560  1.00 12.71 ? 17  HIS A CG  1 
ATOM   125  N  ND1 . HIS A 1 17  ? -5.301  1.052   -1.726  1.00 12.17 ? 17  HIS A ND1 1 
ATOM   126  C  CD2 . HIS A 1 17  ? -5.389  1.472   0.399   1.00 9.84  ? 17  HIS A CD2 1 
ATOM   127  C  CE1 . HIS A 1 17  ? -4.692  2.208   -1.488  1.00 11.11 ? 17  HIS A CE1 1 
ATOM   128  N  NE2 . HIS A 1 17  ? -4.676  2.529   -0.164  1.00 14.56 ? 17  HIS A NE2 1 
ATOM   129  N  N   . SER A 1 18  ? -8.298  -2.797  -2.089  1.00 15.20 ? 18  SER A N   1 
ATOM   130  C  CA  . SER A 1 18  ? -8.514  -4.224  -2.309  1.00 16.95 ? 18  SER A CA  1 
ATOM   131  C  C   . SER A 1 18  ? -7.137  -4.911  -2.512  1.00 17.18 ? 18  SER A C   1 
ATOM   132  O  O   . SER A 1 18  ? -6.151  -4.310  -2.973  1.00 16.62 ? 18  SER A O   1 
ATOM   133  C  CB  . SER A 1 18  ? -9.385  -4.500  -3.549  1.00 18.28 ? 18  SER A CB  1 
ATOM   134  O  OG  . SER A 1 18  ? -10.678 -4.051  -3.160  1.00 22.05 ? 18  SER A OG  1 
ATOM   135  N  N   . ILE A 1 19  ? -7.111  -6.185  -2.203  1.00 17.27 ? 19  ILE A N   1 
ATOM   136  C  CA  . ILE A 1 19  ? -5.972  -7.107  -2.331  1.00 18.50 ? 19  ILE A CA  1 
ATOM   137  C  C   . ILE A 1 19  ? -6.522  -8.527  -2.527  1.00 20.57 ? 19  ILE A C   1 
ATOM   138  O  O   . ILE A 1 19  ? -7.655  -8.872  -2.060  1.00 21.51 ? 19  ILE A O   1 
ATOM   139  C  CB  . ILE A 1 19  ? -5.065  -6.941  -1.043  1.00 19.27 ? 19  ILE A CB  1 
ATOM   140  C  CG1 . ILE A 1 19  ? -3.588  -7.329  -1.359  1.00 18.79 ? 19  ILE A CG1 1 
ATOM   141  C  CG2 . ILE A 1 19  ? -5.667  -7.729  0.172   1.00 17.25 ? 19  ILE A CG2 1 
ATOM   142  C  CD1 . ILE A 1 19  ? -2.579  -7.097  -0.181  1.00 20.85 ? 19  ILE A CD1 1 
ATOM   143  N  N   . GLY A 1 20  ? -5.793  -9.410  -3.181  1.00 18.54 ? 20  GLY A N   1 
ATOM   144  C  CA  . GLY A 1 20  ? -6.321  -10.793 -3.349  1.00 19.79 ? 20  GLY A CA  1 
ATOM   145  C  C   . GLY A 1 20  ? -6.970  -10.892 -4.720  1.00 21.03 ? 20  GLY A C   1 
ATOM   146  O  O   . GLY A 1 20  ? -7.029  -9.956  -5.504  1.00 19.31 ? 20  GLY A O   1 
ATOM   147  N  N   . PRO A 1 21  ? -7.458  -12.094 -5.010  1.00 22.36 ? 21  PRO A N   1 
ATOM   148  C  CA  . PRO A 1 21  ? -8.093  -12.428 -6.295  1.00 24.78 ? 21  PRO A CA  1 
ATOM   149  C  C   . PRO A 1 21  ? -9.325  -11.586 -6.551  1.00 25.19 ? 21  PRO A C   1 
ATOM   150  O  O   . PRO A 1 21  ? -10.125 -11.308 -5.628  1.00 27.72 ? 21  PRO A O   1 
ATOM   151  C  CB  . PRO A 1 21  ? -8.322  -13.939 -6.187  1.00 24.87 ? 21  PRO A CB  1 
ATOM   152  C  CG  . PRO A 1 21  ? -7.222  -14.371 -5.220  1.00 24.31 ? 21  PRO A CG  1 
ATOM   153  C  CD  . PRO A 1 21  ? -7.415  -13.285 -4.107  1.00 24.17 ? 21  PRO A CD  1 
ATOM   154  N  N   . GLY A 1 22  ? -9.468  -11.109 -7.770  1.00 25.74 ? 22  GLY A N   1 
ATOM   155  C  CA  . GLY A 1 22  ? -10.603 -10.248 -8.121  1.00 25.93 ? 22  GLY A CA  1 
ATOM   156  C  C   . GLY A 1 22  ? -10.551 -8.858  -7.526  1.00 25.39 ? 22  GLY A C   1 
ATOM   157  O  O   . GLY A 1 22  ? -11.579 -8.160  -7.516  1.00 26.02 ? 22  GLY A O   1 
ATOM   158  N  N   . ALA A 1 23  ? -9.428  -8.389  -7.010  1.00 24.17 ? 23  ALA A N   1 
ATOM   159  C  CA  . ALA A 1 23  ? -9.320  -7.040  -6.439  1.00 23.01 ? 23  ALA A CA  1 
ATOM   160  C  C   . ALA A 1 23  ? -9.613  -6.021  -7.536  1.00 22.28 ? 23  ALA A C   1 
ATOM   161  O  O   . ALA A 1 23  ? -9.153  -6.119  -8.710  1.00 21.58 ? 23  ALA A O   1 
ATOM   162  C  CB  . ALA A 1 23  ? -7.931  -6.889  -5.808  1.00 21.03 ? 23  ALA A CB  1 
ATOM   163  N  N   . LYS A 1 24  ? -10.354 -4.986  -7.170  1.00 21.16 ? 24  LYS A N   1 
ATOM   164  C  CA  . LYS A 1 24  ? -10.690 -3.880  -8.102  1.00 21.28 ? 24  LYS A CA  1 
ATOM   165  C  C   . LYS A 1 24  ? -10.341 -2.551  -7.431  1.00 19.33 ? 24  LYS A C   1 
ATOM   166  O  O   . LYS A 1 24  ? -10.268 -2.524  -6.175  1.00 18.53 ? 24  LYS A O   1 
ATOM   167  C  CB  . LYS A 1 24  ? -12.137 -3.949  -8.561  1.00 26.73 ? 24  LYS A CB  1 
ATOM   168  C  CG  . LYS A 1 24  ? -13.200 -3.353  -7.662  1.00 29.46 ? 24  LYS A CG  1 
ATOM   169  C  CD  . LYS A 1 24  ? -13.048 -3.683  -6.185  1.00 32.19 ? 24  LYS A CD  1 
ATOM   170  C  CE  . LYS A 1 24  ? -13.039 -5.175  -5.877  1.00 32.41 ? 24  LYS A CE  1 
ATOM   171  N  NZ  . LYS A 1 24  ? -12.239 -5.405  -4.649  1.00 32.90 ? 24  LYS A NZ  1 
ATOM   172  N  N   . ASN A 1 25  ? -10.124 -1.517  -8.229  1.00 17.56 ? 25  ASN A N   1 
ATOM   173  C  CA  . ASN A 1 25  ? -9.817  -0.193  -7.669  1.00 16.60 ? 25  ASN A CA  1 
ATOM   174  C  C   . ASN A 1 25  ? -11.024 0.336   -6.885  1.00 16.65 ? 25  ASN A C   1 
ATOM   175  O  O   . ASN A 1 25  ? -12.151 0.108   -7.383  1.00 16.36 ? 25  ASN A O   1 
ATOM   176  C  CB  . ASN A 1 25  ? -9.472  0.759   -8.816  1.00 18.04 ? 25  ASN A CB  1 
ATOM   177  C  CG  . ASN A 1 25  ? -8.127  0.448   -9.418  1.00 18.70 ? 25  ASN A CG  1 
ATOM   178  O  OD1 . ASN A 1 25  ? -7.175  0.159   -8.660  1.00 20.62 ? 25  ASN A OD1 1 
ATOM   179  N  ND2 . ASN A 1 25  ? -8.001  0.506   -10.742 1.00 18.17 ? 25  ASN A ND2 1 
ATOM   180  N  N   . LYS A 1 26  ? -10.793 0.972   -5.761  1.00 15.14 ? 26  LYS A N   1 
ATOM   181  C  CA  . LYS A 1 26  ? -11.889 1.577   -4.930  1.00 15.44 ? 26  LYS A CA  1 
ATOM   182  C  C   . LYS A 1 26  ? -11.532 3.043   -4.680  1.00 15.20 ? 26  LYS A C   1 
ATOM   183  O  O   . LYS A 1 26  ? -11.217 3.729   -5.674  1.00 14.25 ? 26  LYS A O   1 
ATOM   184  C  CB  . LYS A 1 26  ? -12.151 0.827   -3.651  1.00 15.09 ? 26  LYS A CB  1 
ATOM   185  C  CG  . LYS A 1 26  ? -12.588 -0.609  -3.952  1.00 16.03 ? 26  LYS A CG  1 
ATOM   186  C  CD  . LYS A 1 26  ? -12.966 -1.334  -2.674  1.00 16.98 ? 26  LYS A CD  1 
ATOM   187  C  CE  . LYS A 1 26  ? -11.819 -1.428  -1.696  1.00 19.26 ? 26  LYS A CE  1 
ATOM   188  N  NZ  . LYS A 1 26  ? -12.264 -2.032  -0.403  1.00 20.32 ? 26  LYS A NZ  1 
ATOM   189  N  N   . VAL A 1 27  ? -11.630 3.519   -3.441  1.00 14.19 ? 27  VAL A N   1 
ATOM   190  C  CA  . VAL A 1 27  ? -11.211 4.909   -3.179  1.00 14.73 ? 27  VAL A CA  1 
ATOM   191  C  C   . VAL A 1 27  ? -9.676  4.919   -3.462  1.00 14.11 ? 27  VAL A C   1 
ATOM   192  O  O   . VAL A 1 27  ? -9.183  5.918   -3.975  1.00 13.68 ? 27  VAL A O   1 
ATOM   193  C  CB  . VAL A 1 27  ? -11.574 5.452   -1.795  1.00 14.14 ? 27  VAL A CB  1 
ATOM   194  C  CG1 . VAL A 1 27  ? -10.802 6.731   -1.401  1.00 16.23 ? 27  VAL A CG1 1 
ATOM   195  C  CG2 . VAL A 1 27  ? -13.078 5.799   -1.730  1.00 14.44 ? 27  VAL A CG2 1 
ATOM   196  N  N   . GLY A 1 28  ? -9.015  3.796   -3.147  1.00 12.34 ? 28  GLY A N   1 
ATOM   197  C  CA  . GLY A 1 28  ? -7.554  3.723   -3.390  1.00 12.91 ? 28  GLY A CA  1 
ATOM   198  C  C   . GLY A 1 28  ? -7.327  2.591   -4.379  1.00 12.14 ? 28  GLY A C   1 
ATOM   199  O  O   . GLY A 1 28  ? -8.211  1.757   -4.639  1.00 14.23 ? 28  GLY A O   1 
ATOM   200  N  N   . PRO A 1 29  ? -6.120  2.525   -4.918  1.00 12.64 ? 29  PRO A N   1 
ATOM   201  C  CA  . PRO A 1 29  ? -5.783  1.521   -5.935  1.00 13.81 ? 29  PRO A CA  1 
ATOM   202  C  C   . PRO A 1 29  ? -5.486  0.138   -5.383  1.00 13.10 ? 29  PRO A C   1 
ATOM   203  O  O   . PRO A 1 29  ? -5.121  0.003   -4.188  1.00 15.56 ? 29  PRO A O   1 
ATOM   204  C  CB  . PRO A 1 29  ? -4.529  2.088   -6.624  1.00 13.85 ? 29  PRO A CB  1 
ATOM   205  C  CG  . PRO A 1 29  ? -3.842  2.935   -5.569  1.00 13.38 ? 29  PRO A CG  1 
ATOM   206  C  CD  . PRO A 1 29  ? -5.005  3.489   -4.698  1.00 12.13 ? 29  PRO A CD  1 
ATOM   207  N  N   . VAL A 1 30  ? -5.620  -0.838  -6.267  1.00 13.65 ? 30  VAL A N   1 
ATOM   208  C  CA  . VAL A 1 30  ? -5.326  -2.252  -5.835  1.00 13.27 ? 30  VAL A CA  1 
ATOM   209  C  C   . VAL A 1 30  ? -3.886  -2.362  -5.280  1.00 13.56 ? 30  VAL A C   1 
ATOM   210  O  O   . VAL A 1 30  ? -2.928  -1.757  -5.816  1.00 14.61 ? 30  VAL A O   1 
ATOM   211  C  CB  . VAL A 1 30  ? -5.511  -3.219  -7.017  1.00 15.04 ? 30  VAL A CB  1 
ATOM   212  C  CG1 . VAL A 1 30  ? -4.943  -4.591  -6.739  1.00 18.74 ? 30  VAL A CG1 1 
ATOM   213  C  CG2 . VAL A 1 30  ? -6.991  -3.295  -7.381  1.00 16.95 ? 30  VAL A CG2 1 
ATOM   214  N  N   . LEU A 1 31  ? -3.703  -3.166  -4.237  1.00 12.60 ? 31  LEU A N   1 
ATOM   215  C  CA  . LEU A 1 31  ? -2.382  -3.345  -3.616  1.00 11.42 ? 31  LEU A CA  1 
ATOM   216  C  C   . LEU A 1 31  ? -1.739  -4.673  -3.937  1.00 12.39 ? 31  LEU A C   1 
ATOM   217  O  O   . LEU A 1 31  ? -0.758  -4.985  -3.236  1.00 12.44 ? 31  LEU A O   1 
ATOM   218  C  CB  . LEU A 1 31  ? -2.401  -2.999  -2.115  1.00 8.94  ? 31  LEU A CB  1 
ATOM   219  C  CG  . LEU A 1 31  ? -2.733  -1.590  -1.697  1.00 8.89  ? 31  LEU A CG  1 
ATOM   220  C  CD1 . LEU A 1 31  ? -2.715  -1.463  -0.178  1.00 11.95 ? 31  LEU A CD1 1 
ATOM   221  C  CD2 . LEU A 1 31  ? -1.827  -0.509  -2.327  1.00 11.24 ? 31  LEU A CD2 1 
ATOM   222  N  N   . ASN A 1 32  ? -2.227  -5.385  -4.896  1.00 13.39 ? 32  ASN A N   1 
ATOM   223  C  CA  . ASN A 1 32  ? -1.603  -6.658  -5.363  1.00 14.23 ? 32  ASN A CA  1 
ATOM   224  C  C   . ASN A 1 32  ? -0.303  -6.224  -6.072  1.00 13.07 ? 32  ASN A C   1 
ATOM   225  O  O   . ASN A 1 32  ? -0.309  -5.200  -6.788  1.00 14.87 ? 32  ASN A O   1 
ATOM   226  C  CB  . ASN A 1 32  ? -2.491  -7.341  -6.403  1.00 14.85 ? 32  ASN A CB  1 
ATOM   227  C  CG  . ASN A 1 32  ? -3.660  -8.044  -5.729  1.00 18.48 ? 32  ASN A CG  1 
ATOM   228  O  OD1 . ASN A 1 32  ? -3.494  -8.549  -4.610  1.00 18.93 ? 32  ASN A OD1 1 
ATOM   229  N  ND2 . ASN A 1 32  ? -4.786  -8.030  -6.440  1.00 19.12 ? 32  ASN A ND2 1 
ATOM   230  N  N   . GLY A 1 33  ? 0.738   -7.002  -5.887  1.00 13.31 ? 33  GLY A N   1 
ATOM   231  C  CA  . GLY A 1 33  ? 2.058   -6.723  -6.459  1.00 13.20 ? 33  GLY A CA  1 
ATOM   232  C  C   . GLY A 1 33  ? 2.578   -5.344  -6.113  1.00 14.30 ? 33  GLY A C   1 
ATOM   233  O  O   . GLY A 1 33  ? 3.182   -4.669  -6.962  1.00 12.88 ? 33  GLY A O   1 
ATOM   234  N  N   . LEU A 1 34  ? 2.409   -4.854  -4.902  1.00 13.84 ? 34  LEU A N   1 
ATOM   235  C  CA  . LEU A 1 34  ? 2.892   -3.539  -4.537  1.00 14.51 ? 34  LEU A CA  1 
ATOM   236  C  C   . LEU A 1 34  ? 4.418   -3.377  -4.532  1.00 15.44 ? 34  LEU A C   1 
ATOM   237  O  O   . LEU A 1 34  ? 4.917   -2.383  -5.149  1.00 15.40 ? 34  LEU A O   1 
ATOM   238  C  CB  . LEU A 1 34  ? 2.266   -3.114  -3.169  1.00 13.93 ? 34  LEU A CB  1 
ATOM   239  C  CG  . LEU A 1 34  ? 2.845   -1.796  -2.681  1.00 15.29 ? 34  LEU A CG  1 
ATOM   240  C  CD1 . LEU A 1 34  ? 2.290   -0.563  -3.432  1.00 15.11 ? 34  LEU A CD1 1 
ATOM   241  C  CD2 . LEU A 1 34  ? 2.515   -1.666  -1.199  1.00 13.88 ? 34  LEU A CD2 1 
ATOM   242  N  N   . PHE A 1 35  ? 5.156   -4.255  -3.840  1.00 14.82 ? 35  PHE A N   1 
ATOM   243  C  CA  . PHE A 1 35  ? 6.625   -4.029  -3.738  1.00 14.94 ? 35  PHE A CA  1 
ATOM   244  C  C   . PHE A 1 35  ? 7.336   -4.171  -5.074  1.00 16.16 ? 35  PHE A C   1 
ATOM   245  O  O   . PHE A 1 35  ? 7.136   -5.196  -5.718  1.00 14.89 ? 35  PHE A O   1 
ATOM   246  C  CB  . PHE A 1 35  ? 7.216   -4.886  -2.599  1.00 17.27 ? 35  PHE A CB  1 
ATOM   247  C  CG  . PHE A 1 35  ? 6.561   -4.504  -1.280  1.00 18.04 ? 35  PHE A CG  1 
ATOM   248  C  CD1 . PHE A 1 35  ? 6.846   -3.265  -0.720  1.00 18.84 ? 35  PHE A CD1 1 
ATOM   249  C  CD2 . PHE A 1 35  ? 5.682   -5.394  -0.663  1.00 18.35 ? 35  PHE A CD2 1 
ATOM   250  C  CE1 . PHE A 1 35  ? 6.230   -2.889  0.472   1.00 20.46 ? 35  PHE A CE1 1 
ATOM   251  C  CE2 . PHE A 1 35  ? 5.041   -5.031  0.552   1.00 19.45 ? 35  PHE A CE2 1 
ATOM   252  C  CZ  . PHE A 1 35  ? 5.326   -3.775  1.084   1.00 19.58 ? 35  PHE A CZ  1 
ATOM   253  N  N   . GLY A 1 36  ? 8.139   -3.164  -5.390  1.00 15.46 ? 36  GLY A N   1 
ATOM   254  C  CA  . GLY A 1 36  ? 8.921   -3.131  -6.639  1.00 15.75 ? 36  GLY A CA  1 
ATOM   255  C  C   . GLY A 1 36  ? 8.260   -2.261  -7.664  1.00 15.83 ? 36  GLY A C   1 
ATOM   256  O  O   . GLY A 1 36  ? 8.924   -1.819  -8.624  1.00 16.48 ? 36  GLY A O   1 
ATOM   257  N  N   . ARG A 1 37  ? 6.953   -2.009  -7.461  1.00 17.09 ? 37  ARG A N   1 
ATOM   258  C  CA  . ARG A 1 37  ? 6.230   -1.174  -8.475  1.00 16.41 ? 37  ARG A CA  1 
ATOM   259  C  C   . ARG A 1 37  ? 6.497   0.320   -8.282  1.00 16.23 ? 37  ARG A C   1 
ATOM   260  O  O   . ARG A 1 37  ? 6.788   0.778   -7.157  1.00 14.11 ? 37  ARG A O   1 
ATOM   261  C  CB  . ARG A 1 37  ? 4.788   -1.636  -8.501  1.00 17.74 ? 37  ARG A CB  1 
ATOM   262  C  CG  . ARG A 1 37  ? 3.703   -0.854  -7.784  1.00 19.60 ? 37  ARG A CG  1 
ATOM   263  C  CD  . ARG A 1 37  ? 2.341   -1.436  -8.255  1.00 19.31 ? 37  ARG A CD  1 
ATOM   264  N  NE  . ARG A 1 37  ? 1.343   -0.669  -7.521  1.00 20.89 ? 37  ARG A NE  1 
ATOM   265  C  CZ  . ARG A 1 37  ? 0.260   -1.117  -6.856  1.00 20.69 ? 37  ARG A CZ  1 
ATOM   266  N  NH1 . ARG A 1 37  ? -0.562  -0.257  -6.208  1.00 19.25 ? 37  ARG A NH1 1 
ATOM   267  N  NH2 . ARG A 1 37  ? -0.041  -2.418  -6.794  1.00 19.42 ? 37  ARG A NH2 1 
ATOM   268  N  N   . HIS A 1 38  ? 6.483   1.057   -9.392  1.00 16.34 ? 38  HIS A N   1 
ATOM   269  C  CA  . HIS A 1 38  ? 6.666   2.529   -9.418  1.00 17.11 ? 38  HIS A CA  1 
ATOM   270  C  C   . HIS A 1 38  ? 5.342   3.150   -8.997  1.00 15.51 ? 38  HIS A C   1 
ATOM   271  O  O   . HIS A 1 38  ? 4.249   2.632   -9.303  1.00 14.74 ? 38  HIS A O   1 
ATOM   272  C  CB  . HIS A 1 38  ? 7.121   3.028   -10.825 1.00 19.46 ? 38  HIS A CB  1 
ATOM   273  C  CG  . HIS A 1 38  ? 8.562   2.684   -11.054 1.00 25.47 ? 38  HIS A CG  1 
ATOM   274  N  ND1 . HIS A 1 38  ? 9.572   3.588   -11.235 1.00 27.39 ? 38  HIS A ND1 1 
ATOM   275  C  CD2 . HIS A 1 38  ? 9.176   1.454   -11.052 1.00 27.72 ? 38  HIS A CD2 1 
ATOM   276  C  CE1 . HIS A 1 38  ? 10.726  2.933   -11.371 1.00 28.51 ? 38  HIS A CE1 1 
ATOM   277  N  NE2 . HIS A 1 38  ? 10.522  1.636   -11.248 1.00 27.61 ? 38  HIS A NE2 1 
ATOM   278  N  N   . SER A 1 39  ? 5.399   4.220   -8.253  1.00 16.17 ? 39  SER A N   1 
ATOM   279  C  CA  . SER A 1 39  ? 4.122   4.852   -7.791  1.00 16.48 ? 39  SER A CA  1 
ATOM   280  C  C   . SER A 1 39  ? 3.329   5.369   -8.982  1.00 16.19 ? 39  SER A C   1 
ATOM   281  O  O   . SER A 1 39  ? 3.905   5.757   -10.021 1.00 15.83 ? 39  SER A O   1 
ATOM   282  C  CB  . SER A 1 39  ? 4.358   5.955   -6.760  1.00 17.13 ? 39  SER A CB  1 
ATOM   283  O  OG  . SER A 1 39  ? 5.133   6.993   -7.304  1.00 20.86 ? 39  SER A OG  1 
ATOM   284  N  N   . GLY A 1 40  ? 2.032   5.441   -8.792  1.00 15.66 ? 40  GLY A N   1 
ATOM   285  C  CA  . GLY A 1 40  ? 1.113   5.963   -9.788  1.00 16.50 ? 40  GLY A CA  1 
ATOM   286  C  C   . GLY A 1 40  ? 0.965   5.174   -11.050 1.00 17.11 ? 40  GLY A C   1 
ATOM   287  O  O   . GLY A 1 40  ? 0.641   5.815   -12.096 1.00 17.69 ? 40  GLY A O   1 
ATOM   288  N  N   . THR A 1 41  ? 1.126   3.861   -11.036 1.00 17.89 ? 41  THR A N   1 
ATOM   289  C  CA  . THR A 1 41  ? 0.992   3.109   -12.275 1.00 18.56 ? 41  THR A CA  1 
ATOM   290  C  C   . THR A 1 41  ? -0.163  2.161   -12.368 1.00 19.74 ? 41  THR A C   1 
ATOM   291  O  O   . THR A 1 41  ? -0.219  1.602   -13.491 1.00 21.75 ? 41  THR A O   1 
ATOM   292  C  CB  . THR A 1 41  ? 2.405   2.487   -12.637 1.00 19.07 ? 41  THR A CB  1 
ATOM   293  O  OG1 . THR A 1 41  ? 2.724   1.398   -11.741 1.00 19.01 ? 41  THR A OG1 1 
ATOM   294  C  CG2 . THR A 1 41  ? 3.538   3.540   -12.618 1.00 18.05 ? 41  THR A CG2 1 
ATOM   295  N  N   . ILE A 1 42  ? -1.028  1.934   -11.423 1.00 19.72 ? 42  ILE A N   1 
ATOM   296  C  CA  . ILE A 1 42  ? -2.170  1.006   -11.582 1.00 21.18 ? 42  ILE A CA  1 
ATOM   297  C  C   . ILE A 1 42  ? -3.090  1.641   -12.626 1.00 22.27 ? 42  ILE A C   1 
ATOM   298  O  O   . ILE A 1 42  ? -3.457  2.804   -12.481 1.00 23.03 ? 42  ILE A O   1 
ATOM   299  C  CB  . ILE A 1 42  ? -2.954  0.658   -10.276 1.00 21.15 ? 42  ILE A CB  1 
ATOM   300  C  CG1 . ILE A 1 42  ? -2.084  -0.238  -9.354  1.00 19.75 ? 42  ILE A CG1 1 
ATOM   301  C  CG2 . ILE A 1 42  ? -4.363  -0.009  -10.527 1.00 19.35 ? 42  ILE A CG2 1 
ATOM   302  C  CD1 . ILE A 1 42  ? -1.326  -1.425  -10.029 1.00 20.28 ? 42  ILE A CD1 1 
ATOM   303  N  N   . GLU A 1 43  ? -3.405  0.876   -13.650 1.00 24.92 ? 43  GLU A N   1 
ATOM   304  C  CA  . GLU A 1 43  ? -4.254  1.382   -14.739 1.00 26.50 ? 43  GLU A CA  1 
ATOM   305  C  C   . GLU A 1 43  ? -5.678  1.566   -14.253 1.00 25.35 ? 43  GLU A C   1 
ATOM   306  O  O   . GLU A 1 43  ? -6.213  0.767   -13.465 1.00 25.09 ? 43  GLU A O   1 
ATOM   307  C  CB  . GLU A 1 43  ? -4.095  0.503   -15.979 1.00 31.95 ? 43  GLU A CB  1 
ATOM   308  C  CG  . GLU A 1 43  ? -3.863  -0.968  -15.917 1.00 39.27 ? 43  GLU A CG  1 
ATOM   309  C  CD  . GLU A 1 43  ? -2.707  -1.801  -15.492 1.00 43.87 ? 43  GLU A CD  1 
ATOM   310  O  OE1 . GLU A 1 43  ? -1.887  -1.673  -14.572 1.00 44.12 ? 43  GLU A OE1 1 
ATOM   311  O  OE2 . GLU A 1 43  ? -2.632  -2.866  -16.233 1.00 46.43 ? 43  GLU A OE2 1 
ATOM   312  N  N   . GLY A 1 44  ? -6.270  2.674   -14.651 1.00 25.17 ? 44  GLY A N   1 
ATOM   313  C  CA  . GLY A 1 44  ? -7.668  2.963   -14.269 1.00 24.46 ? 44  GLY A CA  1 
ATOM   314  C  C   . GLY A 1 44  ? -7.797  3.658   -12.917 1.00 22.87 ? 44  GLY A C   1 
ATOM   315  O  O   . GLY A 1 44  ? -8.937  3.859   -12.420 1.00 24.52 ? 44  GLY A O   1 
ATOM   316  N  N   . PHE A 1 45  ? -6.662  3.967   -12.303 1.00 20.64 ? 45  PHE A N   1 
ATOM   317  C  CA  . PHE A 1 45  ? -6.782  4.654   -11.007 1.00 18.64 ? 45  PHE A CA  1 
ATOM   318  C  C   . PHE A 1 45  ? -6.431  6.107   -11.286 1.00 16.76 ? 45  PHE A C   1 
ATOM   319  O  O   . PHE A 1 45  ? -5.441  6.319   -11.982 1.00 15.83 ? 45  PHE A O   1 
ATOM   320  C  CB  . PHE A 1 45  ? -5.955  4.065   -9.854  1.00 16.53 ? 45  PHE A CB  1 
ATOM   321  C  CG  . PHE A 1 45  ? -6.300  4.815   -8.560  1.00 15.22 ? 45  PHE A CG  1 
ATOM   322  C  CD1 . PHE A 1 45  ? -7.531  4.502   -7.933  1.00 13.32 ? 45  PHE A CD1 1 
ATOM   323  C  CD2 . PHE A 1 45  ? -5.487  5.825   -8.062  1.00 12.17 ? 45  PHE A CD2 1 
ATOM   324  C  CE1 . PHE A 1 45  ? -7.938  5.156   -6.797  1.00 11.81 ? 45  PHE A CE1 1 
ATOM   325  C  CE2 . PHE A 1 45  ? -5.866  6.514   -6.931  1.00 12.53 ? 45  PHE A CE2 1 
ATOM   326  C  CZ  . PHE A 1 45  ? -7.107  6.167   -6.280  1.00 12.12 ? 45  PHE A CZ  1 
ATOM   327  N  N   . ALA A 1 46  ? -7.229  7.009   -10.739 1.00 16.13 ? 46  ALA A N   1 
ATOM   328  C  CA  . ALA A 1 46  ? -6.993  8.456   -10.884 1.00 16.78 ? 46  ALA A CA  1 
ATOM   329  C  C   . ALA A 1 46  ? -6.139  8.968   -9.725  1.00 15.88 ? 46  ALA A C   1 
ATOM   330  O  O   . ALA A 1 46  ? -6.563  9.491   -8.692  1.00 16.24 ? 46  ALA A O   1 
ATOM   331  C  CB  . ALA A 1 46  ? -8.310  9.220   -11.008 1.00 18.89 ? 46  ALA A CB  1 
ATOM   332  N  N   . TYR A 1 47  ? -4.839  8.874   -9.957  1.00 14.53 ? 47  TYR A N   1 
ATOM   333  C  CA  . TYR A 1 47  ? -3.841  9.323   -8.967  1.00 15.90 ? 47  TYR A CA  1 
ATOM   334  C  C   . TYR A 1 47  ? -3.712  10.840  -8.944  1.00 16.30 ? 47  TYR A C   1 
ATOM   335  O  O   . TYR A 1 47  ? -3.979  11.482  -9.980  1.00 17.24 ? 47  TYR A O   1 
ATOM   336  C  CB  . TYR A 1 47  ? -2.454  8.776   -9.358  1.00 15.05 ? 47  TYR A CB  1 
ATOM   337  C  CG  . TYR A 1 47  ? -2.236  7.290   -9.154  1.00 13.90 ? 47  TYR A CG  1 
ATOM   338  C  CD1 . TYR A 1 47  ? -2.356  6.404   -10.205 1.00 12.94 ? 47  TYR A CD1 1 
ATOM   339  C  CD2 . TYR A 1 47  ? -1.876  6.819   -7.888  1.00 12.83 ? 47  TYR A CD2 1 
ATOM   340  C  CE1 . TYR A 1 47  ? -2.153  5.034   -10.013 1.00 14.02 ? 47  TYR A CE1 1 
ATOM   341  C  CE2 . TYR A 1 47  ? -1.639  5.459   -7.681  1.00 13.44 ? 47  TYR A CE2 1 
ATOM   342  C  CZ  . TYR A 1 47  ? -1.777  4.584   -8.744  1.00 13.86 ? 47  TYR A CZ  1 
ATOM   343  O  OH  . TYR A 1 47  ? -1.513  3.250   -8.556  1.00 14.65 ? 47  TYR A OH  1 
ATOM   344  N  N   . SER A 1 48  ? -3.292  11.310  -7.786  1.00 15.06 ? 48  SER A N   1 
ATOM   345  C  CA  . SER A 1 48  ? -3.002  12.747  -7.642  1.00 15.09 ? 48  SER A CA  1 
ATOM   346  C  C   . SER A 1 48  ? -1.660  12.955  -8.396  1.00 15.29 ? 48  SER A C   1 
ATOM   347  O  O   . SER A 1 48  ? -0.909  12.004  -8.666  1.00 14.74 ? 48  SER A O   1 
ATOM   348  C  CB  . SER A 1 48  ? -2.731  13.205  -6.233  1.00 15.45 ? 48  SER A CB  1 
ATOM   349  O  OG  . SER A 1 48  ? -1.681  12.429  -5.650  1.00 14.40 ? 48  SER A OG  1 
ATOM   350  N  N   . ASP A 1 49  ? -1.361  14.174  -8.769  1.00 15.94 ? 49  ASP A N   1 
ATOM   351  C  CA  . ASP A 1 49  ? -0.075  14.514  -9.374  1.00 15.30 ? 49  ASP A CA  1 
ATOM   352  C  C   . ASP A 1 49  ? 1.011   14.237  -8.312  1.00 13.06 ? 49  ASP A C   1 
ATOM   353  O  O   . ASP A 1 49  ? 2.086   13.722  -8.659  1.00 13.51 ? 49  ASP A O   1 
ATOM   354  C  CB  . ASP A 1 49  ? -0.035  16.023  -9.702  1.00 17.95 ? 49  ASP A CB  1 
ATOM   355  C  CG  . ASP A 1 49  ? -0.643  16.313  -11.061 1.00 19.88 ? 49  ASP A CG  1 
ATOM   356  O  OD1 . ASP A 1 49  ? -0.999  15.444  -11.853 1.00 24.19 ? 49  ASP A OD1 1 
ATOM   357  O  OD2 . ASP A 1 49  ? -0.819  17.506  -11.340 1.00 24.06 ? 49  ASP A OD2 1 
ATOM   358  N  N   . ALA A 1 50  ? 0.717   14.589  -7.079  1.00 12.71 ? 50  ALA A N   1 
ATOM   359  C  CA  . ALA A 1 50  ? 1.592   14.392  -5.932  1.00 11.64 ? 50  ALA A CA  1 
ATOM   360  C  C   . ALA A 1 50  ? 2.106   12.931  -5.962  1.00 12.05 ? 50  ALA A C   1 
ATOM   361  O  O   . ALA A 1 50  ? 3.334   12.732  -5.812  1.00 11.74 ? 50  ALA A O   1 
ATOM   362  C  CB  . ALA A 1 50  ? 0.882   14.724  -4.631  1.00 10.55 ? 50  ALA A CB  1 
ATOM   363  N  N   . ASN A 1 51  ? 1.231   11.927  -6.127  1.00 11.55 ? 51  ASN A N   1 
ATOM   364  C  CA  . ASN A 1 51  ? 1.728   10.548  -6.162  1.00 11.84 ? 51  ASN A CA  1 
ATOM   365  C  C   . ASN A 1 51  ? 2.350   10.185  -7.514  1.00 13.52 ? 51  ASN A C   1 
ATOM   366  O  O   . ASN A 1 51  ? 3.509   9.722   -7.610  1.00 16.11 ? 51  ASN A O   1 
ATOM   367  C  CB  . ASN A 1 51  ? 0.548   9.621   -5.768  1.00 11.67 ? 51  ASN A CB  1 
ATOM   368  C  CG  . ASN A 1 51  ? 0.931   8.173   -5.979  1.00 13.41 ? 51  ASN A CG  1 
ATOM   369  O  OD1 . ASN A 1 51  ? 1.196   7.716   -7.111  1.00 15.49 ? 51  ASN A OD1 1 
ATOM   370  N  ND2 . ASN A 1 51  ? 1.010   7.409   -4.912  1.00 16.48 ? 51  ASN A ND2 1 
ATOM   371  N  N   . LYS A 1 52  ? 1.672   10.397  -8.603  1.00 15.13 ? 52  LYS A N   1 
ATOM   372  C  CA  . LYS A 1 52  ? 2.105   10.051  -9.943  1.00 15.30 ? 52  LYS A CA  1 
ATOM   373  C  C   . LYS A 1 52  ? 3.467   10.576  -10.360 1.00 14.81 ? 52  LYS A C   1 
ATOM   374  O  O   . LYS A 1 52  ? 4.199   9.842   -11.027 1.00 13.58 ? 52  LYS A O   1 
ATOM   375  C  CB  . LYS A 1 52  ? 1.069   10.679  -10.888 1.00 19.71 ? 52  LYS A CB  1 
ATOM   376  C  CG  . LYS A 1 52  ? 0.806   10.136  -12.266 1.00 24.14 ? 52  LYS A CG  1 
ATOM   377  C  CD  . LYS A 1 52  ? -0.526  10.759  -12.716 1.00 28.32 ? 52  LYS A CD  1 
ATOM   378  C  CE  . LYS A 1 52  ? -0.670  12.262  -12.645 1.00 30.58 ? 52  LYS A CE  1 
ATOM   379  N  NZ  . LYS A 1 52  ? -2.035  12.677  -12.169 1.00 29.43 ? 52  LYS A NZ  1 
ATOM   380  N  N   . ASN A 1 53  ? 3.754   11.821  -10.035 1.00 15.03 ? 53  ASN A N   1 
ATOM   381  C  CA  . ASN A 1 53  ? 5.033   12.469  -10.396 1.00 14.33 ? 53  ASN A CA  1 
ATOM   382  C  C   . ASN A 1 53  ? 6.094   12.384  -9.312  1.00 16.68 ? 53  ASN A C   1 
ATOM   383  O  O   . ASN A 1 53  ? 7.180   12.958  -9.509  1.00 17.17 ? 53  ASN A O   1 
ATOM   384  C  CB  . ASN A 1 53  ? 4.806   13.941  -10.801 1.00 12.95 ? 53  ASN A CB  1 
ATOM   385  C  CG  . ASN A 1 53  ? 3.822   14.034  -11.969 1.00 10.29 ? 53  ASN A CG  1 
ATOM   386  O  OD1 . ASN A 1 53  ? 3.732   13.218  -12.894 1.00 14.12 ? 53  ASN A OD1 1 
ATOM   387  N  ND2 . ASN A 1 53  ? 2.954   15.074  -11.920 1.00 12.54 ? 53  ASN A ND2 1 
ATOM   388  N  N   . SER A 1 54  ? 5.856   11.640  -8.236  1.00 14.88 ? 54  SER A N   1 
ATOM   389  C  CA  . SER A 1 54  ? 6.813   11.567  -7.123  1.00 15.12 ? 54  SER A CA  1 
ATOM   390  C  C   . SER A 1 54  ? 8.119   10.883  -7.452  1.00 16.43 ? 54  SER A C   1 
ATOM   391  O  O   . SER A 1 54  ? 9.084   11.158  -6.691  1.00 17.24 ? 54  SER A O   1 
ATOM   392  C  CB  . SER A 1 54  ? 6.168   10.851  -5.936  1.00 14.72 ? 54  SER A CB  1 
ATOM   393  O  OG  . SER A 1 54  ? 6.022   9.434   -6.165  1.00 14.09 ? 54  SER A OG  1 
ATOM   394  N  N   . GLY A 1 55  ? 8.113   9.996   -8.405  1.00 17.80 ? 55  GLY A N   1 
ATOM   395  C  CA  . GLY A 1 55  ? 9.343   9.236   -8.768  1.00 18.83 ? 55  GLY A CA  1 
ATOM   396  C  C   . GLY A 1 55  ? 9.657   8.134   -7.779  1.00 19.91 ? 55  GLY A C   1 
ATOM   397  O  O   . GLY A 1 55  ? 10.786  7.588   -7.722  1.00 19.73 ? 55  GLY A O   1 
ATOM   398  N  N   . ILE A 1 56  ? 8.678   7.750   -6.960  1.00 17.52 ? 56  ILE A N   1 
ATOM   399  C  CA  . ILE A 1 56  ? 8.956   6.714   -5.969  1.00 18.06 ? 56  ILE A CA  1 
ATOM   400  C  C   . ILE A 1 56  ? 8.801   5.313   -6.559  1.00 17.53 ? 56  ILE A C   1 
ATOM   401  O  O   . ILE A 1 56  ? 7.958   4.997   -7.397  1.00 17.05 ? 56  ILE A O   1 
ATOM   402  C  CB  . ILE A 1 56  ? 7.968   6.848   -4.745  1.00 18.04 ? 56  ILE A CB  1 
ATOM   403  C  CG1 . ILE A 1 56  ? 8.420   7.972   -3.810  1.00 19.02 ? 56  ILE A CG1 1 
ATOM   404  C  CG2 . ILE A 1 56  ? 7.691   5.541   -3.962  1.00 16.99 ? 56  ILE A CG2 1 
ATOM   405  C  CD1 . ILE A 1 56  ? 7.363   8.302   -2.717  1.00 21.11 ? 56  ILE A CD1 1 
ATOM   406  N  N   . THR A 1 57  ? 9.685   4.470   -6.029  1.00 16.83 ? 57  THR A N   1 
ATOM   407  C  CA  . THR A 1 57  ? 9.621   3.031   -6.327  1.00 16.76 ? 57  THR A CA  1 
ATOM   408  C  C   . THR A 1 57  ? 9.283   2.417   -4.953  1.00 17.16 ? 57  THR A C   1 
ATOM   409  O  O   . THR A 1 57  ? 10.010  2.717   -3.964  1.00 15.02 ? 57  THR A O   1 
ATOM   410  C  CB  . THR A 1 57  ? 10.919  2.411   -6.956  1.00 18.31 ? 57  THR A CB  1 
ATOM   411  O  OG1 . THR A 1 57  ? 11.043  3.148   -8.203  1.00 18.94 ? 57  THR A OG1 1 
ATOM   412  C  CG2 . THR A 1 57  ? 10.771  0.896   -7.153  1.00 17.84 ? 57  THR A CG2 1 
ATOM   413  N  N   . TRP A 1 58  ? 8.273   1.571   -4.891  1.00 16.64 ? 58  TRP A N   1 
ATOM   414  C  CA  . TRP A 1 58  ? 7.880   0.986   -3.595  1.00 16.32 ? 58  TRP A CA  1 
ATOM   415  C  C   . TRP A 1 58  ? 8.713   -0.191  -3.114  1.00 16.59 ? 58  TRP A C   1 
ATOM   416  O  O   . TRP A 1 58  ? 8.398   -1.341  -3.405  1.00 19.18 ? 58  TRP A O   1 
ATOM   417  C  CB  . TRP A 1 58  ? 6.384   0.597   -3.601  1.00 15.95 ? 58  TRP A CB  1 
ATOM   418  C  CG  . TRP A 1 58  ? 5.498   1.779   -3.765  1.00 15.75 ? 58  TRP A CG  1 
ATOM   419  C  CD1 . TRP A 1 58  ? 4.726   2.062   -4.844  1.00 13.38 ? 58  TRP A CD1 1 
ATOM   420  C  CD2 . TRP A 1 58  ? 5.279   2.824   -2.820  1.00 13.82 ? 58  TRP A CD2 1 
ATOM   421  N  NE1 . TRP A 1 58  ? 4.017   3.220   -4.610  1.00 14.91 ? 58  TRP A NE1 1 
ATOM   422  C  CE2 . TRP A 1 58  ? 4.320   3.693   -3.373  1.00 14.04 ? 58  TRP A CE2 1 
ATOM   423  C  CE3 . TRP A 1 58  ? 5.780   3.084   -1.527  1.00 14.71 ? 58  TRP A CE3 1 
ATOM   424  C  CZ2 . TRP A 1 58  ? 3.894   4.857   -2.725  1.00 14.06 ? 58  TRP A CZ2 1 
ATOM   425  C  CZ3 . TRP A 1 58  ? 5.355   4.230   -0.876  1.00 15.37 ? 58  TRP A CZ3 1 
ATOM   426  C  CH2 . TRP A 1 58  ? 4.401   5.083   -1.444  1.00 14.79 ? 58  TRP A CH2 1 
ATOM   427  N  N   . THR A 1 59  ? 9.721   0.148   -2.385  1.00 16.69 ? 59  THR A N   1 
ATOM   428  C  CA  . THR A 1 59  ? 10.622  -0.830  -1.750  1.00 16.88 ? 59  THR A CA  1 
ATOM   429  C  C   . THR A 1 59  ? 10.035  -0.900  -0.343  1.00 17.40 ? 59  THR A C   1 
ATOM   430  O  O   . THR A 1 59  ? 9.229   -0.011  0.019   1.00 15.78 ? 59  THR A O   1 
ATOM   431  C  CB  . THR A 1 59  ? 12.108  -0.283  -1.723  1.00 15.35 ? 59  THR A CB  1 
ATOM   432  O  OG1 . THR A 1 59  ? 12.120  0.911   -0.887  1.00 16.26 ? 59  THR A OG1 1 
ATOM   433  C  CG2 . THR A 1 59  ? 12.723  0.007   -3.103  1.00 16.81 ? 59  THR A CG2 1 
ATOM   434  N  N   . GLU A 1 60  ? 10.483  -1.887  0.419   1.00 19.43 ? 60  GLU A N   1 
ATOM   435  C  CA  . GLU A 1 60  ? 10.066  -2.046  1.817   1.00 20.94 ? 60  GLU A CA  1 
ATOM   436  C  C   . GLU A 1 60  ? 10.438  -0.869  2.681   1.00 20.66 ? 60  GLU A C   1 
ATOM   437  O  O   . GLU A 1 60  ? 9.572   -0.427  3.467   1.00 20.49 ? 60  GLU A O   1 
ATOM   438  C  CB  . GLU A 1 60  ? 10.626  -3.295  2.486   1.00 23.82 ? 60  GLU A CB  1 
ATOM   439  C  CG  . GLU A 1 60  ? 9.998   -4.624  2.079   1.00 26.76 ? 60  GLU A CG  1 
ATOM   440  C  CD  . GLU A 1 60  ? 10.374  -5.756  3.003   1.00 30.16 ? 60  GLU A CD  1 
ATOM   441  O  OE1 . GLU A 1 60  ? 10.675  -5.625  4.189   1.00 32.21 ? 60  GLU A OE1 1 
ATOM   442  O  OE2 . GLU A 1 60  ? 10.328  -6.847  2.395   1.00 32.94 ? 60  GLU A OE2 1 
ATOM   443  N  N   . GLU A 1 61  ? 11.656  -0.367  2.532   1.00 20.14 ? 61  GLU A N   1 
ATOM   444  C  CA  . GLU A 1 61  ? 12.132  0.784   3.352   1.00 21.32 ? 61  GLU A CA  1 
ATOM   445  C  C   . GLU A 1 61  ? 11.309  2.043   3.082   1.00 18.91 ? 61  GLU A C   1 
ATOM   446  O  O   . GLU A 1 61  ? 10.884  2.748   4.024   1.00 17.67 ? 61  GLU A O   1 
ATOM   447  C  CB  . GLU A 1 61  ? 13.605  0.942   3.059   1.00 25.55 ? 61  GLU A CB  1 
ATOM   448  C  CG  . GLU A 1 61  ? 14.541  2.053   3.410   1.00 33.89 ? 61  GLU A CG  1 
ATOM   449  C  CD  . GLU A 1 61  ? 15.770  2.233   2.548   1.00 37.85 ? 61  GLU A CD  1 
ATOM   450  O  OE1 . GLU A 1 61  ? 16.939  2.425   2.899   1.00 40.40 ? 61  GLU A OE1 1 
ATOM   451  O  OE2 . GLU A 1 61  ? 15.470  2.165   1.317   1.00 40.80 ? 61  GLU A OE2 1 
ATOM   452  N  N   . VAL A 1 62  ? 11.080  2.311   1.795   1.00 17.23 ? 62  VAL A N   1 
ATOM   453  C  CA  . VAL A 1 62  ? 10.246  3.467   1.385   1.00 18.02 ? 62  VAL A CA  1 
ATOM   454  C  C   . VAL A 1 62  ? 8.792   3.247   1.864   1.00 16.31 ? 62  VAL A C   1 
ATOM   455  O  O   . VAL A 1 62  ? 8.193   4.252   2.367   1.00 16.60 ? 62  VAL A O   1 
ATOM   456  C  CB  . VAL A 1 62  ? 10.329  3.749   -0.128  1.00 19.31 ? 62  VAL A CB  1 
ATOM   457  C  CG1 . VAL A 1 62  ? 9.292   4.816   -0.529  1.00 20.12 ? 62  VAL A CG1 1 
ATOM   458  C  CG2 . VAL A 1 62  ? 11.748  4.106   -0.579  1.00 20.92 ? 62  VAL A CG2 1 
ATOM   459  N  N   . PHE A 1 63  ? 8.274   2.030   1.775   1.00 15.40 ? 63  PHE A N   1 
ATOM   460  C  CA  . PHE A 1 63  ? 6.882   1.797   2.264   1.00 15.11 ? 63  PHE A CA  1 
ATOM   461  C  C   . PHE A 1 63  ? 6.796   2.117   3.763   1.00 14.90 ? 63  PHE A C   1 
ATOM   462  O  O   . PHE A 1 63  ? 5.869   2.726   4.295   1.00 15.57 ? 63  PHE A O   1 
ATOM   463  C  CB  . PHE A 1 63  ? 6.411   0.376   1.962   1.00 17.12 ? 63  PHE A CB  1 
ATOM   464  C  CG  . PHE A 1 63  ? 5.092   -0.031  2.564   1.00 15.55 ? 63  PHE A CG  1 
ATOM   465  C  CD1 . PHE A 1 63  ? 3.915   0.303   1.862   1.00 16.50 ? 63  PHE A CD1 1 
ATOM   466  C  CD2 . PHE A 1 63  ? 4.996   -0.707  3.761   1.00 16.45 ? 63  PHE A CD2 1 
ATOM   467  C  CE1 . PHE A 1 63  ? 2.649   -0.078  2.363   1.00 16.80 ? 63  PHE A CE1 1 
ATOM   468  C  CE2 . PHE A 1 63  ? 3.745   -1.049  4.322   1.00 16.74 ? 63  PHE A CE2 1 
ATOM   469  C  CZ  . PHE A 1 63  ? 2.584   -0.748  3.589   1.00 18.11 ? 63  PHE A CZ  1 
ATOM   470  N  N   . ARG A 1 64  ? 7.817   1.677   4.453   1.00 16.23 ? 64  ARG A N   1 
ATOM   471  C  CA  . ARG A 1 64  ? 7.957   1.839   5.911   1.00 18.53 ? 64  ARG A CA  1 
ATOM   472  C  C   . ARG A 1 64  ? 7.894   3.305   6.280   1.00 18.13 ? 64  ARG A C   1 
ATOM   473  O  O   . ARG A 1 64  ? 7.167   3.688   7.232   1.00 19.38 ? 64  ARG A O   1 
ATOM   474  C  CB  . ARG A 1 64  ? 9.255   1.161   6.374   1.00 21.30 ? 64  ARG A CB  1 
ATOM   475  C  CG  . ARG A 1 64  ? 9.406   1.015   7.865   1.00 25.31 ? 64  ARG A CG  1 
ATOM   476  C  CD  . ARG A 1 64  ? 10.477  0.083   8.273   1.00 28.57 ? 64  ARG A CD  1 
ATOM   477  N  NE  . ARG A 1 64  ? 10.212  -1.336  8.197   1.00 30.31 ? 64  ARG A NE  1 
ATOM   478  C  CZ  . ARG A 1 64  ? 9.483   -2.017  9.099   1.00 30.43 ? 64  ARG A CZ  1 
ATOM   479  N  NH1 . ARG A 1 64  ? 8.849   -1.511  10.170  1.00 31.46 ? 64  ARG A NH1 1 
ATOM   480  N  NH2 . ARG A 1 64  ? 9.466   -3.336  8.935   1.00 29.69 ? 64  ARG A NH2 1 
ATOM   481  N  N   . GLU A 1 65  ? 8.690   4.122   5.593   1.00 18.56 ? 65  GLU A N   1 
ATOM   482  C  CA  . GLU A 1 65  ? 8.688   5.568   5.894   1.00 18.78 ? 65  GLU A CA  1 
ATOM   483  C  C   . GLU A 1 65  ? 7.363   6.227   5.511   1.00 17.35 ? 65  GLU A C   1 
ATOM   484  O  O   . GLU A 1 65  ? 6.824   7.116   6.221   1.00 18.00 ? 65  GLU A O   1 
ATOM   485  C  CB  . GLU A 1 65  ? 9.821   6.372   5.277   1.00 21.29 ? 65  GLU A CB  1 
ATOM   486  C  CG  . GLU A 1 65  ? 10.445  5.936   3.986   1.00 29.83 ? 65  GLU A CG  1 
ATOM   487  C  CD  . GLU A 1 65  ? 11.865  6.347   3.726   1.00 33.30 ? 65  GLU A CD  1 
ATOM   488  O  OE1 . GLU A 1 65  ? 12.447  6.300   2.655   1.00 35.84 ? 65  GLU A OE1 1 
ATOM   489  O  OE2 . GLU A 1 65  ? 12.451  6.739   4.767   1.00 36.52 ? 65  GLU A OE2 1 
ATOM   490  N  N   . TYR A 1 66  ? 6.802   5.850   4.378   1.00 15.21 ? 66  TYR A N   1 
ATOM   491  C  CA  . TYR A 1 66  ? 5.541   6.414   3.910   1.00 13.42 ? 66  TYR A CA  1 
ATOM   492  C  C   . TYR A 1 66  ? 4.408   6.112   4.843   1.00 12.52 ? 66  TYR A C   1 
ATOM   493  O  O   . TYR A 1 66  ? 3.630   6.972   5.238   1.00 13.14 ? 66  TYR A O   1 
ATOM   494  C  CB  . TYR A 1 66  ? 5.195   5.854   2.510   1.00 12.72 ? 66  TYR A CB  1 
ATOM   495  C  CG  . TYR A 1 66  ? 3.827   6.146   1.970   1.00 13.75 ? 66  TYR A CG  1 
ATOM   496  C  CD1 . TYR A 1 66  ? 2.821   5.168   1.984   1.00 14.22 ? 66  TYR A CD1 1 
ATOM   497  C  CD2 . TYR A 1 66  ? 3.530   7.425   1.448   1.00 12.54 ? 66  TYR A CD2 1 
ATOM   498  C  CE1 . TYR A 1 66  ? 1.555   5.424   1.460   1.00 14.33 ? 66  TYR A CE1 1 
ATOM   499  C  CE2 . TYR A 1 66  ? 2.250   7.696   0.899   1.00 12.19 ? 66  TYR A CE2 1 
ATOM   500  C  CZ  . TYR A 1 66  ? 1.288   6.697   0.945   1.00 15.20 ? 66  TYR A CZ  1 
ATOM   501  O  OH  . TYR A 1 66  ? 0.075   6.957   0.403   1.00 16.41 ? 66  TYR A OH  1 
ATOM   502  N  N   . ILE A 1 67  ? 4.251   4.844   5.180   1.00 14.05 ? 67  ILE A N   1 
ATOM   503  C  CA  . ILE A 1 67  ? 3.126   4.425   6.036   1.00 14.20 ? 67  ILE A CA  1 
ATOM   504  C  C   . ILE A 1 67  ? 3.115   5.038   7.425   1.00 15.30 ? 67  ILE A C   1 
ATOM   505  O  O   . ILE A 1 67  ? 1.971   5.209   7.955   1.00 13.68 ? 67  ILE A O   1 
ATOM   506  C  CB  . ILE A 1 67  ? 2.945   2.886   5.908   1.00 15.80 ? 67  ILE A CB  1 
ATOM   507  C  CG1 . ILE A 1 67  ? 1.475   2.439   5.901   1.00 15.35 ? 67  ILE A CG1 1 
ATOM   508  C  CG2 . ILE A 1 67  ? 3.786   2.216   7.048   1.00 17.62 ? 67  ILE A CG2 1 
ATOM   509  C  CD1 . ILE A 1 67  ? 0.535   3.022   4.809   1.00 15.32 ? 67  ILE A CD1 1 
ATOM   510  N  N   . ARG A 1 68  ? 4.222   5.423   8.022   1.00 15.59 ? 68  ARG A N   1 
ATOM   511  C  CA  . ARG A 1 68  ? 4.208   6.084   9.315   1.00 18.86 ? 68  ARG A CA  1 
ATOM   512  C  C   . ARG A 1 68  ? 3.547   7.471   9.193   1.00 18.98 ? 68  ARG A C   1 
ATOM   513  O  O   . ARG A 1 68  ? 2.948   7.893   10.192  1.00 18.79 ? 68  ARG A O   1 
ATOM   514  C  CB  . ARG A 1 68  ? 5.629   6.312   9.866   1.00 24.75 ? 68  ARG A CB  1 
ATOM   515  C  CG  . ARG A 1 68  ? 6.527   5.096   9.985   1.00 32.58 ? 68  ARG A CG  1 
ATOM   516  C  CD  . ARG A 1 68  ? 5.849   3.969   10.688  1.00 38.20 ? 68  ARG A CD  1 
ATOM   517  N  NE  . ARG A 1 68  ? 6.717   2.940   11.260  1.00 42.14 ? 68  ARG A NE  1 
ATOM   518  C  CZ  . ARG A 1 68  ? 7.343   2.051   10.466  1.00 43.60 ? 68  ARG A CZ  1 
ATOM   519  N  NH1 . ARG A 1 68  ? 7.148   2.133   9.150   1.00 44.14 ? 68  ARG A NH1 1 
ATOM   520  N  NH2 . ARG A 1 68  ? 8.136   1.113   10.985  1.00 43.47 ? 68  ARG A NH2 1 
ATOM   521  N  N   . ASP A 1 69  ? 3.688   8.110   8.053   1.00 18.38 ? 69  ASP A N   1 
ATOM   522  C  CA  . ASP A 1 69  ? 3.135   9.460   7.852   1.00 19.15 ? 69  ASP A CA  1 
ATOM   523  C  C   . ASP A 1 69  ? 3.064   9.805   6.356   1.00 16.66 ? 69  ASP A C   1 
ATOM   524  O  O   . ASP A 1 69  ? 3.997   10.423  5.851   1.00 15.95 ? 69  ASP A O   1 
ATOM   525  C  CB  . ASP A 1 69  ? 3.981   10.501  8.583   1.00 21.96 ? 69  ASP A CB  1 
ATOM   526  C  CG  . ASP A 1 69  ? 3.359   11.890  8.589   1.00 26.13 ? 69  ASP A CG  1 
ATOM   527  O  OD1 . ASP A 1 69  ? 3.909   12.673  9.403   1.00 27.61 ? 69  ASP A OD1 1 
ATOM   528  O  OD2 . ASP A 1 69  ? 2.384   12.268  7.879   1.00 25.49 ? 69  ASP A OD2 1 
ATOM   529  N  N   . PRO A 1 70  ? 1.983   9.396   5.729   1.00 15.90 ? 70  PRO A N   1 
ATOM   530  C  CA  . PRO A 1 70  ? 1.845   9.584   4.303   1.00 16.96 ? 70  PRO A CA  1 
ATOM   531  C  C   . PRO A 1 70  ? 2.062   10.993  3.806   1.00 18.74 ? 70  PRO A C   1 
ATOM   532  O  O   . PRO A 1 70  ? 2.800   11.112  2.775   1.00 18.34 ? 70  PRO A O   1 
ATOM   533  C  CB  . PRO A 1 70  ? 0.478   8.957   3.968   1.00 17.31 ? 70  PRO A CB  1 
ATOM   534  C  CG  . PRO A 1 70  ? 0.120   8.055   5.112   1.00 16.22 ? 70  PRO A CG  1 
ATOM   535  C  CD  . PRO A 1 70  ? 0.865   8.619   6.306   1.00 15.22 ? 70  PRO A CD  1 
ATOM   536  N  N   . LYS A 1 71  ? 1.446   11.973  4.473   1.00 20.51 ? 71  LYS A N   1 
ATOM   537  C  CA  . LYS A 1 71  ? 1.527   13.366  4.049   1.00 23.62 ? 71  LYS A CA  1 
ATOM   538  C  C   . LYS A 1 71  ? 2.940   13.923  4.121   1.00 24.05 ? 71  LYS A C   1 
ATOM   539  O  O   . LYS A 1 71  ? 3.259   14.816  3.322   1.00 24.56 ? 71  LYS A O   1 
ATOM   540  C  CB  . LYS A 1 71  ? 0.537   14.346  4.678   1.00 28.69 ? 71  LYS A CB  1 
ATOM   541  C  CG  . LYS A 1 71  ? 0.706   14.527  6.186   1.00 35.10 ? 71  LYS A CG  1 
ATOM   542  C  CD  . LYS A 1 71  ? 0.679   15.986  6.641   1.00 39.26 ? 71  LYS A CD  1 
ATOM   543  C  CE  . LYS A 1 71  ? -0.506  16.413  7.468   1.00 40.87 ? 71  LYS A CE  1 
ATOM   544  N  NZ  . LYS A 1 71  ? -0.586  17.909  7.508   1.00 44.33 ? 71  LYS A NZ  1 
ATOM   545  N  N   . ALA A 1 72  ? 3.752   13.378  5.001   1.00 23.77 ? 72  ALA A N   1 
ATOM   546  C  CA  . ALA A 1 72  ? 5.146   13.817  5.123   1.00 24.27 ? 72  ALA A CA  1 
ATOM   547  C  C   . ALA A 1 72  ? 5.962   13.373  3.915   1.00 23.79 ? 72  ALA A C   1 
ATOM   548  O  O   . ALA A 1 72  ? 6.852   14.084  3.408   1.00 24.23 ? 72  ALA A O   1 
ATOM   549  C  CB  . ALA A 1 72  ? 5.734   13.304  6.435   1.00 22.39 ? 72  ALA A CB  1 
ATOM   550  N  N   . LYS A 1 73  ? 5.695   12.210  3.368   1.00 22.78 ? 73  LYS A N   1 
ATOM   551  C  CA  . LYS A 1 73  ? 6.400   11.623  2.244   1.00 23.65 ? 73  LYS A CA  1 
ATOM   552  C  C   . LYS A 1 73  ? 5.935   12.049  0.852   1.00 22.21 ? 73  LYS A C   1 
ATOM   553  O  O   . LYS A 1 73  ? 6.668   12.113  -0.146  1.00 21.86 ? 73  LYS A O   1 
ATOM   554  C  CB  . LYS A 1 73  ? 6.204   10.090  2.330   1.00 27.38 ? 73  LYS A CB  1 
ATOM   555  C  CG  . LYS A 1 73  ? 7.477   9.298   2.528   1.00 30.76 ? 73  LYS A CG  1 
ATOM   556  C  CD  . LYS A 1 73  ? 8.328   9.244   1.256   1.00 30.69 ? 73  LYS A CD  1 
ATOM   557  C  CE  . LYS A 1 73  ? 9.730   8.804   1.647   1.00 31.49 ? 73  LYS A CE  1 
ATOM   558  N  NZ  . LYS A 1 73  ? 10.620  8.783   0.454   1.00 32.34 ? 73  LYS A NZ  1 
ATOM   559  N  N   . ILE A 1 74  ? 4.634   12.262  0.777   1.00 20.69 ? 74  ILE A N   1 
ATOM   560  C  CA  . ILE A 1 74  ? 3.988   12.647  -0.474  1.00 19.56 ? 74  ILE A CA  1 
ATOM   561  C  C   . ILE A 1 74  ? 2.988   13.762  -0.142  1.00 17.79 ? 74  ILE A C   1 
ATOM   562  O  O   . ILE A 1 74  ? 1.783   13.542  -0.035  1.00 17.60 ? 74  ILE A O   1 
ATOM   563  C  CB  . ILE A 1 74  ? 3.323   11.440  -1.215  1.00 19.53 ? 74  ILE A CB  1 
ATOM   564  C  CG1 . ILE A 1 74  ? 4.315   10.311  -1.468  1.00 18.99 ? 74  ILE A CG1 1 
ATOM   565  C  CG2 . ILE A 1 74  ? 2.640   11.900  -2.544  1.00 18.09 ? 74  ILE A CG2 1 
ATOM   566  C  CD1 . ILE A 1 74  ? 3.789   9.107   -2.278  1.00 18.13 ? 74  ILE A CD1 1 
ATOM   567  N  N   . PRO A 1 75  ? 3.547   14.931  0.062   1.00 19.54 ? 75  PRO A N   1 
ATOM   568  C  CA  . PRO A 1 75  ? 2.717   16.115  0.379   1.00 19.07 ? 75  PRO A CA  1 
ATOM   569  C  C   . PRO A 1 75  ? 1.592   16.277  -0.623  1.00 18.76 ? 75  PRO A C   1 
ATOM   570  O  O   . PRO A 1 75  ? 1.790   16.206  -1.847  1.00 19.35 ? 75  PRO A O   1 
ATOM   571  C  CB  . PRO A 1 75  ? 3.707   17.274  0.419   1.00 19.36 ? 75  PRO A CB  1 
ATOM   572  C  CG  . PRO A 1 75  ? 5.072   16.694  0.403   1.00 20.73 ? 75  PRO A CG  1 
ATOM   573  C  CD  . PRO A 1 75  ? 4.990   15.245  0.030   1.00 19.27 ? 75  PRO A CD  1 
ATOM   574  N  N   . GLY A 1 76  ? 0.371   16.519  -0.215  1.00 18.71 ? 76  GLY A N   1 
ATOM   575  C  CA  . GLY A 1 76  ? -0.706  16.693  -1.232  1.00 18.93 ? 76  GLY A CA  1 
ATOM   576  C  C   . GLY A 1 76  ? -1.340  15.419  -1.682  1.00 17.60 ? 76  GLY A C   1 
ATOM   577  O  O   . GLY A 1 76  ? -2.227  15.426  -2.560  1.00 17.80 ? 76  GLY A O   1 
ATOM   578  N  N   . THR A 1 77  ? -0.944  14.272  -1.150  1.00 17.66 ? 77  THR A N   1 
ATOM   579  C  CA  . THR A 1 77  ? -1.555  12.987  -1.555  1.00 16.45 ? 77  THR A CA  1 
ATOM   580  C  C   . THR A 1 77  ? -3.039  12.929  -1.187  1.00 15.58 ? 77  THR A C   1 
ATOM   581  O  O   . THR A 1 77  ? -3.453  13.495  -0.150  1.00 17.04 ? 77  THR A O   1 
ATOM   582  C  CB  . THR A 1 77  ? -0.772  11.755  -0.940  1.00 14.65 ? 77  THR A CB  1 
ATOM   583  O  OG1 . THR A 1 77  ? -1.454  10.601  -1.490  1.00 12.57 ? 77  THR A OG1 1 
ATOM   584  C  CG2 . THR A 1 77  ? -0.756  11.630  0.586   1.00 13.06 ? 77  THR A CG2 1 
ATOM   585  N  N   . LYS A 1 78  ? -3.824  12.282  -1.969  1.00 13.17 ? 78  LYS A N   1 
ATOM   586  C  CA  . LYS A 1 78  ? -5.252  12.052  -1.753  1.00 14.79 ? 78  LYS A CA  1 
ATOM   587  C  C   . LYS A 1 78  ? -5.491  11.029  -0.611  1.00 13.86 ? 78  LYS A C   1 
ATOM   588  O  O   . LYS A 1 78  ? -6.634  10.828  -0.155  1.00 14.04 ? 78  LYS A O   1 
ATOM   589  C  CB  . LYS A 1 78  ? -5.948  11.544  -3.008  1.00 13.78 ? 78  LYS A CB  1 
ATOM   590  C  CG  . LYS A 1 78  ? -6.118  12.254  -4.300  1.00 20.29 ? 78  LYS A CG  1 
ATOM   591  C  CD  . LYS A 1 78  ? -6.868  11.352  -5.313  1.00 23.79 ? 78  LYS A CD  1 
ATOM   592  C  CE  . LYS A 1 78  ? -6.646  11.863  -6.727  1.00 26.79 ? 78  LYS A CE  1 
ATOM   593  N  NZ  . LYS A 1 78  ? -7.624  11.460  -7.771  1.00 27.69 ? 78  LYS A NZ  1 
ATOM   594  N  N   . MET A 1 79  ? -4.452  10.342  -0.138  1.00 14.04 ? 79  MET A N   1 
ATOM   595  C  CA  . MET A 1 79  ? -4.495  9.364   0.938   1.00 13.33 ? 79  MET A CA  1 
ATOM   596  C  C   . MET A 1 79  ? -4.456  10.079  2.264   1.00 12.12 ? 79  MET A C   1 
ATOM   597  O  O   . MET A 1 79  ? -3.387  10.227  2.895   1.00 13.62 ? 79  MET A O   1 
ATOM   598  C  CB  . MET A 1 79  ? -3.436  8.255   0.794   1.00 12.48 ? 79  MET A CB  1 
ATOM   599  C  CG  . MET A 1 79  ? -3.593  7.249   1.941   1.00 10.74 ? 79  MET A CG  1 
ATOM   600  S  SD  . MET A 1 79  ? -2.553  5.767   1.589   1.00 10.59 ? 79  MET A SD  1 
ATOM   601  C  CE  . MET A 1 79  ? -2.148  5.399   3.306   1.00 9.69  ? 79  MET A CE  1 
ATOM   602  N  N   . ILE A 1 80  ? -5.646  10.530  2.729   1.00 13.01 ? 80  ILE A N   1 
ATOM   603  C  CA  . ILE A 1 80  ? -5.763  11.264  4.016   1.00 13.15 ? 80  ILE A CA  1 
ATOM   604  C  C   . ILE A 1 80  ? -5.982  10.204  5.093   1.00 14.79 ? 80  ILE A C   1 
ATOM   605  O  O   . ILE A 1 80  ? -7.087  9.710   5.296   1.00 15.24 ? 80  ILE A O   1 
ATOM   606  C  CB  . ILE A 1 80  ? -6.812  12.411  3.982   1.00 15.76 ? 80  ILE A CB  1 
ATOM   607  C  CG1 . ILE A 1 80  ? -6.497  13.402  2.794   1.00 16.93 ? 80  ILE A CG1 1 
ATOM   608  C  CG2 . ILE A 1 80  ? -6.875  13.151  5.343   1.00 16.45 ? 80  ILE A CG2 1 
ATOM   609  C  CD1 . ILE A 1 80  ? -7.835  13.994  2.182   1.00 20.29 ? 80  ILE A CD1 1 
ATOM   610  N  N   . PHE A 1 81  ? -4.865  9.872   5.723   1.00 16.72 ? 81  PHE A N   1 
ATOM   611  C  CA  . PHE A 1 81  ? -4.778  8.759   6.706   1.00 15.90 ? 81  PHE A CA  1 
ATOM   612  C  C   . PHE A 1 81  ? -3.650  9.098   7.645   1.00 16.38 ? 81  PHE A C   1 
ATOM   613  O  O   . PHE A 1 81  ? -2.596  9.514   7.124   1.00 16.26 ? 81  PHE A O   1 
ATOM   614  C  CB  . PHE A 1 81  ? -4.555  7.492   5.861   1.00 17.45 ? 81  PHE A CB  1 
ATOM   615  C  CG  . PHE A 1 81  ? -4.233  6.233   6.605   1.00 18.45 ? 81  PHE A CG  1 
ATOM   616  C  CD1 . PHE A 1 81  ? -5.285  5.565   7.258   1.00 19.35 ? 81  PHE A CD1 1 
ATOM   617  C  CD2 . PHE A 1 81  ? -2.936  5.734   6.715   1.00 18.06 ? 81  PHE A CD2 1 
ATOM   618  C  CE1 . PHE A 1 81  ? -5.029  4.403   7.984   1.00 19.91 ? 81  PHE A CE1 1 
ATOM   619  C  CE2 . PHE A 1 81  ? -2.679  4.561   7.439   1.00 19.82 ? 81  PHE A CE2 1 
ATOM   620  C  CZ  . PHE A 1 81  ? -3.744  3.905   8.075   1.00 18.89 ? 81  PHE A CZ  1 
ATOM   621  N  N   . ALA A 1 82  ? -3.849  8.962   8.926   1.00 17.97 ? 82  ALA A N   1 
ATOM   622  C  CA  . ALA A 1 82  ? -2.852  9.353   9.926   1.00 19.05 ? 82  ALA A CA  1 
ATOM   623  C  C   . ALA A 1 82  ? -1.561  8.561   9.842   1.00 20.82 ? 82  ALA A C   1 
ATOM   624  O  O   . ALA A 1 82  ? -0.535  9.169   10.199  1.00 22.80 ? 82  ALA A O   1 
ATOM   625  C  CB  . ALA A 1 82  ? -3.412  9.275   11.316  1.00 19.91 ? 82  ALA A CB  1 
ATOM   626  N  N   . GLY A 1 83  ? -1.611  7.341   9.384   1.00 21.13 ? 83  GLY A N   1 
ATOM   627  C  CA  . GLY A 1 83  ? -0.414  6.481   9.239   1.00 21.71 ? 83  GLY A CA  1 
ATOM   628  C  C   . GLY A 1 83  ? -0.416  5.408   10.345  1.00 21.61 ? 83  GLY A C   1 
ATOM   629  O  O   . GLY A 1 83  ? -1.283  5.396   11.246  1.00 22.30 ? 83  GLY A O   1 
ATOM   630  N  N   . VAL A 1 84  ? 0.520   4.496   10.206  1.00 21.36 ? 84  VAL A N   1 
ATOM   631  C  CA  . VAL A 1 84  ? 0.690   3.375   11.171  1.00 21.67 ? 84  VAL A CA  1 
ATOM   632  C  C   . VAL A 1 84  ? 2.055   3.657   11.824  1.00 22.90 ? 84  VAL A C   1 
ATOM   633  O  O   . VAL A 1 84  ? 3.110   3.575   11.215  1.00 23.85 ? 84  VAL A O   1 
ATOM   634  C  CB  . VAL A 1 84  ? 0.458   2.010   10.559  1.00 21.52 ? 84  VAL A CB  1 
ATOM   635  C  CG1 . VAL A 1 84  ? 0.570   0.836   11.576  1.00 19.84 ? 84  VAL A CG1 1 
ATOM   636  C  CG2 . VAL A 1 84  ? -0.857  1.842   9.786   1.00 20.06 ? 84  VAL A CG2 1 
ATOM   637  N  N   . LYS A 1 85  ? 2.070   4.041   13.073  1.00 23.89 ? 85  LYS A N   1 
ATOM   638  C  CA  . LYS A 1 85  ? 3.283   4.392   13.837  1.00 26.24 ? 85  LYS A CA  1 
ATOM   639  C  C   . LYS A 1 85  ? 4.008   3.163   14.415  1.00 25.61 ? 85  LYS A C   1 
ATOM   640  O  O   . LYS A 1 85  ? 5.270   3.116   14.368  1.00 28.72 ? 85  LYS A O   1 
ATOM   641  C  CB  . LYS A 1 85  ? 2.851   5.257   15.019  1.00 27.35 ? 85  LYS A CB  1 
ATOM   642  C  CG  . LYS A 1 85  ? 2.529   6.703   14.736  1.00 30.73 ? 85  LYS A CG  1 
ATOM   643  C  CD  . LYS A 1 85  ? 2.070   6.998   13.327  1.00 31.30 ? 85  LYS A CD  1 
ATOM   644  C  CE  . LYS A 1 85  ? 1.906   8.506   13.123  1.00 31.74 ? 85  LYS A CE  1 
ATOM   645  N  NZ  . LYS A 1 85  ? 0.687   8.702   12.316  1.00 33.58 ? 85  LYS A NZ  1 
ATOM   646  N  N   . ASP A 1 86  ? 3.219   2.255   14.923  1.00 22.77 ? 86  ASP A N   1 
ATOM   647  C  CA  . ASP A 1 86  ? 3.764   1.018   15.531  1.00 21.14 ? 86  ASP A CA  1 
ATOM   648  C  C   . ASP A 1 86  ? 4.601   0.221   14.538  1.00 20.15 ? 86  ASP A C   1 
ATOM   649  O  O   . ASP A 1 86  ? 4.100   -0.239  13.493  1.00 18.26 ? 86  ASP A O   1 
ATOM   650  C  CB  . ASP A 1 86  ? 2.595   0.311   16.188  1.00 20.64 ? 86  ASP A CB  1 
ATOM   651  C  CG  . ASP A 1 86  ? 3.034   -0.872  17.020  1.00 19.21 ? 86  ASP A CG  1 
ATOM   652  O  OD1 . ASP A 1 86  ? 3.706   -1.793  16.592  1.00 19.11 ? 86  ASP A OD1 1 
ATOM   653  O  OD2 . ASP A 1 86  ? 2.693   -0.757  18.195  1.00 23.19 ? 86  ASP A OD2 1 
ATOM   654  N  N   . GLU A 1 87  ? 5.848   -0.009  14.845  1.00 18.26 ? 87  GLU A N   1 
ATOM   655  C  CA  . GLU A 1 87  ? 6.893   -0.724  14.142  1.00 18.61 ? 87  GLU A CA  1 
ATOM   656  C  C   . GLU A 1 87  ? 6.615   -2.184  13.824  1.00 17.54 ? 87  GLU A C   1 
ATOM   657  O  O   . GLU A 1 87  ? 6.887   -2.700  12.722  1.00 17.03 ? 87  GLU A O   1 
ATOM   658  C  CB  . GLU A 1 87  ? 8.177   -0.628  14.964  1.00 23.73 ? 87  GLU A CB  1 
ATOM   659  C  CG  . GLU A 1 87  ? 9.348   -1.562  14.826  1.00 30.23 ? 87  GLU A CG  1 
ATOM   660  C  CD  . GLU A 1 87  ? 10.609  -1.111  15.541  1.00 34.57 ? 87  GLU A CD  1 
ATOM   661  O  OE1 . GLU A 1 87  ? 10.717  -0.232  16.393  1.00 34.52 ? 87  GLU A OE1 1 
ATOM   662  O  OE2 . GLU A 1 87  ? 11.602  -1.762  15.109  1.00 38.83 ? 87  GLU A OE2 1 
ATOM   663  N  N   . GLN A 1 88  ? 6.095   -2.852  14.833  1.00 15.06 ? 88  GLN A N   1 
ATOM   664  C  CA  . GLN A 1 88  ? 5.704   -4.251  14.752  1.00 15.95 ? 88  GLN A CA  1 
ATOM   665  C  C   . GLN A 1 88  ? 4.535   -4.374  13.762  1.00 14.86 ? 88  GLN A C   1 
ATOM   666  O  O   . GLN A 1 88  ? 4.541   -5.284  12.918  1.00 15.02 ? 88  GLN A O   1 
ATOM   667  C  CB  . GLN A 1 88  ? 5.382   -4.823  16.145  1.00 15.50 ? 88  GLN A CB  1 
ATOM   668  C  CG  . GLN A 1 88  ? 5.035   -6.304  16.138  1.00 18.25 ? 88  GLN A CG  1 
ATOM   669  C  CD  . GLN A 1 88  ? 6.068   -7.225  15.562  1.00 18.20 ? 88  GLN A CD  1 
ATOM   670  O  OE1 . GLN A 1 88  ? 5.976   -7.935  14.533  1.00 20.62 ? 88  GLN A OE1 1 
ATOM   671  N  NE2 . GLN A 1 88  ? 7.206   -7.241  16.223  1.00 15.62 ? 88  GLN A NE2 1 
ATOM   672  N  N   . LYS A 1 89  ? 3.558   -3.460  13.890  1.00 16.42 ? 89  LYS A N   1 
ATOM   673  C  CA  . LYS A 1 89  ? 2.399   -3.490  12.975  1.00 17.74 ? 89  LYS A CA  1 
ATOM   674  C  C   . LYS A 1 89  ? 2.805   -3.354  11.506  1.00 16.61 ? 89  LYS A C   1 
ATOM   675  O  O   . LYS A 1 89  ? 2.279   -4.095  10.657  1.00 17.36 ? 89  LYS A O   1 
ATOM   676  C  CB  . LYS A 1 89  ? 1.397   -2.384  13.297  1.00 19.27 ? 89  LYS A CB  1 
ATOM   677  C  CG  . LYS A 1 89  ? 0.699   -2.687  14.626  1.00 22.73 ? 89  LYS A CG  1 
ATOM   678  C  CD  . LYS A 1 89  ? -0.489  -1.726  14.734  1.00 26.08 ? 89  LYS A CD  1 
ATOM   679  C  CE  . LYS A 1 89  ? -1.413  -2.170  15.855  1.00 29.03 ? 89  LYS A CE  1 
ATOM   680  N  NZ  . LYS A 1 89  ? -0.767  -1.896  17.167  1.00 34.93 ? 89  LYS A NZ  1 
ATOM   681  N  N   . VAL A 1 90  ? 3.735   -2.436  11.267  1.00 17.20 ? 90  VAL A N   1 
ATOM   682  C  CA  . VAL A 1 90  ? 4.274   -2.172  9.911   1.00 15.86 ? 90  VAL A CA  1 
ATOM   683  C  C   . VAL A 1 90  ? 4.937   -3.447  9.397   1.00 15.14 ? 90  VAL A C   1 
ATOM   684  O  O   . VAL A 1 90  ? 4.707   -3.900  8.272   1.00 14.42 ? 90  VAL A O   1 
ATOM   685  C  CB  . VAL A 1 90  ? 5.126   -0.881  9.880   1.00 14.86 ? 90  VAL A CB  1 
ATOM   686  C  CG1 . VAL A 1 90  ? 5.852   -0.728  8.514   1.00 14.64 ? 90  VAL A CG1 1 
ATOM   687  C  CG2 . VAL A 1 90  ? 4.323   0.385   10.172  1.00 14.30 ? 90  VAL A CG2 1 
ATOM   688  N  N   . SER A 1 91  ? 5.812   -4.024  10.218  1.00 14.84 ? 91  SER A N   1 
ATOM   689  C  CA  . SER A 1 91  ? 6.504   -5.299  9.890   1.00 15.87 ? 91  SER A CA  1 
ATOM   690  C  C   . SER A 1 91  ? 5.477   -6.375  9.570   1.00 15.04 ? 91  SER A C   1 
ATOM   691  O  O   . SER A 1 91  ? 5.613   -7.110  8.571   1.00 15.76 ? 91  SER A O   1 
ATOM   692  C  CB  . SER A 1 91  ? 7.472   -5.680  11.011  1.00 14.91 ? 91  SER A CB  1 
ATOM   693  O  OG  . SER A 1 91  ? 8.467   -4.682  11.168  1.00 18.34 ? 91  SER A OG  1 
ATOM   694  N  N   . ASP A 1 92  ? 4.391   -6.494  10.314  1.00 16.02 ? 92  ASP A N   1 
ATOM   695  C  CA  . ASP A 1 92  ? 3.337   -7.506  10.059  1.00 16.80 ? 92  ASP A CA  1 
ATOM   696  C  C   . ASP A 1 92  ? 2.601   -7.216  8.736   1.00 16.81 ? 92  ASP A C   1 
ATOM   697  O  O   . ASP A 1 92  ? 2.393   -8.110  7.910   1.00 16.96 ? 92  ASP A O   1 
ATOM   698  C  CB  . ASP A 1 92  ? 2.358   -7.638  11.232  1.00 17.80 ? 92  ASP A CB  1 
ATOM   699  C  CG  . ASP A 1 92  ? 3.086   -8.276  12.433  1.00 18.99 ? 92  ASP A CG  1 
ATOM   700  O  OD1 . ASP A 1 92  ? 4.087   -8.966  12.279  1.00 18.02 ? 92  ASP A OD1 1 
ATOM   701  O  OD2 . ASP A 1 92  ? 2.614   -8.000  13.541  1.00 20.19 ? 92  ASP A OD2 1 
ATOM   702  N  N   . LEU A 1 93  ? 2.268   -5.909  8.622   1.00 15.85 ? 93  LEU A N   1 
ATOM   703  C  CA  . LEU A 1 93  ? 1.591   -5.424  7.407   1.00 14.60 ? 93  LEU A CA  1 
ATOM   704  C  C   . LEU A 1 93  ? 2.350   -5.774  6.136   1.00 14.49 ? 93  LEU A C   1 
ATOM   705  O  O   . LEU A 1 93  ? 1.767   -6.218  5.123   1.00 13.79 ? 93  LEU A O   1 
ATOM   706  C  CB  . LEU A 1 93  ? 1.446   -3.899  7.658   1.00 15.69 ? 93  LEU A CB  1 
ATOM   707  C  CG  . LEU A 1 93  ? 0.810   -3.186  6.460   1.00 16.11 ? 93  LEU A CG  1 
ATOM   708  C  CD1 . LEU A 1 93  ? -0.601  -3.745  6.274   1.00 16.68 ? 93  LEU A CD1 1 
ATOM   709  C  CD2 . LEU A 1 93  ? 0.830   -1.682  6.748   1.00 15.83 ? 93  LEU A CD2 1 
ATOM   710  N  N   . ILE A 1 94  ? 3.649   -5.494  6.138   1.00 13.61 ? 94  ILE A N   1 
ATOM   711  C  CA  . ILE A 1 94  ? 4.550   -5.826  5.046   1.00 15.66 ? 94  ILE A CA  1 
ATOM   712  C  C   . ILE A 1 94  ? 4.461   -7.328  4.761   1.00 16.83 ? 94  ILE A C   1 
ATOM   713  O  O   . ILE A 1 94  ? 4.295   -7.677  3.549   1.00 15.77 ? 94  ILE A O   1 
ATOM   714  C  CB  . ILE A 1 94  ? 6.036   -5.422  5.289   1.00 17.17 ? 94  ILE A CB  1 
ATOM   715  C  CG1 . ILE A 1 94  ? 6.201   -3.900  5.313   1.00 16.85 ? 94  ILE A CG1 1 
ATOM   716  C  CG2 . ILE A 1 94  ? 6.975   -6.068  4.198   1.00 17.64 ? 94  ILE A CG2 1 
ATOM   717  C  CD1 . ILE A 1 94  ? 7.552   -3.401  5.899   1.00 19.91 ? 94  ILE A CD1 1 
ATOM   718  N  N   . ALA A 1 95  ? 4.536   -8.156  5.791   1.00 17.33 ? 95  ALA A N   1 
ATOM   719  C  CA  . ALA A 1 95  ? 4.470   -9.627  5.588   1.00 17.23 ? 95  ALA A CA  1 
ATOM   720  C  C   . ALA A 1 95  ? 3.205   -10.059 4.838   1.00 18.07 ? 95  ALA A C   1 
ATOM   721  O  O   . ALA A 1 95  ? 3.242   -10.891 3.896   1.00 17.04 ? 95  ALA A O   1 
ATOM   722  C  CB  . ALA A 1 95  ? 4.572   -10.305 6.947   1.00 17.29 ? 95  ALA A CB  1 
ATOM   723  N  N   . TYR A 1 96  ? 2.075   -9.444  5.241   1.00 17.01 ? 96  TYR A N   1 
ATOM   724  C  CA  . TYR A 1 96  ? 0.785   -9.751  4.625   1.00 16.46 ? 96  TYR A CA  1 
ATOM   725  C  C   . TYR A 1 96  ? 0.701   -9.368  3.136   1.00 16.14 ? 96  TYR A C   1 
ATOM   726  O  O   . TYR A 1 96  ? 0.283   -10.124 2.262   1.00 14.84 ? 96  TYR A O   1 
ATOM   727  C  CB  . TYR A 1 96  ? -0.345  -9.057  5.433   1.00 16.04 ? 96  TYR A CB  1 
ATOM   728  C  CG  . TYR A 1 96  ? -1.689  -9.353  4.787   1.00 16.06 ? 96  TYR A CG  1 
ATOM   729  C  CD1 . TYR A 1 96  ? -2.289  -10.621 4.805   1.00 15.00 ? 96  TYR A CD1 1 
ATOM   730  C  CD2 . TYR A 1 96  ? -2.380  -8.301  4.165   1.00 16.79 ? 96  TYR A CD2 1 
ATOM   731  C  CE1 . TYR A 1 96  ? -3.550  -10.861 4.225   1.00 15.92 ? 96  TYR A CE1 1 
ATOM   732  C  CE2 . TYR A 1 96  ? -3.630  -8.511  3.562   1.00 17.30 ? 96  TYR A CE2 1 
ATOM   733  C  CZ  . TYR A 1 96  ? -4.189  -9.801  3.604   1.00 16.65 ? 96  TYR A CZ  1 
ATOM   734  O  OH  . TYR A 1 96  ? -5.371  -9.950  2.960   1.00 18.18 ? 96  TYR A OH  1 
ATOM   735  N  N   . ILE A 1 97  ? 1.085   -8.102  2.869   1.00 16.84 ? 97  ILE A N   1 
ATOM   736  C  CA  . ILE A 1 97  ? 1.004   -7.597  1.502   1.00 16.59 ? 97  ILE A CA  1 
ATOM   737  C  C   . ILE A 1 97  ? 1.931   -8.374  0.568   1.00 17.52 ? 97  ILE A C   1 
ATOM   738  O  O   . ILE A 1 97  ? 1.553   -8.581  -0.595  1.00 16.37 ? 97  ILE A O   1 
ATOM   739  C  CB  . ILE A 1 97  ? 1.245   -6.048  1.458   1.00 15.40 ? 97  ILE A CB  1 
ATOM   740  C  CG1 . ILE A 1 97  ? 0.120   -5.295  2.225   1.00 12.17 ? 97  ILE A CG1 1 
ATOM   741  C  CG2 . ILE A 1 97  ? 1.349   -5.520  -0.012  1.00 15.81 ? 97  ILE A CG2 1 
ATOM   742  C  CD1 . ILE A 1 97  ? 0.455   -3.764  2.328   1.00 10.13 ? 97  ILE A CD1 1 
ATOM   743  N  N   . LYS A 1 98  ? 3.137   -8.712  1.049   1.00 19.47 ? 98  LYS A N   1 
ATOM   744  C  CA  . LYS A 1 98  ? 4.152   -9.423  0.265   1.00 21.46 ? 98  LYS A CA  1 
ATOM   745  C  C   . LYS A 1 98  ? 3.672   -10.771 -0.236  1.00 21.21 ? 98  LYS A C   1 
ATOM   746  O  O   . LYS A 1 98  ? 4.258   -11.234 -1.215  1.00 21.60 ? 98  LYS A O   1 
ATOM   747  C  CB  . LYS A 1 98  ? 5.527   -9.621  0.947   1.00 24.15 ? 98  LYS A CB  1 
ATOM   748  C  CG  . LYS A 1 98  ? 6.529   -8.563  0.415   1.00 30.05 ? 98  LYS A CG  1 
ATOM   749  C  CD  . LYS A 1 98  ? 7.986   -8.971  0.575   1.00 34.15 ? 98  LYS A CD  1 
ATOM   750  C  CE  . LYS A 1 98  ? 8.848   -8.739  -0.657  1.00 36.03 ? 98  LYS A CE  1 
ATOM   751  N  NZ  . LYS A 1 98  ? 9.436   -7.370  -0.720  1.00 37.79 ? 98  LYS A NZ  1 
ATOM   752  N  N   . GLN A 1 99  ? 2.692   -11.393 0.364   1.00 21.17 ? 99  GLN A N   1 
ATOM   753  C  CA  . GLN A 1 99  ? 2.151   -12.667 -0.058  1.00 20.80 ? 99  GLN A CA  1 
ATOM   754  C  C   . GLN A 1 99  ? 1.540   -12.633 -1.456  1.00 21.20 ? 99  GLN A C   1 
ATOM   755  O  O   . GLN A 1 99  ? 1.530   -13.688 -2.117  1.00 21.93 ? 99  GLN A O   1 
ATOM   756  C  CB  . GLN A 1 99  ? 1.008   -13.234 0.818   1.00 23.06 ? 99  GLN A CB  1 
ATOM   757  C  CG  . GLN A 1 99  ? 1.460   -13.481 2.239   1.00 25.77 ? 99  GLN A CG  1 
ATOM   758  C  CD  . GLN A 1 99  ? 0.290   -13.994 3.053   1.00 28.50 ? 99  GLN A CD  1 
ATOM   759  O  OE1 . GLN A 1 99  ? 0.361   -15.136 3.492   1.00 30.12 ? 99  GLN A OE1 1 
ATOM   760  N  NE2 . GLN A 1 99  ? -0.742  -13.169 3.243   1.00 27.64 ? 99  GLN A NE2 1 
ATOM   761  N  N   . PHE A 1 100 ? 1.077   -11.484 -1.891  1.00 20.77 ? 100 PHE A N   1 
ATOM   762  C  CA  . PHE A 1 100 ? 0.382   -11.402 -3.193  1.00 20.94 ? 100 PHE A CA  1 
ATOM   763  C  C   . PHE A 1 100 ? 1.137   -11.029 -4.444  1.00 20.88 ? 100 PHE A C   1 
ATOM   764  O  O   . PHE A 1 100 ? 1.959   -10.114 -4.458  1.00 23.06 ? 100 PHE A O   1 
ATOM   765  C  CB  . PHE A 1 100 ? -0.849  -10.448 -3.008  1.00 19.41 ? 100 PHE A CB  1 
ATOM   766  C  CG  . PHE A 1 100 ? -1.753  -10.862 -1.881  1.00 17.26 ? 100 PHE A CG  1 
ATOM   767  C  CD1 . PHE A 1 100 ? -1.478  -10.437 -0.596  1.00 17.24 ? 100 PHE A CD1 1 
ATOM   768  C  CD2 . PHE A 1 100 ? -2.858  -11.662 -2.093  1.00 17.30 ? 100 PHE A CD2 1 
ATOM   769  C  CE1 . PHE A 1 100 ? -2.292  -10.798 0.485   1.00 20.03 ? 100 PHE A CE1 1 
ATOM   770  C  CE2 . PHE A 1 100 ? -3.667  -12.039 -1.012  1.00 18.93 ? 100 PHE A CE2 1 
ATOM   771  C  CZ  . PHE A 1 100 ? -3.406  -11.599 0.292   1.00 17.12 ? 100 PHE A CZ  1 
ATOM   772  N  N   . ASN A 1 101 ? 0.785   -11.736 -5.512  1.00 20.29 ? 101 ASN A N   1 
ATOM   773  C  CA  . ASN A 1 101 ? 1.293   -11.491 -6.878  1.00 20.35 ? 101 ASN A CA  1 
ATOM   774  C  C   . ASN A 1 101 ? 0.412   -10.356 -7.436  1.00 19.13 ? 101 ASN A C   1 
ATOM   775  O  O   . ASN A 1 101 ? -0.680  -10.110 -6.873  1.00 19.90 ? 101 ASN A O   1 
ATOM   776  C  CB  . ASN A 1 101 ? 1.234   -12.781 -7.723  1.00 22.08 ? 101 ASN A CB  1 
ATOM   777  C  CG  . ASN A 1 101 ? 2.304   -13.776 -7.283  1.00 24.93 ? 101 ASN A CG  1 
ATOM   778  O  OD1 . ASN A 1 101 ? 3.460   -13.352 -7.080  1.00 26.99 ? 101 ASN A OD1 1 
ATOM   779  N  ND2 . ASN A 1 101 ? 1.941   -15.027 -7.065  1.00 25.42 ? 101 ASN A ND2 1 
ATOM   780  N  N   . ALA A 1 102 ? 0.799   -9.744  -8.507  1.00 18.09 ? 102 ALA A N   1 
ATOM   781  C  CA  . ALA A 1 102 ? 0.105   -8.645  -9.165  1.00 20.15 ? 102 ALA A CA  1 
ATOM   782  C  C   . ALA A 1 102 ? -1.301  -9.077  -9.558  1.00 21.95 ? 102 ALA A C   1 
ATOM   783  O  O   . ALA A 1 102 ? -2.212  -8.230  -9.603  1.00 21.31 ? 102 ALA A O   1 
ATOM   784  C  CB  . ALA A 1 102 ? 0.916   -8.074  -10.332 1.00 20.35 ? 102 ALA A CB  1 
ATOM   785  N  N   . ASP A 1 103 ? -1.492  -10.360 -9.800  1.00 23.45 ? 103 ASP A N   1 
ATOM   786  C  CA  . ASP A 1 103 ? -2.792  -10.928 -10.186 1.00 25.62 ? 103 ASP A CA  1 
ATOM   787  C  C   . ASP A 1 103 ? -3.634  -11.322 -8.969  1.00 26.26 ? 103 ASP A C   1 
ATOM   788  O  O   . ASP A 1 103 ? -4.750  -11.844 -9.190  1.00 28.26 ? 103 ASP A O   1 
ATOM   789  C  CB  . ASP A 1 103 ? -2.633  -12.084 -11.190 1.00 27.80 ? 103 ASP A CB  1 
ATOM   790  C  CG  . ASP A 1 103 ? -1.968  -13.286 -10.547 1.00 30.21 ? 103 ASP A CG  1 
ATOM   791  O  OD1 . ASP A 1 103 ? -1.770  -13.425 -9.326  1.00 29.66 ? 103 ASP A OD1 1 
ATOM   792  O  OD2 . ASP A 1 103 ? -1.604  -14.161 -11.367 1.00 33.61 ? 103 ASP A OD2 1 
ATOM   793  N  N   . GLY A 1 104 ? -3.185  -11.117 -7.758  1.00 25.08 ? 104 GLY A N   1 
ATOM   794  C  CA  . GLY A 1 104 ? -3.984  -11.464 -6.582  1.00 25.30 ? 104 GLY A CA  1 
ATOM   795  C  C   . GLY A 1 104 ? -3.718  -12.885 -6.120  1.00 26.35 ? 104 GLY A C   1 
ATOM   796  O  O   . GLY A 1 104 ? -4.170  -13.212 -5.012  1.00 27.24 ? 104 GLY A O   1 
ATOM   797  N  N   . SER A 1 105 ? -3.038  -13.721 -6.894  1.00 26.86 ? 105 SER A N   1 
ATOM   798  C  CA  . SER A 1 105 ? -2.729  -15.099 -6.434  1.00 28.82 ? 105 SER A CA  1 
ATOM   799  C  C   . SER A 1 105 ? -1.637  -14.956 -5.351  1.00 30.52 ? 105 SER A C   1 
ATOM   800  O  O   . SER A 1 105 ? -0.876  -13.948 -5.347  1.00 30.34 ? 105 SER A O   1 
ATOM   801  C  CB  . SER A 1 105 ? -2.281  -16.044 -7.530  1.00 27.42 ? 105 SER A CB  1 
ATOM   802  O  OG  . SER A 1 105 ? -1.026  -15.672 -8.054  1.00 27.11 ? 105 SER A OG  1 
ATOM   803  N  N   . LYS A 1 106 ? -1.601  -15.905 -4.444  1.00 32.36 ? 106 LYS A N   1 
ATOM   804  C  CA  . LYS A 1 106 ? -0.682  -15.975 -3.301  1.00 34.74 ? 106 LYS A CA  1 
ATOM   805  C  C   . LYS A 1 106 ? 0.609   -16.693 -3.687  1.00 35.65 ? 106 LYS A C   1 
ATOM   806  O  O   . LYS A 1 106 ? 0.497   -17.767 -4.299  1.00 36.61 ? 106 LYS A O   1 
ATOM   807  C  CB  . LYS A 1 106 ? -1.286  -16.754 -2.136  1.00 35.77 ? 106 LYS A CB  1 
ATOM   808  C  CG  . LYS A 1 106 ? -1.610  -15.949 -0.904  1.00 38.67 ? 106 LYS A CG  1 
ATOM   809  C  CD  . LYS A 1 106 ? -2.956  -16.323 -0.304  1.00 42.04 ? 106 LYS A CD  1 
ATOM   810  C  CE  . LYS A 1 106 ? -3.263  -15.583 0.980   1.00 43.68 ? 106 LYS A CE  1 
ATOM   811  N  NZ  . LYS A 1 106 ? -2.598  -16.208 2.162   1.00 45.87 ? 106 LYS A NZ  1 
ATOM   812  N  N   . LYS A 1 107 ? 1.760   -16.129 -3.380  1.00 36.35 ? 107 LYS A N   1 
ATOM   813  C  CA  . LYS A 1 107 ? 3.027   -16.788 -3.720  1.00 37.84 ? 107 LYS A CA  1 
ATOM   814  C  C   . LYS A 1 107 ? 3.078   -18.178 -3.085  1.00 40.45 ? 107 LYS A C   1 
ATOM   815  O  O   . LYS A 1 107 ? 4.043   -18.923 -3.462  1.00 43.15 ? 107 LYS A O   1 
ATOM   816  C  CB  . LYS A 1 107 ? 4.216   -15.980 -3.239  1.00 35.12 ? 107 LYS A CB  1 
ATOM   817  C  CG  . LYS A 1 107 ? 4.308   -14.630 -3.955  1.00 34.01 ? 107 LYS A CG  1 
ATOM   818  C  CD  . LYS A 1 107 ? 5.426   -13.808 -3.339  1.00 32.61 ? 107 LYS A CD  1 
ATOM   819  C  CE  . LYS A 1 107 ? 5.532   -12.405 -3.888  1.00 31.16 ? 107 LYS A CE  1 
ATOM   820  N  NZ  . LYS A 1 107 ? 6.244   -11.581 -2.880  1.00 31.78 ? 107 LYS A NZ  1 
ATOM   821  O  OXT . LYS A 1 107 ? 2.229   -18.538 -2.241  1.00 41.70 ? 107 LYS A OXT 1 
HETATM 822  FE FE  . HEC B 2 .   ? -3.746  3.995   0.774   1.00 10.84 ? 108 HEC A FE  1 
HETATM 823  C  CHA . HEC B 2 .   ? -2.527  5.134   -2.127  1.00 11.47 ? 108 HEC A CHA 1 
HETATM 824  C  CHB . HEC B 2 .   ? -1.112  1.823   1.070   1.00 12.47 ? 108 HEC A CHB 1 
HETATM 825  C  CHC . HEC B 2 .   ? -4.882  3.021   3.905   1.00 12.38 ? 108 HEC A CHC 1 
HETATM 826  C  CHD . HEC B 2 .   ? -6.642  5.827   0.302   1.00 12.95 ? 108 HEC A CHD 1 
HETATM 827  N  NA  . HEC B 2 .   ? -2.125  3.539   -0.342  1.00 13.11 ? 108 HEC A NA  1 
HETATM 828  C  C1A . HEC B 2 .   ? -1.695  4.228   -1.471  1.00 13.13 ? 108 HEC A C1A 1 
HETATM 829  C  C2A . HEC B 2 .   ? -0.377  3.779   -1.824  1.00 13.31 ? 108 HEC A C2A 1 
HETATM 830  C  C3A . HEC B 2 .   ? 0.003   2.868   -0.918  1.00 13.78 ? 108 HEC A C3A 1 
HETATM 831  C  C4A . HEC B 2 .   ? -1.069  2.705   0.041   1.00 13.24 ? 108 HEC A C4A 1 
HETATM 832  C  CMA . HEC B 2 .   ? 1.340   2.094   -0.832  1.00 12.50 ? 108 HEC A CMA 1 
HETATM 833  C  CAA . HEC B 2 .   ? 0.402   4.215   -3.106  1.00 13.48 ? 108 HEC A CAA 1 
HETATM 834  C  CBA . HEC B 2 .   ? -0.116  3.332   -4.279  1.00 13.37 ? 108 HEC A CBA 1 
HETATM 835  C  CGA . HEC B 2 .   ? 0.533   3.507   -5.630  1.00 13.84 ? 108 HEC A CGA 1 
HETATM 836  O  O1A . HEC B 2 .   ? 1.452   4.305   -5.715  1.00 13.59 ? 108 HEC A O1A 1 
HETATM 837  O  O2A . HEC B 2 .   ? 0.036   2.794   -6.538  1.00 15.09 ? 108 HEC A O2A 1 
HETATM 838  N  NB  . HEC B 2 .   ? -3.149  2.693   2.165   1.00 12.78 ? 108 HEC A NB  1 
HETATM 839  C  C1B . HEC B 2 .   ? -2.046  1.835   2.059   1.00 12.58 ? 108 HEC A C1B 1 
HETATM 840  C  C2B . HEC B 2 .   ? -1.992  1.028   3.254   1.00 13.96 ? 108 HEC A C2B 1 
HETATM 841  C  C3B . HEC B 2 .   ? -3.004  1.386   4.050   1.00 13.05 ? 108 HEC A C3B 1 
HETATM 842  C  C4B . HEC B 2 .   ? -3.760  2.403   3.384   1.00 13.69 ? 108 HEC A C4B 1 
HETATM 843  C  CMB . HEC B 2 .   ? -0.889  -0.030  3.470   1.00 12.79 ? 108 HEC A CMB 1 
HETATM 844  C  CAB . HEC B 2 .   ? -3.337  0.734   5.435   1.00 13.20 ? 108 HEC A CAB 1 
HETATM 845  C  CBB . HEC B 2 .   ? -2.439  1.074   6.470   1.00 13.78 ? 108 HEC A CBB 1 
HETATM 846  N  NC  . HEC B 2 .   ? -5.418  4.363   1.872   1.00 13.07 ? 108 HEC A NC  1 
HETATM 847  C  C1C . HEC B 2 .   ? -5.677  3.875   3.133   1.00 13.26 ? 108 HEC A C1C 1 
HETATM 848  C  C2C . HEC B 2 .   ? -6.970  4.383   3.553   1.00 14.37 ? 108 HEC A C2C 1 
HETATM 849  C  C3C . HEC B 2 .   ? -7.440  5.184   2.589   1.00 14.49 ? 108 HEC A C3C 1 
HETATM 850  C  C4C . HEC B 2 .   ? -6.496  5.159   1.503   1.00 13.29 ? 108 HEC A C4C 1 
HETATM 851  C  CMC . HEC B 2 .   ? -7.607  4.071   4.923   1.00 13.51 ? 108 HEC A CMC 1 
HETATM 852  C  CAC . HEC B 2 .   ? -8.850  5.906   2.574   1.00 13.78 ? 108 HEC A CAC 1 
HETATM 853  C  CBC . HEC B 2 .   ? -9.213  6.787   3.607   1.00 13.67 ? 108 HEC A CBC 1 
HETATM 854  N  ND  . HEC B 2 .   ? -4.458  5.202   -0.668  1.00 13.39 ? 108 HEC A ND  1 
HETATM 855  C  C1D . HEC B 2 .   ? -5.655  5.921   -0.650  1.00 12.37 ? 108 HEC A C1D 1 
HETATM 856  C  C2D . HEC B 2 .   ? -5.677  6.798   -1.824  1.00 13.42 ? 108 HEC A C2D 1 
HETATM 857  C  C3D . HEC B 2 .   ? -4.551  6.589   -2.508  1.00 12.88 ? 108 HEC A C3D 1 
HETATM 858  C  C4D . HEC B 2 .   ? -3.770  5.620   -1.790  1.00 11.54 ? 108 HEC A C4D 1 
HETATM 859  C  CMD . HEC B 2 .   ? -6.857  7.754   -2.135  1.00 11.46 ? 108 HEC A CMD 1 
HETATM 860  C  CAD . HEC B 2 .   ? -4.055  7.324   -3.783  1.00 12.45 ? 108 HEC A CAD 1 
HETATM 861  C  CBD . HEC B 2 .   ? -3.093  8.489   -3.386  1.00 12.22 ? 108 HEC A CBD 1 
HETATM 862  C  CGD . HEC B 2 .   ? -2.953  9.556   -4.456  1.00 12.80 ? 108 HEC A CGD 1 
HETATM 863  O  O1D . HEC B 2 .   ? -2.414  10.597  -3.970  1.00 13.86 ? 108 HEC A O1D 1 
HETATM 864  O  O2D . HEC B 2 .   ? -3.322  9.365   -5.639  1.00 14.03 ? 108 HEC A O2D 1 
HETATM 865  O  O   . HOH C 3 .   ? 3.588   16.380  -3.527  1.00 21.35 ? 109 HOH A O   1 
HETATM 866  O  O   . HOH C 3 .   ? 7.276   12.921  -3.089  1.00 21.86 ? 110 HOH A O   1 
HETATM 867  O  O   . HOH C 3 .   ? 10.503  13.141  -8.792  1.00 16.68 ? 111 HOH A O   1 
HETATM 868  O  O   . HOH C 3 .   ? 1.821   18.871  -12.948 1.00 23.77 ? 112 HOH A O   1 
HETATM 869  O  O   . HOH C 3 .   ? 0.087   8.235   -2.143  1.00 16.46 ? 113 HOH A O   1 
HETATM 870  O  O   . HOH C 3 .   ? -13.533 2.349   -1.052  1.00 15.87 ? 114 HOH A O   1 
HETATM 871  O  O   . HOH C 3 .   ? 1.757   2.032   -8.638  1.00 20.95 ? 115 HOH A O   1 
HETATM 872  O  O   . HOH C 3 .   ? -8.417  -1.008  -4.347  1.00 12.20 ? 116 HOH A O   1 
HETATM 873  O  O   . HOH C 3 .   ? 1.353   -7.309  -2.864  1.00 23.43 ? 117 HOH A O   1 
HETATM 874  O  O   . HOH C 3 .   ? -14.741 -0.714  -6.970  1.00 41.40 ? 118 HOH A O   1 
HETATM 875  O  O   . HOH C 3 .   ? -10.894 -1.849  -11.314 1.00 40.48 ? 119 HOH A O   1 
HETATM 876  O  O   . HOH C 3 .   ? -0.621  3.176   15.430  1.00 27.50 ? 120 HOH A O   1 
HETATM 877  O  O   . HOH C 3 .   ? -8.918  12.299  -0.982  1.00 32.42 ? 121 HOH A O   1 
HETATM 878  O  O   . HOH C 3 .   ? 8.243   -7.546  7.445   1.00 24.72 ? 122 HOH A O   1 
HETATM 879  O  O   . HOH C 3 .   ? 11.442  -2.494  -8.837  1.00 12.62 ? 123 HOH A O   1 
HETATM 880  O  O   . HOH C 3 .   ? -0.765  11.684  6.722   1.00 30.22 ? 124 HOH A O   1 
HETATM 881  O  O   . HOH C 3 .   ? 3.403   -2.408  20.545  1.00 31.27 ? 125 HOH A O   1 
HETATM 882  O  O   . HOH C 3 .   ? -1.551  16.479  -6.212  1.00 21.80 ? 126 HOH A O   1 
HETATM 883  O  O   . HOH C 3 .   ? 13.903  -1.751  1.390   1.00 27.93 ? 127 HOH A O   1 
HETATM 884  O  O   . HOH C 3 .   ? 2.300   12.467  -14.826 1.00 21.59 ? 128 HOH A O   1 
HETATM 885  O  O   . HOH C 3 .   ? 5.580   -10.944 14.497  1.00 37.36 ? 129 HOH A O   1 
HETATM 886  O  O   . HOH C 3 .   ? -3.565  9.033   -12.910 1.00 29.49 ? 130 HOH A O   1 
HETATM 887  O  O   . HOH C 3 .   ? -9.896  6.524   -9.454  1.00 21.74 ? 131 HOH A O   1 
HETATM 888  O  O   . HOH C 3 .   ? -7.847  -7.601  5.888   1.00 30.95 ? 132 HOH A O   1 
HETATM 889  O  O   . HOH C 3 .   ? -11.235 3.767   -8.324  1.00 35.82 ? 133 HOH A O   1 
HETATM 890  O  O   . HOH C 3 .   ? 4.336   -9.636  -5.633  1.00 27.30 ? 134 HOH A O   1 
HETATM 891  O  O   . HOH C 3 .   ? 1.350   -11.922 -11.321 1.00 41.40 ? 135 HOH A O   1 
HETATM 892  O  O   . HOH C 3 .   ? 2.494   17.946  -5.259  1.00 39.30 ? 136 HOH A O   1 
HETATM 893  O  O   . HOH C 3 .   ? -4.027  16.529  -8.481  1.00 22.38 ? 137 HOH A O   1 
HETATM 894  O  O   . HOH C 3 .   ? 8.660   12.239  -11.676 1.00 41.89 ? 138 HOH A O   1 
HETATM 895  O  O   . HOH C 3 .   ? 11.869  5.440   -4.299  1.00 26.14 ? 139 HOH A O   1 
HETATM 896  O  O   . HOH C 3 .   ? 0.796   -6.287  14.670  1.00 34.90 ? 140 HOH A O   1 
HETATM 897  O  O   . HOH C 3 .   ? -2.057  -7.242  14.324  1.00 35.13 ? 141 HOH A O   1 
HETATM 898  O  O   . HOH C 3 .   ? 12.265  -4.323  -0.783  1.00 35.49 ? 142 HOH A O   1 
HETATM 899  O  O   . HOH C 3 .   ? -3.312  5.094   -13.611 1.00 31.45 ? 143 HOH A O   1 
HETATM 900  O  O   . HOH C 3 .   ? -7.600  -8.459  3.403   1.00 25.60 ? 144 HOH A O   1 
HETATM 901  O  O   . HOH C 3 .   ? -7.004  -9.895  -9.467  1.00 53.33 ? 145 HOH A O   1 
HETATM 902  O  O   . HOH C 3 .   ? 6.372   12.395  10.092  1.00 44.75 ? 146 HOH A O   1 
HETATM 903  O  O   . HOH C 3 .   ? 6.649   9.756   6.195   1.00 35.50 ? 147 HOH A O   1 
HETATM 904  O  O   . HOH C 3 .   ? 11.744  -3.978  5.581   1.00 52.91 ? 148 HOH A O   1 
HETATM 905  O  O   . HOH C 3 .   ? 7.997   -10.163 16.185  1.00 62.48 ? 149 HOH A O   1 
HETATM 906  O  O   . HOH C 3 .   ? -6.790  -3.138  12.199  1.00 45.79 ? 150 HOH A O   1 
HETATM 907  O  O   . HOH C 3 .   ? -15.547 0.789   1.876   1.00 33.66 ? 151 HOH A O   1 
HETATM 908  O  O   . HOH C 3 .   ? -9.697  -7.198  -0.566  1.00 33.84 ? 152 HOH A O   1 
HETATM 909  O  O   . HOH C 3 .   ? 3.010   -4.943  -10.265 1.00 27.99 ? 153 HOH A O   1 
HETATM 910  O  O   . HOH C 3 .   ? 3.567   17.625  4.457   1.00 54.12 ? 154 HOH A O   1 
HETATM 911  O  O   . HOH C 3 .   ? -1.992  7.325   13.706  1.00 45.25 ? 155 HOH A O   1 
HETATM 912  O  O   . HOH C 3 .   ? -5.230  15.840  -0.680  1.00 41.02 ? 156 HOH A O   1 
HETATM 913  O  O   . HOH C 3 .   ? 10.638  -6.980  9.005   1.00 39.03 ? 157 HOH A O   1 
HETATM 914  O  O   . HOH C 3 .   ? -3.768  14.109  -11.574 1.00 42.98 ? 158 HOH A O   1 
HETATM 915  O  O   . HOH C 3 .   ? -7.575  -5.581  13.375  1.00 43.00 ? 159 HOH A O   1 
HETATM 916  O  O   . HOH C 3 .   ? 13.954  2.386   -9.684  1.00 39.99 ? 160 HOH A O   1 
HETATM 917  O  O   . HOH C 3 .   ? 3.732   7.205   -12.356 1.00 33.04 ? 161 HOH A O   1 
HETATM 918  O  O   . HOH C 3 .   ? 8.100   -13.431 -1.646  1.00 47.62 ? 162 HOH A O   1 
HETATM 919  O  O   . HOH C 3 .   ? -6.416  -12.542 2.992   1.00 36.60 ? 163 HOH A O   1 
HETATM 920  O  O   . HOH C 3 .   ? 3.475   -6.626  -12.022 1.00 34.51 ? 164 HOH A O   1 
HETATM 921  O  O   . HOH C 3 .   ? -4.940  -7.117  -9.045  1.00 44.87 ? 165 HOH A O   1 
HETATM 922  O  O   . HOH C 3 .   ? 3.774   -0.690  22.216  1.00 35.60 ? 166 HOH A O   1 
HETATM 923  O  O   . HOH C 3 .   ? -9.087  15.225  -1.197  1.00 55.42 ? 167 HOH A O   1 
HETATM 924  O  O   . HOH C 3 .   ? 14.770  1.821   -0.970  1.00 32.86 ? 168 HOH A O   1 
HETATM 925  O  O   . HOH C 3 .   ? -3.897  -4.963  14.711  1.00 38.72 ? 169 HOH A O   1 
HETATM 926  O  O   . HOH C 3 .   ? 3.036   -10.127 15.356  1.00 52.20 ? 170 HOH A O   1 
HETATM 927  O  O   . HOH C 3 .   ? -9.754  8.439   -7.406  1.00 40.12 ? 171 HOH A O   1 
HETATM 928  O  O   . HOH C 3 .   ? 4.885   -12.815 3.654   1.00 41.54 ? 172 HOH A O   1 
HETATM 929  O  O   . HOH C 3 .   ? 1.817   -0.960  -11.772 1.00 42.55 ? 173 HOH A O   1 
HETATM 930  O  O   . HOH C 3 .   ? -2.421  14.169  3.099   1.00 50.85 ? 174 HOH A O   1 
HETATM 931  O  O   . HOH C 3 .   ? -9.821  -5.002  14.797  1.00 60.20 ? 175 HOH A O   1 
HETATM 932  O  O   . HOH C 3 .   ? 7.121   9.604   -11.667 1.00 44.53 ? 176 HOH A O   1 
HETATM 933  O  O   . HOH C 3 .   ? -8.012  -11.886 0.219   1.00 65.71 ? 177 HOH A O   1 
HETATM 934  O  O   . HOH C 3 .   ? -0.913  10.421  14.055  1.00 46.29 ? 178 HOH A O   1 
HETATM 935  O  O   . HOH C 3 .   ? 0.007   17.824  2.409   1.00 61.82 ? 179 HOH A O   1 
HETATM 936  O  O   . HOH C 3 .   ? -2.834  17.080  -4.074  1.00 49.11 ? 180 HOH A O   1 
HETATM 937  O  O   . HOH C 3 .   ? -6.167  8.271   9.577   1.00 37.37 ? 182 HOH A O   1 
HETATM 938  O  O   . HOH C 3 .   ? -5.294  6.548   11.087  1.00 64.24 ? 183 HOH A O   1 
HETATM 939  O  O   . HOH C 3 .   ? 12.749  8.138   -1.573  1.00 55.40 ? 184 HOH A O   1 
HETATM 940  O  O   . HOH C 3 .   ? -10.400 -1.077  14.899  1.00 67.50 ? 185 HOH A O   1 
HETATM 941  O  O   . HOH C 3 .   ? 13.357  -5.123  10.328  1.00 64.60 ? 186 HOH A O   1 
HETATM 942  O  O   . HOH C 3 .   ? 4.993   -9.555  18.719  1.00 57.66 ? 187 HOH A O   1 
HETATM 943  O  O   . HOH C 3 .   ? 15.015  -3.101  3.829   1.00 68.68 ? 188 HOH A O   1 
HETATM 944  O  O   . HOH C 3 .   ? -10.139 11.048  -3.423  1.00 44.93 ? 189 HOH A O   1 
HETATM 945  O  O   . HOH C 3 .   ? -6.331  13.220  -9.387  1.00 46.08 ? 190 HOH A O   1 
HETATM 946  O  O   . HOH C 3 .   ? -2.225  12.553  4.906   1.00 65.48 ? 191 HOH A O   1 
HETATM 947  O  O   . HOH C 3 .   ? 15.684  -2.337  -1.715  1.00 52.92 ? 192 HOH A O   1 
HETATM 948  O  O   . HOH C 3 .   ? 11.832  5.379   -8.824  1.00 35.48 ? 193 HOH A O   1 
HETATM 949  O  O   . HOH C 3 .   ? -9.668  8.732   -4.266  1.00 38.69 ? 194 HOH A O   1 
HETATM 950  O  O   . HOH C 3 .   ? -2.445  -9.123  16.238  1.00 69.87 ? 195 HOH A O   1 
HETATM 951  O  O   . HOH C 3 .   ? 9.213   5.948   -10.377 1.00 42.19 ? 196 HOH A O   1 
HETATM 952  O  O   . HOH C 3 .   ? 10.996  7.019   -11.800 1.00 62.33 ? 197 HOH A O   1 
HETATM 953  O  O   . HOH C 3 .   ? 6.951   6.628   -10.488 1.00 53.11 ? 198 HOH A O   1 
HETATM 954  O  O   . HOH C 3 .   ? -3.770  12.683  -14.379 1.00 72.82 ? 199 HOH A O   1 
HETATM 955  O  O   . HOH C 3 .   ? -13.024 -2.810  6.816   1.00 51.43 ? 200 HOH A O   1 
HETATM 956  O  O   . HOH C 3 .   ? 5.723   5.645   -13.262 1.00 60.26 ? 201 HOH A O   1 
HETATM 957  O  O   . HOH C 3 .   ? 5.192   -14.084 15.654  1.00 74.15 ? 202 HOH A O   1 
HETATM 958  O  O   . HOH C 3 .   ? 8.545   -9.459  5.017   1.00 64.89 ? 203 HOH A O   1 
HETATM 959  O  O   . HOH C 3 .   ? 1.701   6.620   -14.660 1.00 58.88 ? 204 HOH A O   1 
HETATM 960  O  O   . HOH C 3 .   ? 3.893   5.983   -15.869 1.00 48.00 ? 205 HOH A O   1 
HETATM 961  O  O   . HOH C 3 .   ? -5.494  -12.460 10.893  1.00 46.30 ? 206 HOH A O   1 
HETATM 962  O  O   . HOH C 3 .   ? 1.305   -16.295 9.080   1.00 56.39 ? 207 HOH A O   1 
HETATM 963  O  O   . HOH C 3 .   ? 4.665   -14.847 8.191   1.00 67.18 ? 208 HOH A O   1 
HETATM 964  O  O   . HOH C 3 .   ? -2.721  -13.824 5.186   1.00 65.70 ? 209 HOH A O   1 
HETATM 965  O  O   . HOH C 3 .   ? -4.670  -14.533 3.598   1.00 48.87 ? 210 HOH A O   1 
HETATM 966  O  O   . HOH C 3 .   ? -1.985  -5.711  -9.971  1.00 43.67 ? 211 HOH A O   1 
HETATM 967  O  O   . HOH C 3 .   ? 3.582   -9.243  -12.609 1.00 47.83 ? 212 HOH A O   1 
HETATM 968  O  O   . HOH C 3 .   ? 5.963   -18.625 -5.418  1.00 51.65 ? 213 HOH A O   1 
HETATM 969  O  O   . HOH C 3 .   ? -6.664  -15.424 -8.472  1.00 53.52 ? 214 HOH A O   1 
HETATM 970  O  O   . HOH C 3 .   ? 5.610   17.047  6.761   1.00 43.81 ? 215 HOH A O   1 
HETATM 971  O  O   . HOH C 3 .   ? -1.419  12.968  13.756  1.00 57.18 ? 216 HOH A O   1 
HETATM 972  O  O   . HOH C 3 .   ? 7.071   17.160  4.114   1.00 56.99 ? 217 HOH A O   1 
HETATM 973  O  O   . HOH C 3 .   ? 6.622   -12.902 17.771  1.00 57.25 ? 218 HOH A O   1 
HETATM 974  O  O   . HOH C 3 .   ? 6.826   10.093  10.082  1.00 66.24 ? 219 HOH A O   1 
HETATM 975  O  O   . HOH C 3 .   ? 1.717   11.120  11.340  1.00 59.10 ? 220 HOH A O   1 
HETATM 976  O  O   . HOH C 3 .   ? 11.751  0.664   19.838  1.00 63.40 ? 221 HOH A O   1 
HETATM 977  O  O   . HOH C 3 .   ? -3.155  17.840  2.582   1.00 72.59 ? 222 HOH A O   1 
HETATM 978  O  O   . HOH C 3 .   ? -1.851  19.629  0.840   1.00 56.70 ? 223 HOH A O   1 
HETATM 979  O  O   . HOH C 3 .   ? 11.603  9.303   4.750   1.00 59.48 ? 224 HOH A O   1 
HETATM 980  O  O   . HOH C 3 .   ? 0.468   0.294   18.930  1.00 52.46 ? 225 HOH A O   1 
HETATM 981  O  O   . HOH C 3 .   ? -6.471  8.344   12.962  1.00 67.60 ? 226 HOH A O   1 
HETATM 982  O  O   . HOH C 3 .   ? -3.084  18.813  -1.678  1.00 73.77 ? 227 HOH A O   1 
HETATM 983  O  O   . HOH C 3 .   ? -0.793  1.877   17.472  1.00 62.28 ? 228 HOH A O   1 
HETATM 984  O  O   . HOH C 3 .   ? 13.535  3.692   5.544   1.00 56.21 ? 229 HOH A O   1 
HETATM 985  O  O   . HOH C 3 .   ? -4.686  15.470  -3.683  1.00 54.59 ? 230 HOH A O   1 
HETATM 986  O  O   . HOH C 3 .   ? 14.826  5.928   -0.613  1.00 56.44 ? 231 HOH A O   1 
HETATM 987  O  O   . HOH C 3 .   ? 12.012  10.598  -5.840  1.00 59.65 ? 232 HOH A O   1 
HETATM 988  O  O   . HOH C 3 .   ? 13.580  0.500   5.941   1.00 65.01 ? 233 HOH A O   1 
HETATM 989  O  O   . HOH C 3 .   ? -7.414  8.960   1.637   1.00 69.17 ? 234 HOH A O   1 
HETATM 990  O  O   . HOH C 3 .   ? -8.431  3.020   8.762   1.00 58.14 ? 235 HOH A O   1 
HETATM 991  O  O   . HOH C 3 .   ? 16.898  -0.172  5.199   1.00 67.67 ? 236 HOH A O   1 
HETATM 992  O  O   . HOH C 3 .   ? 13.949  3.324   -3.610  1.00 68.08 ? 237 HOH A O   1 
HETATM 993  O  O   . HOH C 3 .   ? -5.865  12.325  -11.906 1.00 65.82 ? 238 HOH A O   1 
HETATM 994  O  O   . HOH C 3 .   ? 12.078  -8.936  4.904   1.00 63.96 ? 239 HOH A O   1 
HETATM 995  O  O   . HOH C 3 .   ? 0.203   9.780   -18.618 1.00 68.73 ? 240 HOH A O   1 
HETATM 996  O  O   . HOH C 3 .   ? -3.703  -13.163 13.937  1.00 62.79 ? 241 HOH A O   1 
HETATM 997  O  O   . HOH C 3 .   ? 2.924   -16.570 12.416  1.00 65.79 ? 242 HOH A O   1 
HETATM 998  O  O   . HOH C 3 .   ? -5.966  7.140   -15.167 1.00 52.40 ? 243 HOH A O   1 
HETATM 999  O  O   . HOH C 3 .   ? -13.055 -5.779  -1.394  1.00 44.82 ? 244 HOH A O   1 
HETATM 1000 O  O   . HOH C 3 .   ? -9.927  -0.475  -13.186 1.00 80.60 ? 245 HOH A O   1 
HETATM 1001 O  O   . HOH C 3 .   ? -8.328  -2.972  -10.593 1.00 60.68 ? 246 HOH A O   1 
HETATM 1002 O  O   . HOH C 3 .   ? -9.968  -9.011  -3.676  1.00 51.81 ? 247 HOH A O   1 
HETATM 1003 O  O   . HOH C 3 .   ? -5.413  -4.105  -11.359 1.00 81.56 ? 248 HOH A O   1 
HETATM 1004 O  O   . HOH C 3 .   ? 0.422   -17.084 0.999   1.00 55.45 ? 249 HOH A O   1 
HETATM 1005 O  O   . HOH C 3 .   ? -5.015  -4.133  -15.537 1.00 75.92 ? 250 HOH A O   1 
HETATM 1006 O  O   . HOH C 3 .   ? -4.725  -17.683 -6.582  1.00 51.37 ? 251 HOH A O   1 
HETATM 1007 O  O   . HOH C 3 .   ? -9.473  -13.831 -10.359 1.00 53.44 ? 252 HOH A O   1 
HETATM 1008 O  O   . HOH C 3 .   ? 0.232   -17.554 -8.946  1.00 71.65 ? 253 HOH A O   1 
HETATM 1009 O  O   . HOH C 3 .   ? 8.360   13.253  12.515  1.00 70.02 ? 254 HOH A O   1 
# 
